data_8Q3O
#
_entry.id   8Q3O
#
_cell.length_a   1.00
_cell.length_b   1.00
_cell.length_c   1.00
_cell.angle_alpha   90.00
_cell.angle_beta   90.00
_cell.angle_gamma   90.00
#
_symmetry.space_group_name_H-M   'P 1'
#
loop_
_entity.id
_entity.type
_entity.pdbx_description
1 polymer 'Transcription termination factor Rho'
2 non-polymer "guanosine 5'-(tetrahydrogen triphosphate) 3'-(trihydrogen diphosphate)"
3 non-polymer 'MAGNESIUM ION'
#
_entity_poly.entity_id   1
_entity_poly.type   'polypeptide(L)'
_entity_poly.pdbx_seq_one_letter_code
;MNLTELKNTPVSELITLGENMGLENLARMRKQDIIFAILKQHAKSGEDIFGDGVLEILQDGFGFLRSADSSYLAGPDDIY
VSPSQIRRFNLRTGDTISGKIRPPKEGERYFALLKVNEVNFDKPENARNKILFENLTPLHANSRLRMERGNGSTEDLTAR
VLDLASPIGRGQRGLIVAPPKAGKTMLLQNIAQSIAYNHPDCVLMVLLIDERPEEVTEMQRLVKGEVVASTFDEPASRHV
QVAEMVIEKAKRLVEHKKDVIILLDSITRLARAYNTVVPASGKVLTGGVDANALHRPKRFFGAARNVEEGGSLTIIATAL
IDTGSKMDEVIYEEFKGTGNMELHLSRKIAEKRVFPAIDYNRSGTRKEELLTTQEELQKMWILRKIIHPMGEIDAMEFLI
NKLAMTKTNDDFFEMMKRS
;
_entity_poly.pdbx_strand_id   A,B,C,D,E,F
#
# COMPACT_ATOMS: atom_id res chain seq x y z
N MET A 1 12.13 -27.08 -66.12
CA MET A 1 11.28 -27.77 -65.16
C MET A 1 11.65 -27.35 -63.74
N ASN A 2 10.63 -27.03 -62.94
CA ASN A 2 10.83 -26.42 -61.63
C ASN A 2 11.30 -27.46 -60.61
N LEU A 3 12.13 -27.00 -59.67
CA LEU A 3 12.74 -27.91 -58.70
C LEU A 3 11.76 -28.33 -57.61
N THR A 4 10.84 -27.43 -57.24
CA THR A 4 9.85 -27.80 -56.23
C THR A 4 8.90 -28.89 -56.72
N GLU A 5 8.83 -29.11 -58.04
CA GLU A 5 8.09 -30.27 -58.54
C GLU A 5 8.76 -31.57 -58.11
N LEU A 6 10.08 -31.62 -58.12
CA LEU A 6 10.76 -32.81 -57.64
C LEU A 6 10.78 -32.88 -56.11
N LYS A 7 10.79 -31.73 -55.43
CA LYS A 7 10.75 -31.79 -53.96
C LYS A 7 9.46 -32.43 -53.45
N ASN A 8 8.31 -32.09 -54.04
CA ASN A 8 7.06 -32.57 -53.50
C ASN A 8 6.68 -33.97 -53.98
N THR A 9 7.49 -34.58 -54.83
CA THR A 9 7.19 -35.92 -55.31
C THR A 9 7.35 -36.94 -54.18
N PRO A 10 6.51 -37.98 -54.15
CA PRO A 10 6.66 -39.00 -53.11
C PRO A 10 7.88 -39.88 -53.29
N VAL A 11 8.05 -40.88 -52.43
CA VAL A 11 9.20 -41.77 -52.51
C VAL A 11 9.14 -42.60 -53.79
N SER A 12 7.96 -43.13 -54.12
CA SER A 12 7.83 -43.91 -55.35
C SER A 12 8.13 -43.06 -56.57
N GLU A 13 7.64 -41.82 -56.60
CA GLU A 13 7.93 -40.95 -57.74
C GLU A 13 9.42 -40.66 -57.85
N LEU A 14 10.08 -40.39 -56.72
CA LEU A 14 11.51 -40.08 -56.78
C LEU A 14 12.32 -41.28 -57.24
N ILE A 15 11.99 -42.49 -56.74
CA ILE A 15 12.75 -43.66 -57.15
C ILE A 15 12.50 -43.99 -58.62
N THR A 16 11.26 -43.84 -59.09
CA THR A 16 10.97 -44.08 -60.49
C THR A 16 11.68 -43.08 -61.38
N LEU A 17 11.73 -41.81 -60.97
CA LEU A 17 12.47 -40.81 -61.73
C LEU A 17 13.95 -41.12 -61.76
N GLY A 18 14.51 -41.57 -60.63
CA GLY A 18 15.91 -41.97 -60.62
C GLY A 18 16.20 -43.13 -61.55
N GLU A 19 15.30 -44.13 -61.57
CA GLU A 19 15.51 -45.28 -62.44
C GLU A 19 15.41 -44.88 -63.91
N ASN A 20 14.36 -44.15 -64.29
CA ASN A 20 14.17 -43.83 -65.70
C ASN A 20 15.19 -42.83 -66.20
N MET A 21 15.67 -41.93 -65.33
CA MET A 21 16.66 -40.95 -65.76
C MET A 21 18.01 -41.61 -65.99
N GLY A 22 18.34 -42.62 -65.19
CA GLY A 22 19.60 -43.33 -65.36
C GLY A 22 20.73 -42.86 -64.48
N LEU A 23 20.51 -42.86 -63.16
CA LEU A 23 21.52 -42.38 -62.23
C LEU A 23 22.79 -43.23 -62.31
N GLU A 24 23.93 -42.58 -62.06
CA GLU A 24 25.20 -43.30 -62.02
C GLU A 24 25.24 -44.30 -60.86
N ASN A 25 24.69 -43.91 -59.71
CA ASN A 25 24.66 -44.77 -58.53
C ASN A 25 23.35 -45.55 -58.40
N LEU A 26 22.22 -44.89 -58.60
CA LEU A 26 20.90 -45.51 -58.54
C LEU A 26 20.59 -46.08 -57.16
N ALA A 27 21.40 -45.74 -56.17
CA ALA A 27 21.21 -46.19 -54.80
C ALA A 27 21.38 -45.00 -53.86
N ARG A 28 20.30 -44.61 -53.20
CA ARG A 28 20.32 -43.45 -52.32
C ARG A 28 19.13 -43.54 -51.37
N MET A 29 19.16 -42.68 -50.35
CA MET A 29 18.06 -42.56 -49.40
C MET A 29 17.56 -41.14 -49.21
N ARG A 30 18.34 -40.12 -49.55
CA ARG A 30 17.90 -38.73 -49.47
C ARG A 30 17.47 -38.23 -50.84
N LYS A 31 16.30 -37.62 -50.90
CA LYS A 31 15.82 -37.07 -52.17
C LYS A 31 16.67 -35.90 -52.63
N GLN A 32 17.28 -35.16 -51.69
CA GLN A 32 18.07 -33.99 -52.06
C GLN A 32 19.26 -34.38 -52.94
N ASP A 33 19.96 -35.45 -52.59
CA ASP A 33 21.10 -35.88 -53.39
C ASP A 33 20.67 -36.28 -54.80
N ILE A 34 19.58 -37.03 -54.91
CA ILE A 34 19.15 -37.50 -56.23
C ILE A 34 18.66 -36.34 -57.08
N ILE A 35 17.97 -35.37 -56.48
CA ILE A 35 17.50 -34.23 -57.28
C ILE A 35 18.66 -33.33 -57.68
N PHE A 36 19.67 -33.19 -56.82
CA PHE A 36 20.85 -32.44 -57.20
C PHE A 36 21.59 -33.13 -58.35
N ALA A 37 21.73 -34.45 -58.28
CA ALA A 37 22.37 -35.19 -59.36
C ALA A 37 21.58 -35.06 -60.65
N ILE A 38 20.25 -35.15 -60.57
CA ILE A 38 19.41 -35.04 -61.76
C ILE A 38 19.51 -33.64 -62.35
N LEU A 39 19.59 -32.63 -61.48
CA LEU A 39 19.81 -31.26 -61.96
C LEU A 39 21.14 -31.15 -62.71
N LYS A 40 22.20 -31.73 -62.15
CA LYS A 40 23.50 -31.69 -62.80
C LYS A 40 23.45 -32.39 -64.17
N GLN A 41 22.82 -33.56 -64.22
CA GLN A 41 22.77 -34.31 -65.47
C GLN A 41 21.87 -33.63 -66.50
N HIS A 42 20.82 -32.94 -66.06
CA HIS A 42 19.98 -32.20 -66.99
C HIS A 42 20.70 -30.97 -67.52
N ALA A 43 21.50 -30.31 -66.67
CA ALA A 43 22.34 -29.22 -67.15
C ALA A 43 23.35 -29.72 -68.16
N LYS A 44 23.94 -30.89 -67.92
CA LYS A 44 24.86 -31.48 -68.89
C LYS A 44 24.15 -31.82 -70.19
N SER A 45 22.92 -32.34 -70.09
CA SER A 45 22.16 -32.74 -71.26
C SER A 45 21.50 -31.57 -71.99
N GLY A 46 21.59 -30.36 -71.45
CA GLY A 46 21.02 -29.19 -72.07
C GLY A 46 19.59 -28.87 -71.66
N GLU A 47 18.94 -29.75 -70.89
CA GLU A 47 17.60 -29.49 -70.41
C GLU A 47 17.66 -28.56 -69.19
N ASP A 48 17.10 -27.37 -69.31
CA ASP A 48 17.13 -26.42 -68.21
C ASP A 48 16.16 -26.84 -67.11
N ILE A 49 16.64 -26.74 -65.87
CA ILE A 49 15.84 -27.03 -64.69
C ILE A 49 15.52 -25.70 -64.01
N PHE A 50 14.28 -25.55 -63.57
CA PHE A 50 13.78 -24.29 -63.03
C PHE A 50 13.64 -24.39 -61.51
N GLY A 51 13.27 -23.27 -60.89
CA GLY A 51 13.04 -23.19 -59.47
C GLY A 51 12.38 -21.89 -59.06
N ASP A 52 11.63 -21.92 -57.97
CA ASP A 52 10.94 -20.75 -57.46
C ASP A 52 11.09 -20.67 -55.94
N GLY A 53 11.10 -19.44 -55.43
CA GLY A 53 11.26 -19.26 -53.99
C GLY A 53 11.12 -17.80 -53.60
N VAL A 54 11.04 -17.59 -52.30
CA VAL A 54 10.92 -16.25 -51.72
C VAL A 54 12.32 -15.73 -51.42
N LEU A 55 12.60 -14.50 -51.85
CA LEU A 55 13.94 -13.95 -51.74
C LEU A 55 14.28 -13.58 -50.30
N GLU A 56 15.53 -13.83 -49.92
CA GLU A 56 16.10 -13.37 -48.67
C GLU A 56 17.38 -12.63 -48.98
N ILE A 57 17.60 -11.49 -48.32
CA ILE A 57 18.80 -10.70 -48.50
C ILE A 57 19.65 -10.83 -47.26
N LEU A 58 20.88 -11.33 -47.43
CA LEU A 58 21.82 -11.49 -46.34
C LEU A 58 22.61 -10.18 -46.15
N GLN A 59 23.49 -10.18 -45.14
CA GLN A 59 24.29 -8.99 -44.88
C GLN A 59 25.24 -8.71 -46.04
N ASP A 60 25.86 -9.74 -46.59
CA ASP A 60 26.79 -9.56 -47.71
C ASP A 60 26.10 -8.99 -48.94
N GLY A 61 24.92 -9.53 -49.28
CA GLY A 61 24.14 -8.92 -50.33
C GLY A 61 23.54 -9.83 -51.38
N PHE A 62 24.03 -11.06 -51.54
CA PHE A 62 23.48 -11.91 -52.58
C PHE A 62 22.14 -12.49 -52.14
N GLY A 63 21.31 -12.82 -53.12
CA GLY A 63 19.97 -13.28 -52.83
C GLY A 63 19.92 -14.77 -52.56
N PHE A 64 19.01 -15.15 -51.67
CA PHE A 64 18.83 -16.55 -51.28
C PHE A 64 17.33 -16.86 -51.39
N LEU A 65 16.94 -17.53 -52.46
CA LEU A 65 15.55 -17.93 -52.66
C LEU A 65 15.27 -19.11 -51.75
N ARG A 66 14.75 -18.81 -50.56
CA ARG A 66 14.31 -19.85 -49.65
C ARG A 66 12.91 -20.32 -50.04
N SER A 67 12.39 -21.30 -49.31
CA SER A 67 11.09 -21.85 -49.60
C SER A 67 10.28 -22.01 -48.32
N ALA A 68 8.97 -21.94 -48.46
CA ALA A 68 8.07 -21.98 -47.31
C ALA A 68 7.71 -23.38 -46.86
N ASP A 69 8.07 -24.41 -47.63
CA ASP A 69 7.78 -25.78 -47.21
C ASP A 69 8.53 -26.12 -45.92
N SER A 70 9.78 -25.68 -45.82
CA SER A 70 10.56 -25.80 -44.61
C SER A 70 10.30 -24.64 -43.64
N SER A 71 9.20 -23.90 -43.84
CA SER A 71 8.87 -22.73 -43.04
C SER A 71 10.01 -21.71 -43.06
N TYR A 72 10.55 -21.46 -44.25
CA TYR A 72 11.62 -20.49 -44.47
C TYR A 72 12.84 -20.79 -43.60
N LEU A 73 13.23 -22.07 -43.59
CA LEU A 73 14.44 -22.50 -42.89
C LEU A 73 15.58 -22.60 -43.89
N ALA A 74 16.71 -21.98 -43.55
CA ALA A 74 17.86 -22.00 -44.45
C ALA A 74 18.38 -23.41 -44.62
N GLY A 75 18.80 -23.73 -45.83
CA GLY A 75 19.31 -25.05 -46.14
C GLY A 75 20.01 -25.10 -47.49
N PRO A 76 20.64 -26.24 -47.79
CA PRO A 76 21.34 -26.38 -49.07
C PRO A 76 20.41 -26.30 -50.28
N ASP A 77 19.12 -26.57 -50.11
CA ASP A 77 18.20 -26.58 -51.23
C ASP A 77 17.78 -25.20 -51.69
N ASP A 78 18.01 -24.17 -50.86
CA ASP A 78 17.61 -22.82 -51.23
C ASP A 78 18.40 -22.34 -52.45
N ILE A 79 17.69 -21.74 -53.40
CA ILE A 79 18.33 -21.32 -54.65
C ILE A 79 19.24 -20.12 -54.38
N TYR A 80 20.37 -20.07 -55.07
CA TYR A 80 21.28 -18.93 -54.95
C TYR A 80 21.01 -17.92 -56.06
N VAL A 81 21.25 -16.64 -55.75
CA VAL A 81 21.08 -15.55 -56.69
C VAL A 81 22.23 -14.56 -56.48
N SER A 82 22.86 -14.13 -57.57
CA SER A 82 23.93 -13.16 -57.46
C SER A 82 23.36 -11.77 -57.17
N PRO A 83 24.11 -10.93 -56.44
CA PRO A 83 23.64 -9.56 -56.21
C PRO A 83 23.55 -8.73 -57.48
N SER A 84 24.22 -9.14 -58.55
CA SER A 84 24.13 -8.41 -59.81
C SER A 84 22.70 -8.39 -60.33
N GLN A 85 22.00 -9.52 -60.22
CA GLN A 85 20.59 -9.56 -60.61
C GLN A 85 19.75 -8.62 -59.75
N ILE A 86 20.11 -8.48 -58.48
CA ILE A 86 19.44 -7.50 -57.62
C ILE A 86 19.68 -6.10 -58.15
N ARG A 87 20.92 -5.81 -58.58
CA ARG A 87 21.23 -4.48 -59.10
C ARG A 87 20.45 -4.17 -60.36
N ARG A 88 20.51 -5.06 -61.35
CA ARG A 88 19.86 -4.77 -62.64
C ARG A 88 18.35 -4.92 -62.54
N PHE A 89 17.88 -5.95 -61.84
CA PHE A 89 16.45 -6.18 -61.64
C PHE A 89 16.12 -5.84 -60.19
N ASN A 90 15.32 -4.81 -59.99
CA ASN A 90 14.94 -4.37 -58.65
C ASN A 90 14.28 -5.51 -57.89
N LEU A 91 14.69 -5.69 -56.64
CA LEU A 91 14.16 -6.75 -55.80
C LEU A 91 14.39 -6.40 -54.34
N ARG A 92 13.61 -7.05 -53.48
CA ARG A 92 13.73 -6.85 -52.04
C ARG A 92 13.18 -8.08 -51.36
N THR A 93 13.45 -8.17 -50.05
CA THR A 93 13.06 -9.35 -49.29
C THR A 93 11.55 -9.57 -49.36
N GLY A 94 11.16 -10.83 -49.56
CA GLY A 94 9.77 -11.20 -49.66
C GLY A 94 9.26 -11.42 -51.06
N ASP A 95 10.00 -10.98 -52.08
CA ASP A 95 9.58 -11.19 -53.45
C ASP A 95 9.65 -12.66 -53.81
N THR A 96 8.64 -13.13 -54.55
CA THR A 96 8.62 -14.50 -55.05
C THR A 96 9.20 -14.51 -56.46
N ILE A 97 10.28 -15.26 -56.65
CA ILE A 97 11.02 -15.28 -57.89
C ILE A 97 11.03 -16.70 -58.44
N SER A 98 10.69 -16.84 -59.73
CA SER A 98 10.70 -18.13 -60.41
C SER A 98 11.49 -17.99 -61.70
N GLY A 99 12.31 -19.00 -61.99
CA GLY A 99 13.12 -19.00 -63.19
C GLY A 99 14.06 -20.16 -63.22
N LYS A 100 14.72 -20.33 -64.36
CA LYS A 100 15.67 -21.42 -64.52
C LYS A 100 16.90 -21.19 -63.64
N ILE A 101 17.43 -22.29 -63.10
CA ILE A 101 18.51 -22.26 -62.14
C ILE A 101 19.70 -23.04 -62.68
N ARG A 102 20.90 -22.51 -62.47
CA ARG A 102 22.13 -23.15 -62.93
C ARG A 102 22.55 -24.26 -61.98
N PRO A 103 23.39 -25.19 -62.44
CA PRO A 103 24.02 -26.12 -61.52
C PRO A 103 24.93 -25.39 -60.56
N PRO A 104 25.14 -25.93 -59.36
CA PRO A 104 25.91 -25.21 -58.35
C PRO A 104 27.33 -24.93 -58.82
N LYS A 105 27.73 -23.66 -58.72
CA LYS A 105 29.08 -23.26 -59.09
C LYS A 105 30.09 -23.82 -58.10
N GLU A 106 31.29 -24.10 -58.60
CA GLU A 106 32.37 -24.63 -57.77
C GLU A 106 32.74 -23.62 -56.69
N GLY A 107 32.38 -23.93 -55.44
CA GLY A 107 32.59 -23.00 -54.34
C GLY A 107 31.33 -22.80 -53.53
N GLU A 108 30.18 -23.16 -54.11
CA GLU A 108 28.91 -23.06 -53.44
C GLU A 108 28.13 -24.36 -53.64
N ARG A 109 27.30 -24.69 -52.64
CA ARG A 109 26.47 -25.88 -52.71
C ARG A 109 25.08 -25.60 -53.26
N TYR A 110 24.63 -24.35 -53.22
CA TYR A 110 23.31 -23.98 -53.70
C TYR A 110 23.34 -23.81 -55.22
N PHE A 111 22.15 -23.89 -55.82
CA PHE A 111 22.01 -23.77 -57.26
C PHE A 111 21.75 -22.32 -57.62
N ALA A 112 22.66 -21.73 -58.40
CA ALA A 112 22.46 -20.37 -58.87
C ALA A 112 21.34 -20.33 -59.90
N LEU A 113 20.79 -19.14 -60.12
CA LEU A 113 19.65 -18.96 -61.02
C LEU A 113 20.12 -18.53 -62.40
N LEU A 114 19.67 -19.25 -63.44
CA LEU A 114 20.07 -18.92 -64.79
C LEU A 114 19.51 -17.57 -65.23
N LYS A 115 18.20 -17.37 -65.06
CA LYS A 115 17.54 -16.16 -65.52
C LYS A 115 16.18 -16.05 -64.84
N VAL A 116 15.89 -14.86 -64.32
CA VAL A 116 14.62 -14.61 -63.65
C VAL A 116 13.57 -14.28 -64.69
N ASN A 117 12.43 -14.97 -64.62
CA ASN A 117 11.32 -14.73 -65.54
C ASN A 117 9.99 -14.47 -64.85
N GLU A 118 9.84 -14.80 -63.57
CA GLU A 118 8.59 -14.56 -62.86
C GLU A 118 8.90 -13.84 -61.55
N VAL A 119 8.26 -12.69 -61.35
CA VAL A 119 8.47 -11.86 -60.17
C VAL A 119 7.10 -11.54 -59.58
N ASN A 120 6.77 -12.19 -58.46
CA ASN A 120 5.55 -11.91 -57.72
C ASN A 120 4.31 -11.99 -58.61
N PHE A 121 4.20 -13.10 -59.35
CA PHE A 121 3.10 -13.32 -60.27
C PHE A 121 3.02 -12.22 -61.33
N ASP A 122 4.16 -11.64 -61.68
CA ASP A 122 4.21 -10.53 -62.63
C ASP A 122 5.57 -10.55 -63.33
N LYS A 123 5.62 -9.87 -64.48
CA LYS A 123 6.85 -9.80 -65.23
C LYS A 123 7.89 -8.95 -64.51
N PRO A 124 9.17 -9.28 -64.64
CA PRO A 124 10.21 -8.48 -63.98
C PRO A 124 10.21 -7.02 -64.42
N GLU A 125 9.90 -6.75 -65.68
CA GLU A 125 9.84 -5.37 -66.17
C GLU A 125 8.48 -4.73 -65.92
N ASN A 126 7.41 -5.52 -65.89
CA ASN A 126 6.09 -4.97 -65.63
C ASN A 126 5.89 -4.62 -64.16
N ALA A 127 6.50 -5.38 -63.25
CA ALA A 127 6.34 -5.17 -61.82
C ALA A 127 7.39 -4.23 -61.25
N ARG A 128 8.29 -3.69 -62.07
CA ARG A 128 9.35 -2.82 -61.59
C ARG A 128 8.96 -1.35 -61.59
N ASN A 129 7.72 -1.03 -61.92
CA ASN A 129 7.22 0.34 -61.86
C ASN A 129 6.36 0.60 -60.63
N LYS A 130 6.27 -0.37 -59.72
CA LYS A 130 5.41 -0.22 -58.56
C LYS A 130 6.04 0.74 -57.54
N ILE A 131 5.17 1.34 -56.73
CA ILE A 131 5.59 2.25 -55.68
C ILE A 131 5.89 1.46 -54.42
N LEU A 132 6.78 2.00 -53.58
CA LEU A 132 7.15 1.33 -52.35
C LEU A 132 5.98 1.26 -51.38
N PHE A 133 6.03 0.26 -50.49
CA PHE A 133 4.94 0.07 -49.54
C PHE A 133 4.84 1.24 -48.58
N GLU A 134 5.98 1.77 -48.12
CA GLU A 134 5.94 2.88 -47.16
C GLU A 134 5.37 4.16 -47.76
N ASN A 135 5.26 4.24 -49.08
CA ASN A 135 4.71 5.41 -49.74
C ASN A 135 3.20 5.31 -49.95
N LEU A 136 2.58 4.20 -49.60
CA LEU A 136 1.15 4.03 -49.80
C LEU A 136 0.38 4.66 -48.66
N THR A 137 -0.61 5.48 -49.01
CA THR A 137 -1.39 6.20 -48.01
C THR A 137 -2.38 5.25 -47.35
N PRO A 138 -2.37 5.13 -46.03
CA PRO A 138 -3.31 4.25 -45.35
C PRO A 138 -4.73 4.83 -45.40
N LEU A 139 -5.69 3.97 -45.07
CA LEU A 139 -7.09 4.36 -45.04
C LEU A 139 -7.81 3.50 -44.02
N HIS A 140 -8.97 3.98 -43.58
CA HIS A 140 -9.79 3.19 -42.68
C HIS A 140 -10.41 2.02 -43.42
N ALA A 141 -10.78 0.99 -42.65
CA ALA A 141 -11.35 -0.21 -43.23
C ALA A 141 -12.71 0.09 -43.85
N ASN A 142 -12.80 -0.04 -45.16
CA ASN A 142 -14.05 0.19 -45.88
C ASN A 142 -14.66 -1.10 -46.43
N SER A 143 -13.89 -1.86 -47.21
CA SER A 143 -14.38 -3.13 -47.71
C SER A 143 -14.59 -4.09 -46.55
N ARG A 144 -15.74 -4.78 -46.55
CA ARG A 144 -16.12 -5.66 -45.47
C ARG A 144 -15.95 -7.11 -45.88
N LEU A 145 -15.24 -7.87 -45.05
CA LEU A 145 -15.08 -9.31 -45.24
C LEU A 145 -16.12 -10.02 -44.39
N ARG A 146 -17.00 -10.78 -45.03
CA ARG A 146 -18.07 -11.49 -44.34
C ARG A 146 -17.59 -12.88 -43.97
N MET A 147 -17.50 -13.15 -42.67
CA MET A 147 -17.02 -14.43 -42.17
C MET A 147 -18.10 -15.49 -42.10
N GLU A 148 -19.37 -15.13 -42.34
CA GLU A 148 -20.45 -16.09 -42.19
C GLU A 148 -20.36 -17.17 -43.25
N ARG A 149 -20.39 -18.43 -42.81
CA ARG A 149 -20.30 -19.58 -43.70
C ARG A 149 -20.87 -20.79 -42.99
N GLY A 150 -21.67 -21.56 -43.72
CA GLY A 150 -22.15 -22.84 -43.23
C GLY A 150 -23.67 -22.89 -43.24
N ASN A 151 -24.19 -23.96 -42.63
CA ASN A 151 -25.63 -24.20 -42.52
C ASN A 151 -26.11 -24.18 -41.07
N GLY A 152 -25.44 -23.42 -40.21
CA GLY A 152 -25.77 -23.40 -38.80
C GLY A 152 -24.94 -24.33 -37.94
N SER A 153 -23.84 -24.86 -38.46
CA SER A 153 -22.99 -25.78 -37.70
C SER A 153 -22.16 -25.00 -36.68
N THR A 154 -21.24 -25.69 -36.02
CA THR A 154 -20.39 -25.03 -35.03
C THR A 154 -19.55 -23.93 -35.67
N GLU A 155 -18.97 -24.20 -36.83
CA GLU A 155 -18.23 -23.17 -37.55
C GLU A 155 -19.13 -22.00 -37.91
N ASP A 156 -20.35 -22.30 -38.39
CA ASP A 156 -21.28 -21.24 -38.77
C ASP A 156 -21.65 -20.38 -37.56
N LEU A 157 -21.96 -21.02 -36.43
CA LEU A 157 -22.36 -20.25 -35.25
C LEU A 157 -21.21 -19.41 -34.72
N THR A 158 -19.99 -19.97 -34.71
CA THR A 158 -18.84 -19.18 -34.27
C THR A 158 -18.61 -17.99 -35.20
N ALA A 159 -18.75 -18.20 -36.51
CA ALA A 159 -18.60 -17.10 -37.45
C ALA A 159 -19.65 -16.03 -37.24
N ARG A 160 -20.89 -16.43 -36.99
CA ARG A 160 -21.95 -15.46 -36.73
C ARG A 160 -21.64 -14.65 -35.47
N VAL A 161 -21.25 -15.33 -34.39
CA VAL A 161 -20.98 -14.63 -33.14
C VAL A 161 -19.82 -13.65 -33.33
N LEU A 162 -18.81 -14.06 -34.08
CA LEU A 162 -17.71 -13.13 -34.39
C LEU A 162 -18.22 -11.95 -35.20
N ASP A 163 -19.15 -12.19 -36.12
CA ASP A 163 -19.66 -11.10 -36.96
C ASP A 163 -20.39 -10.06 -36.14
N LEU A 164 -21.33 -10.48 -35.29
CA LEU A 164 -22.02 -9.49 -34.46
C LEU A 164 -21.08 -8.88 -33.41
N ALA A 165 -20.13 -9.66 -32.89
CA ALA A 165 -19.25 -9.14 -31.86
C ALA A 165 -18.40 -7.98 -32.38
N SER A 166 -17.71 -8.19 -33.49
CA SER A 166 -16.85 -7.15 -34.05
C SER A 166 -16.68 -7.36 -35.55
N PRO A 167 -17.33 -6.56 -36.38
CA PRO A 167 -17.14 -6.70 -37.84
C PRO A 167 -15.70 -6.47 -38.22
N ILE A 168 -15.21 -7.28 -39.16
CA ILE A 168 -13.83 -7.24 -39.60
C ILE A 168 -13.81 -7.01 -41.11
N GLY A 169 -13.06 -6.00 -41.54
CA GLY A 169 -12.90 -5.70 -42.94
C GLY A 169 -11.44 -5.69 -43.35
N ARG A 170 -11.23 -5.35 -44.62
CA ARG A 170 -9.88 -5.27 -45.15
C ARG A 170 -9.12 -4.12 -44.52
N GLY A 171 -7.87 -4.39 -44.13
CA GLY A 171 -7.04 -3.37 -43.52
C GLY A 171 -7.11 -3.30 -42.01
N GLN A 172 -7.95 -4.09 -41.37
CA GLN A 172 -8.05 -4.07 -39.92
C GLN A 172 -6.79 -4.61 -39.29
N ARG A 173 -6.34 -3.95 -38.22
CA ARG A 173 -5.21 -4.42 -37.43
C ARG A 173 -5.66 -4.86 -36.05
N GLY A 174 -6.84 -5.48 -35.98
CA GLY A 174 -7.40 -5.84 -34.70
C GLY A 174 -6.65 -6.97 -34.03
N LEU A 175 -6.93 -7.14 -32.73
CA LEU A 175 -6.27 -8.15 -31.92
C LEU A 175 -7.30 -8.88 -31.07
N ILE A 176 -6.93 -10.08 -30.66
CA ILE A 176 -7.80 -10.95 -29.87
C ILE A 176 -7.08 -11.33 -28.59
N VAL A 177 -7.76 -11.22 -27.46
CA VAL A 177 -7.20 -11.58 -26.15
C VAL A 177 -7.74 -12.96 -25.78
N ALA A 178 -6.83 -13.86 -25.40
CA ALA A 178 -7.16 -15.29 -25.29
C ALA A 178 -6.65 -15.89 -23.99
N PRO A 179 -7.53 -16.10 -23.01
CA PRO A 179 -7.14 -16.87 -21.82
C PRO A 179 -6.89 -18.34 -22.15
N PRO A 180 -7.80 -19.05 -22.83
CA PRO A 180 -7.57 -20.48 -23.07
C PRO A 180 -6.91 -20.76 -24.42
N LYS A 181 -6.06 -21.78 -24.41
CA LYS A 181 -5.38 -22.19 -25.64
C LYS A 181 -6.36 -22.86 -26.61
N ALA A 182 -7.16 -23.79 -26.11
CA ALA A 182 -8.03 -24.58 -26.99
C ALA A 182 -9.05 -23.70 -27.70
N GLY A 183 -9.69 -22.81 -26.96
CA GLY A 183 -10.71 -21.95 -27.56
C GLY A 183 -10.13 -21.04 -28.61
N LYS A 184 -9.01 -20.37 -28.29
CA LYS A 184 -8.43 -19.48 -29.28
C LYS A 184 -8.01 -20.25 -30.51
N THR A 185 -7.48 -21.47 -30.33
CA THR A 185 -7.09 -22.26 -31.49
C THR A 185 -8.30 -22.57 -32.36
N MET A 186 -9.42 -22.97 -31.74
CA MET A 186 -10.54 -23.44 -32.55
C MET A 186 -11.20 -22.28 -33.29
N LEU A 187 -11.38 -21.13 -32.63
CA LEU A 187 -11.83 -19.96 -33.38
C LEU A 187 -10.83 -19.55 -34.45
N LEU A 188 -9.53 -19.78 -34.22
CA LEU A 188 -8.56 -19.44 -35.24
C LEU A 188 -8.75 -20.28 -36.50
N GLN A 189 -8.89 -21.60 -36.37
CA GLN A 189 -9.08 -22.37 -37.60
C GLN A 189 -10.46 -22.09 -38.21
N ASN A 190 -11.46 -21.82 -37.37
CA ASN A 190 -12.77 -21.49 -37.93
C ASN A 190 -12.70 -20.21 -38.76
N ILE A 191 -12.02 -19.18 -38.23
CA ILE A 191 -11.85 -17.93 -38.96
C ILE A 191 -11.06 -18.17 -40.25
N ALA A 192 -10.00 -18.97 -40.17
CA ALA A 192 -9.19 -19.23 -41.35
C ALA A 192 -10.00 -19.91 -42.45
N GLN A 193 -10.79 -20.92 -42.08
CA GLN A 193 -11.56 -21.65 -43.10
C GLN A 193 -12.70 -20.79 -43.65
N SER A 194 -13.32 -19.97 -42.80
CA SER A 194 -14.36 -19.08 -43.29
C SER A 194 -13.79 -18.05 -44.27
N ILE A 195 -12.60 -17.52 -43.96
CA ILE A 195 -11.94 -16.61 -44.89
C ILE A 195 -11.59 -17.32 -46.18
N ALA A 196 -11.13 -18.58 -46.08
CA ALA A 196 -10.79 -19.35 -47.27
C ALA A 196 -12.00 -19.53 -48.18
N TYR A 197 -13.17 -19.81 -47.60
CA TYR A 197 -14.37 -19.94 -48.42
C TYR A 197 -14.77 -18.57 -48.99
N ASN A 198 -15.09 -17.63 -48.10
CA ASN A 198 -15.82 -16.43 -48.51
C ASN A 198 -15.03 -15.58 -49.49
N HIS A 199 -13.71 -15.48 -49.28
CA HIS A 199 -12.85 -14.60 -50.07
C HIS A 199 -11.67 -15.38 -50.60
N PRO A 200 -11.89 -16.25 -51.59
CA PRO A 200 -10.76 -17.01 -52.17
C PRO A 200 -9.76 -16.13 -52.89
N ASP A 201 -10.16 -14.93 -53.31
CA ASP A 201 -9.25 -14.05 -54.04
C ASP A 201 -8.08 -13.61 -53.16
N CYS A 202 -8.36 -13.25 -51.91
CA CYS A 202 -7.31 -12.80 -51.02
C CYS A 202 -6.42 -13.97 -50.60
N VAL A 203 -5.13 -13.70 -50.44
CA VAL A 203 -4.19 -14.72 -50.00
C VAL A 203 -4.26 -14.83 -48.49
N LEU A 204 -4.16 -16.05 -47.99
CA LEU A 204 -4.26 -16.33 -46.56
C LEU A 204 -2.98 -16.98 -46.08
N MET A 205 -2.31 -16.33 -45.14
CA MET A 205 -1.10 -16.86 -44.52
C MET A 205 -1.28 -16.84 -43.01
N VAL A 206 -1.05 -17.98 -42.38
CA VAL A 206 -1.20 -18.13 -40.94
C VAL A 206 0.18 -18.33 -40.32
N LEU A 207 0.54 -17.45 -39.40
CA LEU A 207 1.83 -17.51 -38.73
C LEU A 207 1.65 -18.01 -37.30
N LEU A 208 2.39 -19.06 -36.95
CA LEU A 208 2.35 -19.63 -35.62
C LEU A 208 3.72 -19.51 -34.98
N ILE A 209 3.76 -19.00 -33.76
CA ILE A 209 5.01 -18.72 -33.05
C ILE A 209 5.02 -19.51 -31.75
N ASP A 210 6.10 -20.27 -31.53
CA ASP A 210 6.29 -21.07 -30.31
C ASP A 210 5.14 -22.03 -30.11
N GLU A 211 4.98 -22.94 -31.07
CA GLU A 211 3.94 -23.95 -31.05
C GLU A 211 4.58 -25.33 -31.21
N ARG A 212 4.01 -26.32 -30.51
CA ARG A 212 4.50 -27.67 -30.62
C ARG A 212 4.21 -28.22 -32.02
N PRO A 213 5.07 -29.12 -32.52
CA PRO A 213 4.92 -29.56 -33.93
C PRO A 213 3.59 -30.21 -34.25
N GLU A 214 2.96 -30.89 -33.28
CA GLU A 214 1.69 -31.55 -33.56
C GLU A 214 0.62 -30.55 -33.96
N GLU A 215 0.50 -29.44 -33.22
CA GLU A 215 -0.43 -28.40 -33.60
C GLU A 215 -0.02 -27.74 -34.91
N VAL A 216 1.29 -27.67 -35.18
CA VAL A 216 1.76 -27.08 -36.42
C VAL A 216 1.26 -27.88 -37.62
N THR A 217 1.45 -29.20 -37.59
CA THR A 217 0.99 -30.02 -38.71
C THR A 217 -0.53 -30.12 -38.75
N GLU A 218 -1.18 -30.08 -37.59
CA GLU A 218 -2.65 -30.05 -37.58
C GLU A 218 -3.18 -28.80 -38.28
N MET A 219 -2.58 -27.64 -37.98
CA MET A 219 -2.98 -26.41 -38.64
C MET A 219 -2.64 -26.44 -40.12
N GLN A 220 -1.48 -27.01 -40.47
CA GLN A 220 -1.10 -27.10 -41.89
C GLN A 220 -2.12 -27.93 -42.67
N ARG A 221 -2.55 -29.05 -42.11
CA ARG A 221 -3.56 -29.87 -42.77
C ARG A 221 -4.92 -29.17 -42.79
N LEU A 222 -5.27 -28.48 -41.71
CA LEU A 222 -6.60 -27.87 -41.61
C LEU A 222 -6.74 -26.66 -42.52
N VAL A 223 -5.74 -25.78 -42.53
CA VAL A 223 -5.85 -24.52 -43.25
C VAL A 223 -5.58 -24.75 -44.73
N LYS A 224 -6.51 -24.31 -45.58
CA LYS A 224 -6.33 -24.43 -47.03
C LYS A 224 -5.17 -23.57 -47.50
N GLY A 225 -5.02 -22.37 -46.95
CA GLY A 225 -3.97 -21.47 -47.35
C GLY A 225 -2.62 -21.85 -46.77
N GLU A 226 -1.61 -21.09 -47.17
CA GLU A 226 -0.24 -21.36 -46.75
C GLU A 226 -0.08 -21.10 -45.25
N VAL A 227 0.67 -21.98 -44.59
CA VAL A 227 0.93 -21.87 -43.16
C VAL A 227 2.43 -21.92 -42.93
N VAL A 228 2.94 -20.95 -42.18
CA VAL A 228 4.34 -20.91 -41.78
C VAL A 228 4.39 -20.89 -40.25
N ALA A 229 5.22 -21.77 -39.68
CA ALA A 229 5.26 -21.90 -38.24
C ALA A 229 6.67 -22.26 -37.79
N SER A 230 6.93 -22.02 -36.51
CA SER A 230 8.21 -22.34 -35.89
C SER A 230 7.94 -23.17 -34.64
N THR A 231 8.66 -24.28 -34.50
CA THR A 231 8.49 -25.14 -33.35
C THR A 231 9.00 -24.46 -32.09
N PHE A 232 8.41 -24.83 -30.95
CA PHE A 232 8.68 -24.14 -29.69
C PHE A 232 10.13 -24.35 -29.23
N ASP A 233 10.71 -25.51 -29.53
CA ASP A 233 12.08 -25.77 -29.10
C ASP A 233 13.12 -24.99 -29.91
N GLU A 234 12.73 -24.37 -31.02
CA GLU A 234 13.67 -23.60 -31.81
C GLU A 234 14.06 -22.31 -31.09
N PRO A 235 15.22 -21.77 -31.39
CA PRO A 235 15.65 -20.52 -30.74
C PRO A 235 14.79 -19.34 -31.16
N ALA A 236 14.86 -18.27 -30.36
CA ALA A 236 14.04 -17.10 -30.61
C ALA A 236 14.39 -16.41 -31.92
N SER A 237 15.68 -16.42 -32.30
CA SER A 237 16.08 -15.81 -33.55
C SER A 237 15.37 -16.45 -34.74
N ARG A 238 15.08 -17.75 -34.66
CA ARG A 238 14.32 -18.40 -35.72
C ARG A 238 12.92 -17.81 -35.84
N HIS A 239 12.24 -17.59 -34.71
CA HIS A 239 10.93 -16.97 -34.74
C HIS A 239 11.01 -15.56 -35.31
N VAL A 240 12.03 -14.80 -34.91
CA VAL A 240 12.17 -13.44 -35.40
C VAL A 240 12.36 -13.44 -36.92
N GLN A 241 13.22 -14.33 -37.42
CA GLN A 241 13.49 -14.38 -38.85
C GLN A 241 12.24 -14.81 -39.61
N VAL A 242 11.49 -15.79 -39.09
CA VAL A 242 10.30 -16.24 -39.81
C VAL A 242 9.22 -15.15 -39.80
N ALA A 243 9.10 -14.39 -38.70
CA ALA A 243 8.16 -13.30 -38.67
C ALA A 243 8.52 -12.21 -39.67
N GLU A 244 9.81 -11.89 -39.76
CA GLU A 244 10.25 -10.91 -40.74
C GLU A 244 9.98 -11.39 -42.16
N MET A 245 10.23 -12.68 -42.41
CA MET A 245 9.92 -13.27 -43.71
C MET A 245 8.45 -13.09 -44.06
N VAL A 246 7.57 -13.44 -43.12
CA VAL A 246 6.13 -13.38 -43.37
C VAL A 246 5.71 -11.94 -43.66
N ILE A 247 6.20 -10.99 -42.85
CA ILE A 247 5.74 -9.61 -43.01
C ILE A 247 6.27 -9.01 -44.30
N GLU A 248 7.50 -9.34 -44.69
CA GLU A 248 8.02 -8.77 -45.93
C GLU A 248 7.33 -9.38 -47.15
N LYS A 249 7.00 -10.67 -47.08
CA LYS A 249 6.23 -11.28 -48.17
C LYS A 249 4.85 -10.65 -48.27
N ALA A 250 4.22 -10.39 -47.11
CA ALA A 250 2.91 -9.75 -47.13
C ALA A 250 2.98 -8.35 -47.72
N LYS A 251 4.00 -7.58 -47.35
CA LYS A 251 4.16 -6.25 -47.91
C LYS A 251 4.35 -6.30 -49.42
N ARG A 252 5.17 -7.25 -49.89
CA ARG A 252 5.38 -7.36 -51.33
C ARG A 252 4.10 -7.74 -52.05
N LEU A 253 3.31 -8.64 -51.46
CA LEU A 253 2.04 -9.01 -52.09
C LEU A 253 1.07 -7.83 -52.11
N VAL A 254 1.04 -7.04 -51.04
CA VAL A 254 0.16 -5.88 -50.99
C VAL A 254 0.59 -4.85 -52.03
N GLU A 255 1.90 -4.73 -52.27
CA GLU A 255 2.39 -3.76 -53.24
C GLU A 255 1.86 -4.03 -54.65
N HIS A 256 1.36 -5.25 -54.91
CA HIS A 256 0.77 -5.59 -56.20
C HIS A 256 -0.75 -5.60 -56.15
N LYS A 257 -1.34 -4.75 -55.32
CA LYS A 257 -2.79 -4.60 -55.22
C LYS A 257 -3.49 -5.93 -54.92
N LYS A 258 -2.91 -6.70 -54.01
CA LYS A 258 -3.45 -7.99 -53.61
C LYS A 258 -3.80 -7.96 -52.13
N ASP A 259 -5.00 -8.42 -51.80
CA ASP A 259 -5.41 -8.47 -50.40
C ASP A 259 -4.70 -9.61 -49.68
N VAL A 260 -4.15 -9.31 -48.50
CA VAL A 260 -3.39 -10.27 -47.72
C VAL A 260 -3.97 -10.32 -46.31
N ILE A 261 -4.07 -11.51 -45.75
CA ILE A 261 -4.58 -11.70 -44.40
C ILE A 261 -3.59 -12.56 -43.61
N ILE A 262 -3.21 -12.09 -42.42
CA ILE A 262 -2.25 -12.78 -41.58
C ILE A 262 -2.89 -13.02 -40.21
N LEU A 263 -3.09 -14.29 -39.86
CA LEU A 263 -3.64 -14.68 -38.57
C LEU A 263 -2.50 -15.14 -37.69
N LEU A 264 -2.02 -14.26 -36.83
CA LEU A 264 -0.91 -14.60 -35.95
C LEU A 264 -1.43 -15.17 -34.64
N ASP A 265 -0.92 -16.36 -34.28
CA ASP A 265 -1.41 -17.04 -33.09
C ASP A 265 -1.05 -16.32 -31.80
N SER A 266 0.05 -15.57 -31.80
CA SER A 266 0.52 -14.95 -30.57
C SER A 266 1.47 -13.82 -30.89
N ILE A 267 1.13 -12.61 -30.44
CA ILE A 267 2.02 -11.48 -30.51
C ILE A 267 2.89 -11.35 -29.26
N THR A 268 2.46 -11.92 -28.13
CA THR A 268 3.25 -11.84 -26.91
C THR A 268 4.54 -12.65 -27.03
N ARG A 269 4.46 -13.84 -27.61
CA ARG A 269 5.66 -14.66 -27.79
C ARG A 269 6.61 -14.02 -28.79
N LEU A 270 6.06 -13.40 -29.84
CA LEU A 270 6.92 -12.66 -30.77
C LEU A 270 7.64 -11.53 -30.06
N ALA A 271 6.93 -10.82 -29.16
CA ALA A 271 7.56 -9.76 -28.40
C ALA A 271 8.65 -10.32 -27.49
N ARG A 272 8.40 -11.46 -26.85
CA ARG A 272 9.41 -12.08 -26.00
C ARG A 272 10.65 -12.46 -26.81
N ALA A 273 10.44 -13.04 -28.00
CA ALA A 273 11.56 -13.41 -28.84
C ALA A 273 12.36 -12.19 -29.27
N TYR A 274 11.67 -11.11 -29.66
CA TYR A 274 12.37 -9.92 -30.08
C TYR A 274 13.12 -9.28 -28.92
N ASN A 275 12.53 -9.32 -27.72
CA ASN A 275 13.25 -8.84 -26.54
C ASN A 275 14.49 -9.67 -26.28
N THR A 276 14.40 -10.98 -26.51
CA THR A 276 15.55 -11.86 -26.27
C THR A 276 16.68 -11.58 -27.25
N VAL A 277 16.36 -11.50 -28.55
CA VAL A 277 17.42 -11.44 -29.55
C VAL A 277 18.16 -10.10 -29.48
N VAL A 278 17.43 -9.00 -29.40
CA VAL A 278 18.05 -7.68 -29.43
C VAL A 278 18.73 -7.40 -28.09
N PRO A 279 19.78 -6.58 -28.05
CA PRO A 279 20.45 -6.29 -26.78
C PRO A 279 19.58 -5.41 -25.88
N ALA A 280 19.92 -5.43 -24.59
CA ALA A 280 19.21 -4.61 -23.62
C ALA A 280 19.45 -3.13 -23.90
N SER A 281 18.38 -2.34 -23.79
CA SER A 281 18.45 -0.91 -24.04
C SER A 281 18.77 -0.10 -22.80
N GLY A 282 19.02 -0.75 -21.67
CA GLY A 282 19.30 -0.06 -20.44
C GLY A 282 18.08 0.39 -19.66
N LYS A 283 16.89 0.14 -20.17
CA LYS A 283 15.66 0.50 -19.47
C LYS A 283 15.17 -0.68 -18.65
N VAL A 284 14.91 -0.44 -17.37
CA VAL A 284 14.51 -1.49 -16.44
C VAL A 284 13.02 -1.37 -16.19
N LEU A 285 12.24 -2.26 -16.80
CA LEU A 285 10.82 -2.34 -16.57
C LEU A 285 10.50 -3.74 -16.05
N THR A 286 9.26 -3.91 -15.57
CA THR A 286 8.86 -5.19 -15.00
C THR A 286 8.91 -6.29 -16.05
N GLY A 287 9.61 -7.38 -15.73
CA GLY A 287 9.75 -8.51 -16.62
C GLY A 287 10.97 -8.46 -17.51
N GLY A 288 11.56 -7.28 -17.71
CA GLY A 288 12.76 -7.15 -18.50
C GLY A 288 12.58 -6.67 -19.93
N VAL A 289 11.49 -5.95 -20.22
CA VAL A 289 11.31 -5.39 -21.55
C VAL A 289 12.22 -4.17 -21.72
N ASP A 290 12.54 -3.86 -22.97
CA ASP A 290 13.46 -2.77 -23.30
C ASP A 290 12.81 -1.83 -24.29
N ALA A 291 13.47 -0.69 -24.51
CA ALA A 291 12.94 0.32 -25.43
C ALA A 291 12.94 -0.19 -26.86
N ASN A 292 14.06 -0.71 -27.33
CA ASN A 292 14.13 -1.26 -28.69
C ASN A 292 13.54 -2.65 -28.78
N ALA A 293 13.21 -3.28 -27.65
CA ALA A 293 12.64 -4.61 -27.68
C ALA A 293 11.24 -4.61 -28.30
N LEU A 294 10.43 -3.61 -27.95
CA LEU A 294 9.04 -3.55 -28.40
C LEU A 294 8.85 -2.71 -29.65
N HIS A 295 9.90 -2.06 -30.15
CA HIS A 295 9.74 -1.22 -31.33
C HIS A 295 9.49 -2.05 -32.58
N ARG A 296 10.08 -3.24 -32.67
CA ARG A 296 9.93 -4.10 -33.84
C ARG A 296 8.60 -4.85 -33.86
N PRO A 297 8.12 -5.40 -32.74
CA PRO A 297 6.75 -5.95 -32.75
C PRO A 297 5.71 -4.90 -33.07
N LYS A 298 5.93 -3.65 -32.64
CA LYS A 298 5.04 -2.57 -33.02
C LYS A 298 5.07 -2.33 -34.52
N ARG A 299 6.26 -2.42 -35.13
CA ARG A 299 6.35 -2.32 -36.58
C ARG A 299 5.60 -3.46 -37.26
N PHE A 300 5.69 -4.67 -36.69
CA PHE A 300 4.95 -5.79 -37.25
C PHE A 300 3.46 -5.56 -37.19
N PHE A 301 2.97 -5.09 -36.04
CA PHE A 301 1.53 -4.89 -35.88
C PHE A 301 1.03 -3.74 -36.74
N GLY A 302 1.82 -2.68 -36.85
CA GLY A 302 1.39 -1.49 -37.57
C GLY A 302 1.46 -1.58 -39.07
N ALA A 303 2.03 -2.66 -39.60
CA ALA A 303 2.07 -2.83 -41.05
C ALA A 303 0.68 -3.03 -41.64
N ALA A 304 -0.28 -3.45 -40.83
CA ALA A 304 -1.64 -3.67 -41.33
C ALA A 304 -2.30 -2.35 -41.67
N ARG A 305 -2.88 -2.28 -42.86
CA ARG A 305 -3.51 -1.05 -43.32
C ARG A 305 -4.37 -1.38 -44.54
N ASN A 306 -5.26 -0.44 -44.86
CA ASN A 306 -6.07 -0.51 -46.07
C ASN A 306 -5.52 0.54 -47.02
N VAL A 307 -4.70 0.09 -47.99
CA VAL A 307 -4.06 1.02 -48.90
C VAL A 307 -5.11 1.66 -49.79
N GLU A 308 -5.04 2.99 -49.93
CA GLU A 308 -6.02 3.69 -50.74
C GLU A 308 -5.94 3.27 -52.21
N GLU A 309 -4.72 3.17 -52.74
CA GLU A 309 -4.56 2.88 -54.16
C GLU A 309 -5.11 1.51 -54.52
N GLY A 310 -4.84 0.50 -53.70
CA GLY A 310 -5.33 -0.83 -53.97
C GLY A 310 -4.74 -1.89 -53.05
N GLY A 311 -5.53 -2.92 -52.76
CA GLY A 311 -5.08 -3.97 -51.87
C GLY A 311 -5.24 -3.59 -50.42
N SER A 312 -4.91 -4.54 -49.55
CA SER A 312 -5.01 -4.34 -48.11
C SER A 312 -4.21 -5.41 -47.41
N LEU A 313 -3.86 -5.14 -46.15
CA LEU A 313 -3.13 -6.08 -45.32
C LEU A 313 -3.85 -6.15 -43.97
N THR A 314 -4.53 -7.25 -43.71
CA THR A 314 -5.32 -7.44 -42.51
C THR A 314 -4.57 -8.37 -41.57
N ILE A 315 -4.05 -7.82 -40.48
CA ILE A 315 -3.28 -8.59 -39.51
C ILE A 315 -4.14 -8.75 -38.27
N ILE A 316 -4.55 -9.98 -37.99
CA ILE A 316 -5.27 -10.33 -36.77
C ILE A 316 -4.32 -11.15 -35.91
N ALA A 317 -3.74 -10.53 -34.89
CA ALA A 317 -2.77 -11.16 -34.02
C ALA A 317 -3.34 -11.33 -32.64
N THR A 318 -3.33 -12.56 -32.12
CA THR A 318 -3.86 -12.81 -30.81
C THR A 318 -2.81 -12.56 -29.73
N ALA A 319 -3.28 -12.32 -28.52
CA ALA A 319 -2.39 -12.12 -27.37
C ALA A 319 -3.05 -12.77 -26.16
N LEU A 320 -2.33 -13.69 -25.52
CA LEU A 320 -2.90 -14.41 -24.40
C LEU A 320 -3.08 -13.48 -23.20
N ILE A 321 -3.78 -13.99 -22.20
CA ILE A 321 -3.99 -13.29 -20.93
C ILE A 321 -4.20 -14.35 -19.85
N ASP A 322 -4.17 -13.91 -18.59
CA ASP A 322 -4.32 -14.77 -17.42
C ASP A 322 -3.22 -15.81 -17.29
N THR A 323 -2.12 -15.65 -18.03
CA THR A 323 -1.02 -16.59 -17.93
C THR A 323 -0.23 -16.39 -16.64
N GLY A 324 -0.23 -15.17 -16.10
CA GLY A 324 0.50 -14.86 -14.91
C GLY A 324 1.89 -14.29 -15.13
N SER A 325 2.46 -14.49 -16.31
CA SER A 325 3.76 -13.92 -16.64
C SER A 325 3.60 -12.44 -16.93
N LYS A 326 4.50 -11.63 -16.36
CA LYS A 326 4.41 -10.19 -16.54
C LYS A 326 4.76 -9.76 -17.97
N MET A 327 5.48 -10.61 -18.71
CA MET A 327 5.74 -10.32 -20.11
C MET A 327 4.43 -10.17 -20.89
N ASP A 328 3.51 -11.12 -20.69
CA ASP A 328 2.23 -11.06 -21.37
C ASP A 328 1.45 -9.81 -20.96
N GLU A 329 1.48 -9.47 -19.68
CA GLU A 329 0.76 -8.30 -19.21
C GLU A 329 1.30 -7.02 -19.85
N VAL A 330 2.62 -6.84 -19.83
CA VAL A 330 3.18 -5.61 -20.39
C VAL A 330 2.98 -5.56 -21.90
N ILE A 331 3.02 -6.71 -22.58
CA ILE A 331 2.76 -6.71 -24.02
C ILE A 331 1.32 -6.30 -24.29
N TYR A 332 0.37 -6.79 -23.47
CA TYR A 332 -1.01 -6.37 -23.61
C TYR A 332 -1.14 -4.87 -23.40
N GLU A 333 -0.50 -4.33 -22.37
CA GLU A 333 -0.61 -2.90 -22.11
C GLU A 333 -0.03 -2.07 -23.25
N GLU A 334 1.11 -2.51 -23.80
CA GLU A 334 1.73 -1.76 -24.89
C GLU A 334 1.06 -2.01 -26.23
N PHE A 335 0.16 -2.98 -26.32
CA PHE A 335 -0.60 -3.23 -27.54
C PHE A 335 -2.10 -3.12 -27.29
N LYS A 336 -2.50 -2.35 -26.27
CA LYS A 336 -3.90 -2.32 -25.87
C LYS A 336 -4.75 -1.52 -26.84
N GLY A 337 -4.49 -0.22 -26.96
CA GLY A 337 -5.26 0.63 -27.85
C GLY A 337 -4.72 0.76 -29.25
N THR A 338 -3.61 0.08 -29.55
CA THR A 338 -3.02 0.17 -30.88
C THR A 338 -3.92 -0.44 -31.94
N GLY A 339 -4.55 -1.57 -31.63
CA GLY A 339 -5.32 -2.28 -32.64
C GLY A 339 -6.56 -1.52 -33.07
N ASN A 340 -7.01 -1.81 -34.28
CA ASN A 340 -8.19 -1.18 -34.84
C ASN A 340 -9.49 -1.91 -34.48
N MET A 341 -9.41 -3.04 -33.80
CA MET A 341 -10.60 -3.77 -33.35
C MET A 341 -10.19 -4.60 -32.16
N GLU A 342 -11.07 -4.69 -31.17
CA GLU A 342 -10.77 -5.39 -29.93
C GLU A 342 -11.76 -6.54 -29.74
N LEU A 343 -11.23 -7.73 -29.49
CA LEU A 343 -12.04 -8.92 -29.21
C LEU A 343 -11.49 -9.57 -27.96
N HIS A 344 -12.38 -9.85 -27.00
CA HIS A 344 -11.99 -10.40 -25.71
C HIS A 344 -12.63 -11.77 -25.53
N LEU A 345 -11.81 -12.75 -25.18
CA LEU A 345 -12.29 -14.09 -24.84
C LEU A 345 -12.43 -14.19 -23.33
N SER A 346 -13.57 -14.71 -22.87
CA SER A 346 -13.90 -14.76 -21.46
C SER A 346 -13.54 -16.12 -20.88
N ARG A 347 -12.88 -16.11 -19.72
CA ARG A 347 -12.51 -17.36 -19.06
C ARG A 347 -13.72 -18.06 -18.45
N LYS A 348 -14.71 -17.29 -17.98
CA LYS A 348 -15.89 -17.91 -17.37
C LYS A 348 -16.65 -18.75 -18.37
N ILE A 349 -16.87 -18.23 -19.57
CA ILE A 349 -17.56 -18.99 -20.60
C ILE A 349 -16.69 -20.15 -21.07
N ALA A 350 -15.36 -19.99 -21.01
CA ALA A 350 -14.47 -21.10 -21.30
C ALA A 350 -14.66 -22.23 -20.30
N GLU A 351 -14.83 -21.89 -19.02
CA GLU A 351 -15.18 -22.91 -18.03
C GLU A 351 -16.54 -23.52 -18.34
N LYS A 352 -17.51 -22.69 -18.76
CA LYS A 352 -18.77 -23.20 -19.27
C LYS A 352 -18.57 -24.04 -20.52
N ARG A 353 -17.48 -23.81 -21.25
CA ARG A 353 -17.11 -24.58 -22.44
C ARG A 353 -18.19 -24.48 -23.52
N VAL A 354 -18.43 -23.25 -23.97
CA VAL A 354 -19.30 -22.96 -25.10
C VAL A 354 -18.48 -22.21 -26.13
N PHE A 355 -18.39 -22.77 -27.33
CA PHE A 355 -17.65 -22.10 -28.40
C PHE A 355 -18.58 -21.22 -29.21
N PRO A 356 -18.26 -19.93 -29.39
CA PRO A 356 -17.11 -19.20 -28.86
C PRO A 356 -17.35 -18.71 -27.43
N ALA A 357 -16.28 -18.43 -26.69
CA ALA A 357 -16.39 -17.90 -25.33
C ALA A 357 -15.82 -16.48 -25.34
N ILE A 358 -16.66 -15.52 -25.73
CA ILE A 358 -16.26 -14.13 -25.85
C ILE A 358 -17.25 -13.25 -25.10
N ASP A 359 -16.83 -12.02 -24.83
CA ASP A 359 -17.66 -11.03 -24.18
C ASP A 359 -18.04 -9.96 -25.21
N TYR A 360 -19.34 -9.76 -25.41
CA TYR A 360 -19.79 -8.83 -26.44
C TYR A 360 -19.62 -7.38 -26.02
N ASN A 361 -19.74 -7.09 -24.72
CA ASN A 361 -19.70 -5.70 -24.27
C ASN A 361 -18.36 -5.05 -24.54
N ARG A 362 -17.27 -5.79 -24.35
CA ARG A 362 -15.92 -5.27 -24.52
C ARG A 362 -15.34 -5.56 -25.90
N SER A 363 -16.15 -6.03 -26.84
CA SER A 363 -15.72 -6.30 -28.21
C SER A 363 -16.38 -5.32 -29.16
N GLY A 364 -15.58 -4.70 -30.02
CA GLY A 364 -16.11 -3.74 -30.97
C GLY A 364 -15.06 -3.34 -31.98
N THR A 365 -15.50 -2.58 -32.97
CA THR A 365 -14.63 -2.07 -34.02
C THR A 365 -14.60 -0.54 -33.95
N ARG A 366 -13.43 0.03 -34.25
CA ARG A 366 -13.24 1.46 -34.08
C ARG A 366 -14.11 2.26 -35.05
N LYS A 367 -14.28 1.78 -36.28
CA LYS A 367 -15.13 2.44 -37.28
C LYS A 367 -16.11 1.41 -37.84
N GLU A 368 -17.22 1.22 -37.14
CA GLU A 368 -18.24 0.29 -37.60
C GLU A 368 -19.16 0.92 -38.65
N GLU A 369 -19.16 2.24 -38.77
CA GLU A 369 -20.07 2.90 -39.69
C GLU A 369 -19.75 2.56 -41.14
N LEU A 370 -18.46 2.52 -41.48
CA LEU A 370 -18.08 2.27 -42.87
C LEU A 370 -18.27 0.81 -43.26
N LEU A 371 -18.19 -0.10 -42.29
CA LEU A 371 -18.23 -1.53 -42.63
C LEU A 371 -19.64 -1.97 -43.03
N THR A 372 -20.65 -1.55 -42.28
CA THR A 372 -22.02 -2.00 -42.50
C THR A 372 -22.91 -0.86 -42.97
N THR A 373 -24.13 -1.21 -43.34
CA THR A 373 -25.09 -0.25 -43.84
C THR A 373 -25.81 0.44 -42.68
N GLN A 374 -26.62 1.45 -43.04
CA GLN A 374 -27.28 2.27 -42.03
C GLN A 374 -28.27 1.45 -41.20
N GLU A 375 -29.15 0.70 -41.87
CA GLU A 375 -30.10 -0.14 -41.15
C GLU A 375 -29.37 -1.21 -40.35
N GLU A 376 -28.30 -1.77 -40.92
CA GLU A 376 -27.48 -2.72 -40.18
C GLU A 376 -26.91 -2.06 -38.93
N LEU A 377 -26.42 -0.83 -39.05
CA LEU A 377 -25.89 -0.13 -37.89
C LEU A 377 -26.97 0.09 -36.83
N GLN A 378 -28.16 0.50 -37.25
CA GLN A 378 -29.22 0.80 -36.29
C GLN A 378 -29.66 -0.45 -35.54
N LYS A 379 -29.90 -1.55 -36.27
CA LYS A 379 -30.32 -2.76 -35.59
C LYS A 379 -29.17 -3.38 -34.79
N MET A 380 -27.92 -3.14 -35.20
CA MET A 380 -26.79 -3.51 -34.35
C MET A 380 -26.80 -2.72 -33.05
N TRP A 381 -27.14 -1.43 -33.12
CA TRP A 381 -27.26 -0.64 -31.91
C TRP A 381 -28.34 -1.18 -31.00
N ILE A 382 -29.49 -1.54 -31.56
CA ILE A 382 -30.57 -2.05 -30.71
C ILE A 382 -30.20 -3.41 -30.12
N LEU A 383 -29.49 -4.24 -30.89
CA LEU A 383 -29.02 -5.51 -30.36
C LEU A 383 -28.03 -5.31 -29.22
N ARG A 384 -27.13 -4.34 -29.38
CA ARG A 384 -26.18 -4.02 -28.31
C ARG A 384 -26.90 -3.49 -27.08
N LYS A 385 -27.94 -2.68 -27.28
CA LYS A 385 -28.72 -2.17 -26.16
C LYS A 385 -29.41 -3.31 -25.42
N ILE A 386 -29.88 -4.31 -26.16
CA ILE A 386 -30.47 -5.49 -25.51
C ILE A 386 -29.41 -6.27 -24.76
N ILE A 387 -28.24 -6.46 -25.37
CA ILE A 387 -27.22 -7.34 -24.80
C ILE A 387 -26.60 -6.73 -23.55
N HIS A 388 -26.41 -5.42 -23.53
CA HIS A 388 -25.62 -4.78 -22.46
C HIS A 388 -26.13 -5.08 -21.06
N PRO A 389 -27.43 -4.94 -20.74
CA PRO A 389 -27.83 -5.17 -19.35
C PRO A 389 -27.70 -6.62 -18.90
N MET A 390 -28.05 -7.58 -19.74
CA MET A 390 -28.04 -8.98 -19.33
C MET A 390 -26.60 -9.47 -19.18
N GLY A 391 -26.45 -10.53 -18.38
CA GLY A 391 -25.15 -11.08 -18.11
C GLY A 391 -24.51 -11.68 -19.35
N GLU A 392 -23.17 -11.80 -19.31
CA GLU A 392 -22.42 -12.22 -20.48
C GLU A 392 -22.77 -13.65 -20.88
N ILE A 393 -22.87 -14.55 -19.90
CA ILE A 393 -23.09 -15.96 -20.22
C ILE A 393 -24.50 -16.19 -20.77
N ASP A 394 -25.50 -15.58 -20.12
CA ASP A 394 -26.88 -15.78 -20.58
C ASP A 394 -27.12 -15.12 -21.94
N ALA A 395 -26.58 -13.91 -22.13
CA ALA A 395 -26.69 -13.26 -23.43
C ALA A 395 -25.96 -14.06 -24.50
N MET A 396 -24.80 -14.62 -24.16
CA MET A 396 -24.06 -15.44 -25.11
C MET A 396 -24.87 -16.66 -25.53
N GLU A 397 -25.47 -17.36 -24.55
CA GLU A 397 -26.29 -18.52 -24.88
C GLU A 397 -27.51 -18.13 -25.71
N PHE A 398 -28.18 -17.05 -25.33
CA PHE A 398 -29.35 -16.59 -26.06
C PHE A 398 -29.01 -16.27 -27.51
N LEU A 399 -27.94 -15.50 -27.71
CA LEU A 399 -27.53 -15.15 -29.07
C LEU A 399 -27.12 -16.40 -29.85
N ILE A 400 -26.39 -17.31 -29.19
CA ILE A 400 -25.87 -18.48 -29.89
C ILE A 400 -27.02 -19.37 -30.38
N ASN A 401 -28.05 -19.56 -29.56
CA ASN A 401 -29.18 -20.33 -30.06
C ASN A 401 -29.94 -19.53 -31.13
N LYS A 402 -30.23 -18.26 -30.85
CA LYS A 402 -31.03 -17.45 -31.77
C LYS A 402 -30.40 -17.40 -33.15
N LEU A 403 -29.08 -17.56 -33.24
CA LEU A 403 -28.48 -17.81 -34.55
C LEU A 403 -28.40 -19.30 -34.88
N ALA A 404 -28.58 -20.18 -33.89
CA ALA A 404 -28.53 -21.61 -34.18
C ALA A 404 -29.68 -22.04 -35.06
N MET A 405 -30.92 -21.66 -34.73
CA MET A 405 -31.96 -22.11 -35.66
C MET A 405 -31.97 -21.32 -36.97
N THR A 406 -31.53 -20.06 -36.97
CA THR A 406 -31.54 -19.28 -38.19
C THR A 406 -30.53 -19.82 -39.19
N LYS A 407 -30.93 -19.84 -40.47
CA LYS A 407 -30.05 -20.34 -41.52
C LYS A 407 -28.88 -19.39 -41.75
N THR A 408 -29.13 -18.08 -41.75
CA THR A 408 -28.11 -17.08 -42.02
C THR A 408 -28.10 -16.06 -40.90
N ASN A 409 -26.95 -15.39 -40.75
CA ASN A 409 -26.85 -14.30 -39.79
C ASN A 409 -27.70 -13.12 -40.22
N ASP A 410 -27.93 -12.95 -41.52
CA ASP A 410 -28.85 -11.92 -41.98
C ASP A 410 -30.27 -12.24 -41.53
N ASP A 411 -30.67 -13.51 -41.59
CA ASP A 411 -31.98 -13.90 -41.09
C ASP A 411 -32.10 -13.63 -39.60
N PHE A 412 -31.07 -14.00 -38.83
CA PHE A 412 -30.92 -13.63 -37.43
C PHE A 412 -31.22 -12.15 -37.21
N PHE A 413 -30.51 -11.31 -37.95
CA PHE A 413 -30.69 -9.87 -37.89
C PHE A 413 -32.14 -9.50 -38.14
N GLU A 414 -32.76 -10.14 -39.14
CA GLU A 414 -34.11 -9.79 -39.56
C GLU A 414 -35.13 -10.09 -38.49
N MET A 415 -35.10 -11.30 -37.90
CA MET A 415 -36.18 -11.57 -36.94
C MET A 415 -35.75 -11.34 -35.49
N MET A 416 -34.61 -10.68 -35.26
CA MET A 416 -34.52 -9.82 -34.08
C MET A 416 -34.96 -8.39 -34.34
N LYS A 417 -34.91 -7.93 -35.60
CA LYS A 417 -35.35 -6.56 -35.86
C LYS A 417 -36.84 -6.38 -35.60
N ARG A 418 -37.61 -7.46 -35.58
CA ARG A 418 -39.04 -7.39 -35.30
C ARG A 418 -39.39 -8.04 -33.97
N MET B 1 13.70 25.59 -60.50
CA MET B 1 12.33 25.38 -60.05
C MET B 1 12.29 25.00 -58.57
N ASN B 2 11.16 25.28 -57.93
CA ASN B 2 11.02 24.99 -56.51
C ASN B 2 10.98 23.48 -56.28
N LEU B 3 11.64 23.04 -55.21
CA LEU B 3 11.70 21.61 -54.91
C LEU B 3 10.38 21.09 -54.38
N THR B 4 9.66 21.91 -53.61
CA THR B 4 8.43 21.44 -52.97
C THR B 4 7.36 21.09 -54.00
N GLU B 5 7.19 21.94 -55.01
CA GLU B 5 6.20 21.64 -56.04
C GLU B 5 6.59 20.39 -56.83
N LEU B 6 7.88 20.25 -57.15
CA LEU B 6 8.35 19.06 -57.82
C LEU B 6 8.17 17.82 -56.95
N LYS B 7 8.09 17.99 -55.63
CA LYS B 7 7.74 16.88 -54.75
C LYS B 7 6.25 16.58 -54.80
N ASN B 8 5.42 17.62 -54.92
CA ASN B 8 3.97 17.46 -54.93
C ASN B 8 3.46 17.47 -56.37
N THR B 9 3.73 16.37 -57.07
CA THR B 9 3.26 16.18 -58.43
C THR B 9 3.36 14.69 -58.77
N PRO B 10 2.51 14.18 -59.66
CA PRO B 10 2.60 12.76 -60.02
C PRO B 10 3.94 12.41 -60.64
N VAL B 11 4.37 11.17 -60.41
CA VAL B 11 5.67 10.72 -60.91
C VAL B 11 5.71 10.75 -62.43
N SER B 12 4.59 10.44 -63.08
CA SER B 12 4.54 10.45 -64.54
C SER B 12 4.80 11.86 -65.08
N GLU B 13 4.31 12.89 -64.39
CA GLU B 13 4.60 14.26 -64.80
C GLU B 13 6.09 14.56 -64.72
N LEU B 14 6.75 14.09 -63.65
CA LEU B 14 8.19 14.28 -63.53
C LEU B 14 8.94 13.54 -64.64
N ILE B 15 8.49 12.33 -64.97
CA ILE B 15 9.11 11.59 -66.07
C ILE B 15 8.96 12.34 -67.38
N THR B 16 7.76 12.88 -67.62
CA THR B 16 7.53 13.66 -68.83
C THR B 16 8.43 14.89 -68.88
N LEU B 17 8.57 15.58 -67.75
CA LEU B 17 9.44 16.74 -67.69
C LEU B 17 10.89 16.36 -67.96
N GLY B 18 11.34 15.24 -67.40
CA GLY B 18 12.68 14.77 -67.68
C GLY B 18 12.90 14.43 -69.15
N GLU B 19 11.92 13.76 -69.76
CA GLU B 19 12.00 13.48 -71.19
C GLU B 19 11.97 14.75 -72.03
N ASN B 20 11.35 15.81 -71.49
CA ASN B 20 11.21 17.05 -72.27
C ASN B 20 12.56 17.66 -72.60
N MET B 21 13.48 17.68 -71.65
CA MET B 21 14.78 18.31 -71.85
C MET B 21 15.89 17.31 -72.16
N GLY B 22 15.54 16.05 -72.45
CA GLY B 22 16.50 15.09 -72.92
C GLY B 22 16.91 14.01 -71.94
N LEU B 23 16.37 13.99 -70.71
CA LEU B 23 16.73 12.96 -69.75
C LEU B 23 15.81 11.76 -69.91
N GLU B 24 16.41 10.58 -70.03
CA GLU B 24 15.67 9.32 -70.11
C GLU B 24 15.76 8.64 -68.76
N ASN B 25 14.65 8.69 -68.01
CA ASN B 25 14.60 8.11 -66.67
C ASN B 25 13.28 7.36 -66.47
N LEU B 26 12.90 6.57 -67.48
CA LEU B 26 11.70 5.74 -67.41
C LEU B 26 11.96 4.39 -66.74
N ALA B 27 13.06 4.26 -66.02
CA ALA B 27 13.44 3.00 -65.40
C ALA B 27 12.87 2.95 -63.98
N ARG B 28 13.39 2.02 -63.15
CA ARG B 28 12.77 1.68 -61.89
C ARG B 28 12.57 2.90 -60.98
N MET B 29 13.56 3.79 -60.92
CA MET B 29 13.63 4.76 -59.83
C MET B 29 12.36 5.59 -59.72
N ARG B 30 11.90 5.76 -58.48
CA ARG B 30 10.72 6.55 -58.18
C ARG B 30 11.11 8.02 -58.07
N LYS B 31 10.20 8.85 -57.55
CA LYS B 31 10.43 10.29 -57.47
C LYS B 31 11.72 10.62 -56.72
N GLN B 32 12.08 9.81 -55.72
CA GLN B 32 13.23 10.08 -54.87
C GLN B 32 14.55 10.10 -55.62
N ASP B 33 14.60 9.59 -56.84
CA ASP B 33 15.82 9.64 -57.64
C ASP B 33 15.66 10.48 -58.90
N ILE B 34 14.51 10.42 -59.57
CA ILE B 34 14.33 11.23 -60.76
C ILE B 34 14.30 12.70 -60.40
N ILE B 35 13.73 13.06 -59.24
CA ILE B 35 13.75 14.45 -58.81
C ILE B 35 15.18 14.94 -58.67
N PHE B 36 16.03 14.14 -58.02
CA PHE B 36 17.43 14.51 -57.87
C PHE B 36 18.12 14.64 -59.23
N ALA B 37 17.87 13.69 -60.13
CA ALA B 37 18.51 13.72 -61.43
C ALA B 37 18.12 14.96 -62.22
N ILE B 38 16.81 15.26 -62.26
CA ILE B 38 16.35 16.42 -63.04
C ILE B 38 16.84 17.71 -62.40
N LEU B 39 16.85 17.79 -61.07
CA LEU B 39 17.36 18.99 -60.43
C LEU B 39 18.84 19.18 -60.73
N LYS B 40 19.61 18.09 -60.70
CA LYS B 40 21.01 18.17 -61.09
C LYS B 40 21.16 18.65 -62.53
N GLN B 41 20.24 18.23 -63.41
CA GLN B 41 20.35 18.61 -64.81
C GLN B 41 19.99 20.07 -65.04
N HIS B 42 18.93 20.57 -64.38
CA HIS B 42 18.65 22.00 -64.45
C HIS B 42 19.79 22.81 -63.86
N ALA B 43 20.43 22.30 -62.80
CA ALA B 43 21.62 22.95 -62.28
C ALA B 43 22.74 22.97 -63.32
N LYS B 44 22.90 21.88 -64.06
CA LYS B 44 23.88 21.84 -65.14
C LYS B 44 23.50 22.81 -66.25
N SER B 45 22.20 22.99 -66.49
CA SER B 45 21.73 23.94 -67.49
C SER B 45 21.92 25.39 -67.04
N GLY B 46 22.31 25.62 -65.79
CA GLY B 46 22.48 26.96 -65.27
C GLY B 46 21.27 27.54 -64.59
N GLU B 47 20.13 26.86 -64.64
CA GLU B 47 18.92 27.36 -63.99
C GLU B 47 19.01 27.15 -62.49
N ASP B 48 18.72 28.20 -61.73
CA ASP B 48 18.67 28.10 -60.28
C ASP B 48 17.37 27.43 -59.85
N ILE B 49 17.46 26.58 -58.84
CA ILE B 49 16.30 25.88 -58.30
C ILE B 49 16.03 26.39 -56.89
N PHE B 50 14.75 26.39 -56.53
CA PHE B 50 14.31 26.93 -55.25
C PHE B 50 14.00 25.80 -54.27
N GLY B 51 14.12 26.10 -52.99
CA GLY B 51 13.79 25.14 -51.96
C GLY B 51 13.62 25.78 -50.59
N ASP B 52 12.77 25.19 -49.76
CA ASP B 52 12.52 25.71 -48.43
C ASP B 52 12.31 24.55 -47.48
N GLY B 53 12.55 24.82 -46.20
CA GLY B 53 12.37 23.81 -45.17
C GLY B 53 12.66 24.39 -43.81
N VAL B 54 12.23 23.66 -42.80
CA VAL B 54 12.42 24.07 -41.42
C VAL B 54 13.79 23.58 -40.96
N LEU B 55 14.59 24.48 -40.42
CA LEU B 55 15.98 24.17 -40.10
C LEU B 55 16.09 23.43 -38.78
N GLU B 56 16.86 22.36 -38.78
CA GLU B 56 17.21 21.61 -37.57
C GLU B 56 18.72 21.62 -37.47
N ILE B 57 19.24 22.22 -36.40
CA ILE B 57 20.67 22.33 -36.20
C ILE B 57 21.16 21.14 -35.38
N LEU B 58 22.14 20.42 -35.92
CA LEU B 58 22.68 19.27 -35.22
C LEU B 58 23.68 19.71 -34.15
N GLN B 59 24.19 18.74 -33.40
CA GLN B 59 25.09 19.07 -32.30
C GLN B 59 26.44 19.57 -32.79
N ASP B 60 26.79 19.28 -34.04
CA ASP B 60 28.09 19.64 -34.58
C ASP B 60 28.10 20.97 -35.30
N GLY B 61 26.96 21.66 -35.38
CA GLY B 61 26.89 22.98 -35.96
C GLY B 61 26.35 23.02 -37.38
N PHE B 62 26.35 21.90 -38.09
CA PHE B 62 25.80 21.83 -39.42
C PHE B 62 24.31 21.51 -39.35
N GLY B 63 23.53 22.09 -40.26
CA GLY B 63 22.10 21.95 -40.16
C GLY B 63 21.42 21.32 -41.36
N PHE B 64 20.25 20.75 -41.14
CA PHE B 64 19.47 20.13 -42.20
C PHE B 64 18.10 20.80 -42.29
N LEU B 65 17.66 21.04 -43.52
CA LEU B 65 16.36 21.65 -43.77
C LEU B 65 15.33 20.54 -43.97
N ARG B 66 14.66 20.17 -42.89
CA ARG B 66 13.65 19.12 -42.97
C ARG B 66 12.38 19.66 -43.61
N SER B 67 11.62 18.74 -44.21
CA SER B 67 10.37 19.08 -44.87
C SER B 67 9.18 18.82 -43.95
N ALA B 68 8.14 19.64 -44.09
CA ALA B 68 6.99 19.52 -43.21
C ALA B 68 6.10 18.34 -43.58
N ASP B 69 5.99 18.01 -44.87
CA ASP B 69 5.10 16.94 -45.28
C ASP B 69 5.54 15.58 -44.73
N SER B 70 6.85 15.35 -44.64
CA SER B 70 7.38 14.12 -44.07
C SER B 70 7.46 14.18 -42.55
N SER B 71 6.78 15.14 -41.93
CA SER B 71 6.83 15.31 -40.47
C SER B 71 8.26 15.46 -39.97
N TYR B 72 9.07 16.20 -40.73
CA TYR B 72 10.47 16.48 -40.37
C TYR B 72 11.25 15.18 -40.17
N LEU B 73 11.03 14.22 -41.05
CA LEU B 73 11.78 12.97 -41.01
C LEU B 73 13.04 13.09 -41.86
N ALA B 74 14.13 12.56 -41.34
CA ALA B 74 15.39 12.60 -42.08
C ALA B 74 15.27 11.83 -43.39
N GLY B 75 15.73 12.45 -44.48
CA GLY B 75 15.63 11.84 -45.78
C GLY B 75 16.66 12.39 -46.75
N PRO B 76 16.76 11.77 -47.93
CA PRO B 76 17.74 12.24 -48.92
C PRO B 76 17.48 13.66 -49.40
N ASP B 77 16.21 14.09 -49.42
CA ASP B 77 15.86 15.39 -49.96
C ASP B 77 16.18 16.55 -49.02
N ASP B 78 16.64 16.27 -47.80
CA ASP B 78 16.98 17.32 -46.87
C ASP B 78 18.17 18.14 -47.37
N ILE B 79 18.06 19.44 -47.25
CA ILE B 79 19.10 20.35 -47.70
C ILE B 79 20.12 20.54 -46.58
N TYR B 80 21.36 20.81 -46.96
CA TYR B 80 22.47 20.97 -46.03
C TYR B 80 22.83 22.45 -45.93
N VAL B 81 22.92 22.96 -44.70
CA VAL B 81 23.34 24.34 -44.45
C VAL B 81 24.57 24.30 -43.56
N SER B 82 25.61 25.02 -43.97
CA SER B 82 26.88 24.99 -43.29
C SER B 82 26.83 25.83 -42.02
N PRO B 83 27.67 25.51 -41.02
CA PRO B 83 27.73 26.38 -39.83
C PRO B 83 28.12 27.80 -40.14
N SER B 84 28.91 28.02 -41.19
CA SER B 84 29.25 29.39 -41.59
C SER B 84 28.00 30.17 -41.99
N GLN B 85 27.08 29.52 -42.69
CA GLN B 85 25.83 30.19 -43.05
C GLN B 85 25.01 30.53 -41.81
N ILE B 86 25.02 29.66 -40.80
CA ILE B 86 24.32 29.95 -39.56
C ILE B 86 24.97 31.12 -38.83
N ARG B 87 26.30 31.20 -38.88
CA ARG B 87 26.96 32.35 -38.25
C ARG B 87 26.72 33.63 -39.02
N ARG B 88 26.53 33.54 -40.33
CA ARG B 88 26.32 34.74 -41.14
C ARG B 88 25.01 35.42 -40.77
N PHE B 89 23.89 34.73 -40.97
CA PHE B 89 22.59 35.18 -40.49
C PHE B 89 22.23 34.31 -39.28
N ASN B 90 21.96 34.96 -38.15
CA ASN B 90 21.70 34.22 -36.92
C ASN B 90 20.49 33.32 -37.08
N LEU B 91 20.72 32.01 -37.11
CA LEU B 91 19.68 31.03 -37.36
C LEU B 91 19.60 30.05 -36.20
N ARG B 92 18.37 29.76 -35.78
CA ARG B 92 18.11 28.80 -34.72
C ARG B 92 17.18 27.71 -35.24
N THR B 93 17.15 26.59 -34.54
CA THR B 93 16.31 25.47 -34.94
C THR B 93 14.85 25.91 -34.98
N GLY B 94 14.17 25.55 -36.06
CA GLY B 94 12.80 25.98 -36.27
C GLY B 94 12.62 27.16 -37.20
N ASP B 95 13.69 27.63 -37.84
CA ASP B 95 13.61 28.75 -38.76
C ASP B 95 13.25 28.24 -40.14
N THR B 96 12.13 28.73 -40.70
CA THR B 96 11.66 28.31 -42.01
C THR B 96 12.52 28.99 -43.07
N ILE B 97 13.61 28.33 -43.44
CA ILE B 97 14.58 28.88 -44.37
C ILE B 97 14.13 28.59 -45.80
N SER B 98 14.09 29.62 -46.63
CA SER B 98 13.76 29.48 -48.04
C SER B 98 14.82 30.19 -48.88
N GLY B 99 15.23 29.53 -49.96
CA GLY B 99 16.28 30.10 -50.80
C GLY B 99 16.55 29.26 -52.03
N LYS B 100 17.77 29.38 -52.53
CA LYS B 100 18.21 28.67 -53.73
C LYS B 100 19.07 27.48 -53.35
N ILE B 101 18.97 26.41 -54.14
CA ILE B 101 19.62 25.14 -53.84
C ILE B 101 20.66 24.85 -54.92
N ARG B 102 21.83 24.39 -54.48
CA ARG B 102 22.85 23.97 -55.42
C ARG B 102 22.95 22.45 -55.43
N PRO B 103 23.38 21.86 -56.54
CA PRO B 103 23.50 20.40 -56.59
C PRO B 103 24.56 19.93 -55.62
N PRO B 104 24.41 18.74 -55.06
CA PRO B 104 25.41 18.23 -54.11
C PRO B 104 26.76 18.05 -54.77
N LYS B 105 27.81 18.36 -54.02
CA LYS B 105 29.16 18.17 -54.51
C LYS B 105 29.50 16.67 -54.54
N GLU B 106 30.45 16.32 -55.41
CA GLU B 106 30.92 14.94 -55.48
C GLU B 106 31.48 14.51 -54.14
N GLY B 107 30.98 13.38 -53.64
CA GLY B 107 31.30 12.93 -52.30
C GLY B 107 30.40 13.51 -51.23
N GLU B 108 29.55 14.46 -51.57
CA GLU B 108 28.60 15.07 -50.64
C GLU B 108 27.20 14.61 -51.03
N ARG B 109 26.50 13.96 -50.09
CA ARG B 109 25.24 13.32 -50.43
C ARG B 109 24.12 14.34 -50.60
N TYR B 110 24.06 15.35 -49.74
CA TYR B 110 22.89 16.22 -49.65
C TYR B 110 23.10 17.50 -50.45
N PHE B 111 21.98 18.04 -50.94
CA PHE B 111 21.99 19.35 -51.58
C PHE B 111 22.42 20.42 -50.58
N ALA B 112 22.84 21.56 -51.11
CA ALA B 112 23.30 22.66 -50.28
C ALA B 112 22.60 23.96 -50.68
N LEU B 113 22.56 24.89 -49.73
CA LEU B 113 21.95 26.20 -49.92
C LEU B 113 23.04 27.22 -50.21
N LEU B 114 23.02 27.82 -51.41
CA LEU B 114 24.00 28.84 -51.73
C LEU B 114 23.76 30.10 -50.90
N LYS B 115 22.52 30.56 -50.86
CA LYS B 115 22.16 31.75 -50.09
C LYS B 115 20.70 31.65 -49.72
N VAL B 116 20.33 32.40 -48.68
CA VAL B 116 18.96 32.40 -48.14
C VAL B 116 18.30 33.71 -48.53
N ASN B 117 17.12 33.61 -49.14
CA ASN B 117 16.34 34.80 -49.49
C ASN B 117 15.12 34.98 -48.61
N GLU B 118 14.86 34.08 -47.66
CA GLU B 118 13.76 34.28 -46.73
C GLU B 118 14.01 33.48 -45.47
N VAL B 119 13.86 34.15 -44.32
CA VAL B 119 13.93 33.50 -43.02
C VAL B 119 12.65 33.84 -42.26
N ASN B 120 11.88 32.82 -41.91
CA ASN B 120 10.66 32.98 -41.12
C ASN B 120 9.69 33.96 -41.79
N PHE B 121 9.49 33.78 -43.10
CA PHE B 121 8.49 34.51 -43.87
C PHE B 121 8.78 36.01 -43.96
N ASP B 122 10.05 36.41 -43.88
CA ASP B 122 10.43 37.79 -44.17
C ASP B 122 11.91 37.81 -44.52
N LYS B 123 12.39 38.99 -44.89
CA LYS B 123 13.77 39.14 -45.32
C LYS B 123 14.72 38.92 -44.13
N PRO B 124 15.94 38.45 -44.40
CA PRO B 124 16.89 38.22 -43.29
C PRO B 124 17.21 39.48 -42.51
N GLU B 125 17.22 40.64 -43.16
CA GLU B 125 17.56 41.88 -42.47
C GLU B 125 16.58 42.17 -41.34
N ASN B 126 15.28 41.98 -41.58
CA ASN B 126 14.30 42.17 -40.53
C ASN B 126 14.32 41.02 -39.53
N ALA B 127 14.63 39.81 -39.99
CA ALA B 127 14.63 38.65 -39.11
C ALA B 127 15.80 38.66 -38.13
N ARG B 128 16.87 39.38 -38.44
CA ARG B 128 18.01 39.44 -37.54
C ARG B 128 17.76 40.27 -36.29
N ASN B 129 16.68 41.05 -36.25
CA ASN B 129 16.42 41.98 -35.17
C ASN B 129 15.36 41.48 -34.18
N LYS B 130 14.97 40.21 -34.27
CA LYS B 130 13.95 39.69 -33.38
C LYS B 130 14.54 39.34 -32.02
N ILE B 131 13.66 39.24 -31.04
CA ILE B 131 14.05 38.94 -29.67
C ILE B 131 13.80 37.47 -29.38
N LEU B 132 14.55 36.94 -28.42
CA LEU B 132 14.40 35.54 -28.04
C LEU B 132 13.07 35.31 -27.33
N PHE B 133 12.68 34.04 -27.27
CA PHE B 133 11.39 33.69 -26.67
C PHE B 133 11.39 33.92 -25.17
N GLU B 134 12.45 33.48 -24.48
CA GLU B 134 12.48 33.60 -23.03
C GLU B 134 12.55 35.05 -22.58
N ASN B 135 13.07 35.94 -23.42
CA ASN B 135 13.10 37.36 -23.07
C ASN B 135 11.71 37.98 -23.10
N LEU B 136 10.77 37.39 -23.84
CA LEU B 136 9.43 37.95 -23.92
C LEU B 136 8.70 37.77 -22.59
N THR B 137 7.96 38.80 -22.19
CA THR B 137 7.22 38.76 -20.96
C THR B 137 5.88 38.07 -21.17
N PRO B 138 5.59 36.99 -20.44
CA PRO B 138 4.28 36.35 -20.59
C PRO B 138 3.17 37.21 -20.02
N LEU B 139 1.94 36.84 -20.34
CA LEU B 139 0.78 37.58 -19.88
C LEU B 139 -0.42 36.66 -19.84
N HIS B 140 -1.45 37.09 -19.11
CA HIS B 140 -2.70 36.35 -19.10
C HIS B 140 -3.41 36.49 -20.44
N ALA B 141 -4.11 35.44 -20.83
CA ALA B 141 -4.85 35.46 -22.08
C ALA B 141 -6.02 36.43 -21.96
N ASN B 142 -6.12 37.36 -22.92
CA ASN B 142 -7.20 38.32 -22.95
C ASN B 142 -7.98 38.36 -24.26
N SER B 143 -7.35 38.06 -25.38
CA SER B 143 -8.04 37.97 -26.66
C SER B 143 -8.69 36.60 -26.78
N ARG B 144 -9.98 36.59 -27.10
CA ARG B 144 -10.77 35.36 -27.10
C ARG B 144 -10.83 34.78 -28.50
N LEU B 145 -10.52 33.49 -28.62
CA LEU B 145 -10.70 32.75 -29.86
C LEU B 145 -12.13 32.21 -29.85
N ARG B 146 -13.04 32.93 -30.49
CA ARG B 146 -14.44 32.53 -30.49
C ARG B 146 -14.64 31.30 -31.34
N MET B 147 -14.63 30.13 -30.71
CA MET B 147 -14.71 28.85 -31.41
C MET B 147 -16.17 28.57 -31.75
N GLU B 148 -16.70 29.35 -32.69
CA GLU B 148 -18.10 29.25 -33.05
C GLU B 148 -18.31 29.88 -34.42
N ARG B 149 -18.97 29.14 -35.32
CA ARG B 149 -19.21 29.62 -36.67
C ARG B 149 -20.66 30.06 -36.90
N GLY B 150 -21.59 29.57 -36.08
CA GLY B 150 -22.97 30.02 -36.17
C GLY B 150 -23.69 29.67 -37.46
N ASN B 151 -23.41 28.51 -38.04
CA ASN B 151 -24.09 28.06 -39.23
C ASN B 151 -25.28 27.15 -38.93
N GLY B 152 -25.53 26.84 -37.66
CA GLY B 152 -26.66 26.04 -37.27
C GLY B 152 -26.51 24.55 -37.50
N SER B 153 -25.34 24.09 -37.93
CA SER B 153 -25.15 22.67 -38.17
C SER B 153 -25.03 21.91 -36.86
N THR B 154 -25.21 20.59 -36.94
CA THR B 154 -25.07 19.75 -35.76
C THR B 154 -23.63 19.64 -35.29
N GLU B 155 -22.67 19.96 -36.15
CA GLU B 155 -21.27 19.99 -35.71
C GLU B 155 -20.96 21.24 -34.89
N ASP B 156 -21.61 22.36 -35.20
CA ASP B 156 -21.42 23.59 -34.43
C ASP B 156 -21.94 23.47 -33.01
N LEU B 157 -22.76 22.45 -32.72
CA LEU B 157 -23.25 22.25 -31.37
C LEU B 157 -22.10 21.98 -30.41
N THR B 158 -21.14 21.16 -30.83
CA THR B 158 -19.96 20.90 -30.01
C THR B 158 -19.19 22.19 -29.74
N ALA B 159 -19.04 23.03 -30.77
CA ALA B 159 -18.35 24.29 -30.59
C ALA B 159 -19.08 25.20 -29.61
N ARG B 160 -20.42 25.24 -29.69
CA ARG B 160 -21.20 26.04 -28.75
C ARG B 160 -21.01 25.55 -27.33
N VAL B 161 -21.10 24.24 -27.12
CA VAL B 161 -20.96 23.70 -25.77
C VAL B 161 -19.55 23.94 -25.24
N LEU B 162 -18.54 23.85 -26.10
CA LEU B 162 -17.18 24.14 -25.67
C LEU B 162 -17.03 25.60 -25.30
N ASP B 163 -17.63 26.50 -26.07
CA ASP B 163 -17.56 27.93 -25.73
C ASP B 163 -18.22 28.20 -24.40
N LEU B 164 -19.36 27.57 -24.14
CA LEU B 164 -20.04 27.79 -22.86
C LEU B 164 -19.26 27.20 -21.70
N ALA B 165 -18.70 26.00 -21.87
CA ALA B 165 -18.10 25.29 -20.75
C ALA B 165 -16.78 25.92 -20.34
N SER B 166 -15.92 26.24 -21.30
CA SER B 166 -14.59 26.78 -21.01
C SER B 166 -14.14 27.60 -22.20
N PRO B 167 -14.28 28.93 -22.13
CA PRO B 167 -13.78 29.78 -23.22
C PRO B 167 -12.29 29.60 -23.43
N ILE B 168 -11.88 29.73 -24.69
CA ILE B 168 -10.49 29.56 -25.09
C ILE B 168 -9.99 30.90 -25.61
N GLY B 169 -8.84 31.35 -25.09
CA GLY B 169 -8.24 32.59 -25.49
C GLY B 169 -6.89 32.39 -26.18
N ARG B 170 -6.40 33.47 -26.76
CA ARG B 170 -5.11 33.45 -27.42
C ARG B 170 -4.00 33.35 -26.38
N GLY B 171 -3.08 32.41 -26.58
CA GLY B 171 -2.03 32.18 -25.61
C GLY B 171 -2.43 31.35 -24.42
N GLN B 172 -3.57 30.65 -24.50
CA GLN B 172 -4.03 29.86 -23.39
C GLN B 172 -3.21 28.57 -23.27
N ARG B 173 -3.40 27.87 -22.15
CA ARG B 173 -2.75 26.60 -21.88
C ARG B 173 -3.83 25.65 -21.37
N GLY B 174 -4.36 24.83 -22.26
CA GLY B 174 -5.48 23.99 -21.95
C GLY B 174 -5.14 22.52 -21.89
N LEU B 175 -5.90 21.79 -21.09
CA LEU B 175 -5.76 20.35 -20.96
C LEU B 175 -7.13 19.71 -21.17
N ILE B 176 -7.20 18.78 -22.11
CA ILE B 176 -8.42 18.02 -22.38
C ILE B 176 -8.22 16.66 -21.75
N VAL B 177 -8.85 16.44 -20.59
CA VAL B 177 -8.76 15.19 -19.87
C VAL B 177 -9.87 14.28 -20.37
N ALA B 178 -9.50 13.14 -20.95
CA ALA B 178 -10.48 12.29 -21.60
C ALA B 178 -10.22 10.83 -21.30
N PRO B 179 -11.28 10.02 -21.25
CA PRO B 179 -11.12 8.57 -21.12
C PRO B 179 -10.68 7.96 -22.44
N PRO B 180 -10.33 6.67 -22.47
CA PRO B 180 -9.90 6.05 -23.73
C PRO B 180 -10.91 6.15 -24.85
N LYS B 181 -12.21 6.09 -24.54
CA LYS B 181 -13.27 6.13 -25.54
C LYS B 181 -14.25 7.22 -25.13
N ALA B 182 -14.01 8.43 -25.61
CA ALA B 182 -14.93 9.53 -25.35
C ALA B 182 -15.18 10.45 -26.53
N GLY B 183 -14.38 10.39 -27.60
CA GLY B 183 -14.56 11.27 -28.72
C GLY B 183 -13.52 12.37 -28.79
N LYS B 184 -12.28 12.04 -28.43
CA LYS B 184 -11.22 13.05 -28.45
C LYS B 184 -10.87 13.47 -29.86
N THR B 185 -10.78 12.50 -30.79
CA THR B 185 -10.31 12.82 -32.14
C THR B 185 -11.26 13.78 -32.84
N MET B 186 -12.56 13.51 -32.78
CA MET B 186 -13.50 14.41 -33.44
C MET B 186 -13.68 15.72 -32.70
N LEU B 187 -13.46 15.73 -31.38
CA LEU B 187 -13.42 17.00 -30.66
C LEU B 187 -12.28 17.86 -31.17
N LEU B 188 -11.09 17.28 -31.32
CA LEU B 188 -9.96 18.03 -31.85
C LEU B 188 -10.19 18.45 -33.30
N GLN B 189 -10.84 17.59 -34.08
CA GLN B 189 -11.16 17.94 -35.46
C GLN B 189 -12.11 19.13 -35.52
N ASN B 190 -13.14 19.14 -34.67
CA ASN B 190 -14.05 20.27 -34.62
C ASN B 190 -13.34 21.54 -34.18
N ILE B 191 -12.43 21.40 -33.21
CA ILE B 191 -11.67 22.57 -32.76
C ILE B 191 -10.83 23.12 -33.90
N ALA B 192 -10.15 22.24 -34.64
CA ALA B 192 -9.31 22.68 -35.75
C ALA B 192 -10.13 23.33 -36.85
N GLN B 193 -11.31 22.77 -37.15
CA GLN B 193 -12.17 23.37 -38.17
C GLN B 193 -12.68 24.73 -37.74
N SER B 194 -13.05 24.87 -36.46
CA SER B 194 -13.50 26.16 -35.97
C SER B 194 -12.37 27.19 -36.03
N ILE B 195 -11.15 26.78 -35.69
CA ILE B 195 -10.02 27.69 -35.79
C ILE B 195 -9.79 28.09 -37.24
N ALA B 196 -9.89 27.13 -38.16
CA ALA B 196 -9.65 27.41 -39.58
C ALA B 196 -10.67 28.40 -40.12
N TYR B 197 -11.94 28.25 -39.72
CA TYR B 197 -12.97 29.15 -40.24
C TYR B 197 -12.93 30.51 -39.54
N ASN B 198 -13.09 30.51 -38.22
CA ASN B 198 -13.24 31.78 -37.50
C ASN B 198 -11.99 32.64 -37.59
N HIS B 199 -10.82 32.05 -37.44
CA HIS B 199 -9.56 32.79 -37.33
C HIS B 199 -8.57 32.28 -38.36
N PRO B 200 -8.71 32.71 -39.63
CA PRO B 200 -7.74 32.29 -40.65
C PRO B 200 -6.34 32.83 -40.41
N ASP B 201 -6.18 33.88 -39.62
CA ASP B 201 -4.86 34.48 -39.43
C ASP B 201 -3.96 33.62 -38.56
N CYS B 202 -4.54 32.83 -37.65
CA CYS B 202 -3.73 32.03 -36.74
C CYS B 202 -3.05 30.89 -37.48
N VAL B 203 -1.81 30.62 -37.11
CA VAL B 203 -1.04 29.51 -37.68
C VAL B 203 -1.40 28.26 -36.90
N LEU B 204 -2.10 27.33 -37.53
CA LEU B 204 -2.60 26.14 -36.86
C LEU B 204 -1.67 24.97 -37.14
N MET B 205 -1.23 24.31 -36.06
CA MET B 205 -0.40 23.11 -36.15
C MET B 205 -1.03 22.02 -35.31
N VAL B 206 -1.17 20.84 -35.90
CA VAL B 206 -1.69 19.67 -35.19
C VAL B 206 -0.55 18.67 -35.05
N LEU B 207 -0.23 18.32 -33.81
CA LEU B 207 0.87 17.41 -33.51
C LEU B 207 0.28 16.13 -32.93
N LEU B 208 0.33 15.05 -33.70
CA LEU B 208 -0.15 13.75 -33.27
C LEU B 208 1.05 12.87 -32.91
N ILE B 209 0.96 12.17 -31.79
CA ILE B 209 2.05 11.35 -31.29
C ILE B 209 1.50 9.96 -30.99
N ASP B 210 2.18 8.93 -31.50
CA ASP B 210 1.81 7.54 -31.28
C ASP B 210 0.40 7.25 -31.79
N GLU B 211 0.05 7.84 -32.93
CA GLU B 211 -1.23 7.57 -33.56
C GLU B 211 -1.14 6.41 -34.53
N ARG B 212 -2.29 5.92 -34.91
CA ARG B 212 -2.40 4.91 -35.95
C ARG B 212 -2.17 5.56 -37.32
N PRO B 213 -1.69 4.79 -38.30
CA PRO B 213 -1.40 5.38 -39.61
C PRO B 213 -2.62 5.97 -40.31
N GLU B 214 -3.82 5.43 -40.10
CA GLU B 214 -4.99 5.95 -40.79
C GLU B 214 -5.48 7.27 -40.21
N GLU B 215 -5.39 7.44 -38.90
CA GLU B 215 -5.78 8.71 -38.28
C GLU B 215 -4.92 9.85 -38.80
N VAL B 216 -3.66 9.58 -39.12
CA VAL B 216 -2.78 10.61 -39.65
C VAL B 216 -3.32 11.12 -40.98
N THR B 217 -3.70 10.20 -41.87
CA THR B 217 -4.26 10.60 -43.15
C THR B 217 -5.59 11.32 -42.98
N GLU B 218 -6.42 10.83 -42.05
CA GLU B 218 -7.71 11.47 -41.80
C GLU B 218 -7.52 12.93 -41.38
N MET B 219 -6.63 13.17 -40.41
CA MET B 219 -6.40 14.53 -39.96
C MET B 219 -5.73 15.37 -41.04
N GLN B 220 -4.83 14.77 -41.82
CA GLN B 220 -4.16 15.52 -42.88
C GLN B 220 -5.14 15.99 -43.93
N ARG B 221 -6.09 15.14 -44.30
CA ARG B 221 -7.08 15.54 -45.30
C ARG B 221 -8.15 16.46 -44.71
N LEU B 222 -8.40 16.37 -43.40
CA LEU B 222 -9.46 17.16 -42.79
C LEU B 222 -8.99 18.55 -42.37
N VAL B 223 -7.87 18.62 -41.65
CA VAL B 223 -7.41 19.88 -41.09
C VAL B 223 -6.87 20.77 -42.19
N LYS B 224 -7.29 22.04 -42.20
CA LYS B 224 -6.85 23.00 -43.20
C LYS B 224 -5.47 23.57 -42.94
N GLY B 225 -4.87 23.27 -41.78
CA GLY B 225 -3.55 23.75 -41.44
C GLY B 225 -2.50 22.68 -41.57
N GLU B 226 -1.38 22.89 -40.89
CA GLU B 226 -0.28 21.95 -40.90
C GLU B 226 -0.52 20.81 -39.92
N VAL B 227 -0.30 19.59 -40.39
CA VAL B 227 -0.44 18.39 -39.57
C VAL B 227 0.83 17.58 -39.67
N VAL B 228 1.46 17.31 -38.54
CA VAL B 228 2.61 16.42 -38.46
C VAL B 228 2.30 15.35 -37.43
N ALA B 229 2.82 14.15 -37.65
CA ALA B 229 2.46 13.03 -36.80
C ALA B 229 3.57 12.00 -36.78
N SER B 230 3.57 11.18 -35.74
CA SER B 230 4.52 10.08 -35.60
C SER B 230 3.74 8.85 -35.17
N THR B 231 3.67 7.85 -36.04
CA THR B 231 2.91 6.64 -35.74
C THR B 231 3.59 5.83 -34.66
N PHE B 232 2.83 4.90 -34.07
CA PHE B 232 3.33 4.13 -32.93
C PHE B 232 4.50 3.23 -33.32
N ASP B 233 4.56 2.80 -34.58
CA ASP B 233 5.63 1.89 -34.98
C ASP B 233 7.00 2.57 -34.92
N GLU B 234 7.04 3.89 -35.06
CA GLU B 234 8.30 4.61 -34.96
C GLU B 234 8.80 4.61 -33.52
N PRO B 235 10.11 4.68 -33.32
CA PRO B 235 10.64 4.64 -31.96
C PRO B 235 10.34 5.93 -31.20
N ALA B 236 10.62 5.89 -29.90
CA ALA B 236 10.35 7.05 -29.04
C ALA B 236 11.21 8.24 -29.42
N SER B 237 12.43 8.00 -29.91
CA SER B 237 13.29 9.10 -30.33
C SER B 237 12.64 9.90 -31.44
N ARG B 238 11.90 9.23 -32.33
CA ARG B 238 11.20 9.96 -33.39
C ARG B 238 10.13 10.87 -32.81
N HIS B 239 9.36 10.38 -31.82
CA HIS B 239 8.36 11.23 -31.18
C HIS B 239 9.02 12.44 -30.53
N VAL B 240 10.12 12.21 -29.82
CA VAL B 240 10.81 13.32 -29.17
C VAL B 240 11.28 14.33 -30.20
N GLN B 241 11.88 13.84 -31.29
CA GLN B 241 12.42 14.73 -32.30
C GLN B 241 11.32 15.57 -32.95
N VAL B 242 10.19 14.95 -33.27
CA VAL B 242 9.12 15.71 -33.90
C VAL B 242 8.52 16.72 -32.93
N ALA B 243 8.44 16.37 -31.64
CA ALA B 243 7.94 17.32 -30.65
C ALA B 243 8.85 18.53 -30.55
N GLU B 244 10.17 18.31 -30.45
CA GLU B 244 11.08 19.44 -30.41
C GLU B 244 10.99 20.28 -31.67
N MET B 245 10.90 19.64 -32.83
CA MET B 245 10.86 20.39 -34.07
C MET B 245 9.63 21.30 -34.11
N VAL B 246 8.47 20.76 -33.72
CA VAL B 246 7.25 21.54 -33.73
C VAL B 246 7.34 22.69 -32.75
N ILE B 247 7.85 22.44 -31.54
CA ILE B 247 7.83 23.50 -30.53
C ILE B 247 8.82 24.61 -30.89
N GLU B 248 9.99 24.26 -31.43
CA GLU B 248 10.91 25.29 -31.91
C GLU B 248 10.31 26.10 -33.04
N LYS B 249 9.63 25.43 -33.98
CA LYS B 249 9.02 26.18 -35.07
C LYS B 249 7.96 27.15 -34.55
N ALA B 250 7.16 26.70 -33.57
CA ALA B 250 6.14 27.57 -32.99
C ALA B 250 6.78 28.76 -32.28
N LYS B 251 7.86 28.52 -31.54
CA LYS B 251 8.53 29.62 -30.86
C LYS B 251 9.07 30.63 -31.85
N ARG B 252 9.69 30.16 -32.93
CA ARG B 252 10.23 31.08 -33.94
C ARG B 252 9.10 31.89 -34.57
N LEU B 253 7.97 31.25 -34.86
CA LEU B 253 6.86 31.99 -35.43
C LEU B 253 6.30 33.03 -34.46
N VAL B 254 6.23 32.69 -33.17
CA VAL B 254 5.73 33.64 -32.19
C VAL B 254 6.69 34.83 -32.06
N GLU B 255 7.99 34.57 -32.19
CA GLU B 255 8.96 35.67 -32.10
C GLU B 255 8.74 36.73 -33.16
N HIS B 256 8.03 36.40 -34.24
CA HIS B 256 7.71 37.36 -35.30
C HIS B 256 6.29 37.87 -35.20
N LYS B 257 5.76 38.01 -33.98
CA LYS B 257 4.44 38.60 -33.73
C LYS B 257 3.34 37.85 -34.45
N LYS B 258 3.31 36.53 -34.29
CA LYS B 258 2.28 35.69 -34.87
C LYS B 258 1.50 34.97 -33.77
N ASP B 259 0.26 34.62 -34.08
CA ASP B 259 -0.61 33.88 -33.17
C ASP B 259 -0.63 32.44 -33.65
N VAL B 260 0.09 31.56 -32.96
CA VAL B 260 0.17 30.17 -33.36
C VAL B 260 -0.61 29.32 -32.39
N ILE B 261 -1.16 28.22 -32.90
CA ILE B 261 -1.97 27.29 -32.13
C ILE B 261 -1.44 25.88 -32.35
N ILE B 262 -1.30 25.12 -31.27
CA ILE B 262 -0.82 23.75 -31.32
C ILE B 262 -1.83 22.86 -30.61
N LEU B 263 -2.47 21.98 -31.37
CA LEU B 263 -3.37 20.98 -30.82
C LEU B 263 -2.59 19.68 -30.67
N LEU B 264 -2.33 19.28 -29.43
CA LEU B 264 -1.50 18.14 -29.14
C LEU B 264 -2.37 16.92 -28.88
N ASP B 265 -2.19 15.89 -29.70
CA ASP B 265 -2.95 14.65 -29.58
C ASP B 265 -2.90 14.12 -28.16
N SER B 266 -1.71 14.10 -27.57
CA SER B 266 -1.57 13.60 -26.21
C SER B 266 -0.28 14.11 -25.60
N ILE B 267 -0.38 14.62 -24.37
CA ILE B 267 0.80 14.88 -23.56
C ILE B 267 1.23 13.63 -22.81
N THR B 268 0.31 12.66 -22.64
CA THR B 268 0.66 11.41 -21.98
C THR B 268 1.64 10.60 -22.80
N ARG B 269 1.38 10.45 -24.11
CA ARG B 269 2.28 9.69 -24.96
C ARG B 269 3.61 10.42 -25.13
N LEU B 270 3.58 11.75 -25.17
CA LEU B 270 4.83 12.51 -25.23
C LEU B 270 5.65 12.30 -23.97
N ALA B 271 4.99 12.30 -22.81
CA ALA B 271 5.70 12.02 -21.56
C ALA B 271 6.27 10.61 -21.56
N ARG B 272 5.51 9.64 -22.09
CA ARG B 272 6.02 8.28 -22.19
C ARG B 272 7.26 8.22 -23.07
N ALA B 273 7.23 8.91 -24.21
CA ALA B 273 8.38 8.92 -25.10
C ALA B 273 9.59 9.55 -24.44
N TYR B 274 9.38 10.65 -23.72
CA TYR B 274 10.50 11.29 -23.04
C TYR B 274 11.05 10.40 -21.93
N ASN B 275 10.16 9.73 -21.20
CA ASN B 275 10.61 8.80 -20.15
C ASN B 275 11.45 7.68 -20.74
N THR B 276 11.02 7.13 -21.86
CA THR B 276 11.79 6.07 -22.50
C THR B 276 13.13 6.59 -23.00
N VAL B 277 13.14 7.77 -23.63
CA VAL B 277 14.37 8.27 -24.26
C VAL B 277 15.39 8.70 -23.21
N VAL B 278 14.95 9.41 -22.18
CA VAL B 278 15.88 10.04 -21.25
C VAL B 278 16.63 8.96 -20.47
N PRO B 279 17.92 9.12 -20.19
CA PRO B 279 18.61 8.16 -19.33
C PRO B 279 18.13 8.27 -17.89
N ALA B 280 18.20 7.15 -17.18
CA ALA B 280 17.80 7.12 -15.78
C ALA B 280 18.78 7.92 -14.93
N SER B 281 18.24 8.64 -13.95
CA SER B 281 19.04 9.47 -13.05
C SER B 281 19.16 8.87 -11.65
N GLY B 282 18.73 7.62 -11.47
CA GLY B 282 18.83 6.96 -10.20
C GLY B 282 17.63 7.14 -9.29
N LYS B 283 16.78 8.14 -9.56
CA LYS B 283 15.57 8.38 -8.78
C LYS B 283 14.38 8.00 -9.64
N VAL B 284 13.57 7.06 -9.15
CA VAL B 284 12.42 6.56 -9.86
C VAL B 284 11.20 6.67 -8.96
N LEU B 285 10.14 7.29 -9.47
CA LEU B 285 8.90 7.44 -8.73
C LEU B 285 7.99 6.25 -9.02
N THR B 286 6.73 6.33 -8.60
CA THR B 286 5.77 5.29 -8.90
C THR B 286 5.50 5.21 -10.39
N GLY B 287 5.27 4.00 -10.88
CA GLY B 287 5.03 3.79 -12.30
C GLY B 287 6.27 3.72 -13.15
N GLY B 288 7.45 3.66 -12.54
CA GLY B 288 8.69 3.58 -13.30
C GLY B 288 9.01 4.82 -14.11
N VAL B 289 8.76 6.00 -13.54
CA VAL B 289 9.10 7.26 -14.20
C VAL B 289 10.38 7.78 -13.60
N ASP B 290 11.15 8.49 -14.41
CA ASP B 290 12.35 9.16 -13.92
C ASP B 290 11.98 10.53 -13.38
N ALA B 291 12.76 10.99 -12.39
CA ALA B 291 12.46 12.27 -11.76
C ALA B 291 12.54 13.42 -12.77
N ASN B 292 13.58 13.42 -13.59
CA ASN B 292 13.78 14.46 -14.58
C ASN B 292 13.20 14.10 -15.94
N ALA B 293 12.54 12.95 -16.06
CA ALA B 293 11.91 12.59 -17.33
C ALA B 293 10.79 13.56 -17.69
N LEU B 294 9.99 13.96 -16.70
CA LEU B 294 8.85 14.82 -16.93
C LEU B 294 9.23 16.27 -17.16
N HIS B 295 10.49 16.64 -16.90
CA HIS B 295 10.91 18.03 -17.05
C HIS B 295 10.81 18.49 -18.49
N ARG B 296 11.08 17.61 -19.45
CA ARG B 296 10.98 17.97 -20.86
C ARG B 296 9.54 18.16 -21.32
N PRO B 297 8.60 17.25 -20.98
CA PRO B 297 7.19 17.56 -21.26
C PRO B 297 6.69 18.82 -20.58
N LYS B 298 7.15 19.08 -19.35
CA LYS B 298 6.76 20.33 -18.69
C LYS B 298 7.29 21.54 -19.44
N ARG B 299 8.53 21.46 -19.93
CA ARG B 299 9.07 22.54 -20.74
C ARG B 299 8.26 22.75 -22.01
N PHE B 300 7.86 21.65 -22.65
CA PHE B 300 7.03 21.76 -23.85
C PHE B 300 5.70 22.43 -23.54
N PHE B 301 5.05 22.03 -22.44
CA PHE B 301 3.73 22.57 -22.13
C PHE B 301 3.81 24.01 -21.63
N GLY B 302 4.92 24.41 -21.03
CA GLY B 302 5.03 25.74 -20.47
C GLY B 302 5.32 26.85 -21.44
N ALA B 303 5.52 26.54 -22.72
CA ALA B 303 5.74 27.58 -23.71
C ALA B 303 4.47 28.32 -24.09
N ALA B 304 3.31 27.81 -23.72
CA ALA B 304 2.05 28.47 -24.05
C ALA B 304 1.92 29.75 -23.24
N ARG B 305 1.88 30.89 -23.92
CA ARG B 305 1.83 32.17 -23.24
C ARG B 305 1.28 33.23 -24.18
N ASN B 306 0.82 34.32 -23.58
CA ASN B 306 0.41 35.51 -24.32
C ASN B 306 1.53 36.53 -24.18
N VAL B 307 2.28 36.75 -25.26
CA VAL B 307 3.43 37.64 -25.21
C VAL B 307 2.93 39.08 -25.23
N GLU B 308 3.44 39.89 -24.30
CA GLU B 308 3.03 41.29 -24.22
C GLU B 308 3.48 42.07 -25.46
N GLU B 309 4.67 41.77 -25.97
CA GLU B 309 5.17 42.48 -27.13
C GLU B 309 4.29 42.29 -28.35
N GLY B 310 3.62 41.15 -28.45
CA GLY B 310 2.77 40.86 -29.58
C GLY B 310 2.78 39.40 -29.98
N GLY B 311 1.63 38.87 -30.35
CA GLY B 311 1.51 37.48 -30.70
C GLY B 311 1.28 36.59 -29.49
N SER B 312 0.99 35.33 -29.76
CA SER B 312 0.70 34.38 -28.69
C SER B 312 0.92 32.97 -29.19
N LEU B 313 1.08 32.05 -28.25
CA LEU B 313 1.22 30.64 -28.53
C LEU B 313 0.22 29.88 -27.67
N THR B 314 -0.79 29.30 -28.32
CA THR B 314 -1.81 28.52 -27.63
C THR B 314 -1.44 27.05 -27.77
N ILE B 315 -1.55 26.32 -26.67
CA ILE B 315 -1.30 24.88 -26.66
C ILE B 315 -2.48 24.20 -26.00
N ILE B 316 -3.20 23.38 -26.76
CA ILE B 316 -4.33 22.61 -26.25
C ILE B 316 -3.96 21.15 -26.39
N ALA B 317 -3.59 20.52 -25.28
CA ALA B 317 -3.11 19.14 -25.29
C ALA B 317 -4.14 18.24 -24.63
N THR B 318 -4.24 17.01 -25.15
CA THR B 318 -5.13 16.02 -24.57
C THR B 318 -4.38 15.15 -23.58
N ALA B 319 -5.05 14.81 -22.48
CA ALA B 319 -4.50 13.94 -21.45
C ALA B 319 -5.39 12.71 -21.31
N LEU B 320 -4.78 11.54 -21.14
CA LEU B 320 -5.50 10.29 -21.04
C LEU B 320 -5.61 9.85 -19.58
N ILE B 321 -6.82 9.46 -19.18
CA ILE B 321 -7.07 8.88 -17.88
C ILE B 321 -7.93 7.64 -18.05
N ASP B 322 -8.03 6.86 -16.98
CA ASP B 322 -8.83 5.64 -16.90
C ASP B 322 -8.27 4.53 -17.79
N THR B 323 -7.21 4.81 -18.56
CA THR B 323 -6.65 3.81 -19.46
C THR B 323 -6.13 2.58 -18.73
N GLY B 324 -5.86 2.68 -17.43
CA GLY B 324 -5.41 1.54 -16.65
C GLY B 324 -3.92 1.44 -16.46
N SER B 325 -3.14 2.34 -17.07
CA SER B 325 -1.70 2.36 -16.89
C SER B 325 -1.35 3.32 -15.76
N LYS B 326 -0.58 2.84 -14.79
CA LYS B 326 -0.20 3.68 -13.66
C LYS B 326 0.65 4.85 -14.11
N MET B 327 1.49 4.64 -15.13
CA MET B 327 2.35 5.73 -15.61
C MET B 327 1.52 6.88 -16.17
N ASP B 328 0.41 6.58 -16.83
CA ASP B 328 -0.46 7.63 -17.33
C ASP B 328 -1.06 8.43 -16.17
N GLU B 329 -1.47 7.76 -15.10
CA GLU B 329 -1.97 8.46 -13.93
C GLU B 329 -0.89 9.34 -13.31
N VAL B 330 0.34 8.84 -13.26
CA VAL B 330 1.45 9.64 -12.75
C VAL B 330 1.65 10.88 -13.61
N ILE B 331 1.60 10.71 -14.93
CA ILE B 331 1.76 11.85 -15.83
C ILE B 331 0.67 12.88 -15.61
N TYR B 332 -0.58 12.42 -15.47
CA TYR B 332 -1.68 13.35 -15.21
C TYR B 332 -1.47 14.09 -13.90
N GLU B 333 -1.05 13.38 -12.86
CA GLU B 333 -0.95 14.00 -11.54
C GLU B 333 0.11 15.11 -11.52
N GLU B 334 1.07 15.06 -12.43
CA GLU B 334 2.08 16.10 -12.55
C GLU B 334 1.69 17.21 -13.51
N PHE B 335 0.49 17.15 -14.08
CA PHE B 335 0.03 18.16 -15.02
C PHE B 335 -1.31 18.77 -14.64
N LYS B 336 -1.85 18.44 -13.46
CA LYS B 336 -3.20 18.87 -13.13
C LYS B 336 -3.28 20.38 -12.96
N GLY B 337 -2.38 20.95 -12.16
CA GLY B 337 -2.36 22.38 -11.93
C GLY B 337 -1.51 23.17 -12.90
N THR B 338 -0.97 22.53 -13.93
CA THR B 338 -0.06 23.20 -14.84
C THR B 338 -0.81 24.17 -15.76
N GLY B 339 -1.94 23.74 -16.33
CA GLY B 339 -2.62 24.53 -17.31
C GLY B 339 -3.66 25.47 -16.72
N ASN B 340 -3.98 26.52 -17.47
CA ASN B 340 -4.99 27.48 -17.07
C ASN B 340 -6.34 27.23 -17.73
N MET B 341 -6.51 26.09 -18.40
CA MET B 341 -7.80 25.70 -18.93
C MET B 341 -7.96 24.20 -18.77
N GLU B 342 -9.16 23.77 -18.39
CA GLU B 342 -9.45 22.36 -18.23
C GLU B 342 -10.76 22.02 -18.92
N LEU B 343 -10.77 20.96 -19.72
CA LEU B 343 -11.97 20.43 -20.33
C LEU B 343 -12.00 18.93 -20.06
N HIS B 344 -12.97 18.49 -19.26
CA HIS B 344 -13.04 17.10 -18.82
C HIS B 344 -14.04 16.34 -19.68
N LEU B 345 -13.59 15.26 -20.30
CA LEU B 345 -14.46 14.33 -21.00
C LEU B 345 -14.86 13.21 -20.06
N SER B 346 -16.12 12.79 -20.13
CA SER B 346 -16.66 11.78 -19.24
C SER B 346 -17.01 10.53 -20.00
N ARG B 347 -16.59 9.38 -19.47
CA ARG B 347 -16.87 8.10 -20.12
C ARG B 347 -18.37 7.80 -20.13
N LYS B 348 -19.06 8.08 -19.01
CA LYS B 348 -20.47 7.74 -18.90
C LYS B 348 -21.31 8.51 -19.91
N ILE B 349 -21.00 9.80 -20.11
CA ILE B 349 -21.76 10.59 -21.07
C ILE B 349 -21.58 10.05 -22.48
N ALA B 350 -20.38 9.58 -22.80
CA ALA B 350 -20.15 8.94 -24.10
C ALA B 350 -20.80 7.58 -24.19
N GLU B 351 -21.04 6.92 -23.06
CA GLU B 351 -21.66 5.59 -23.08
C GLU B 351 -23.08 5.66 -23.66
N LYS B 352 -23.84 6.68 -23.27
CA LYS B 352 -25.22 6.82 -23.70
C LYS B 352 -25.36 7.41 -25.09
N ARG B 353 -24.29 7.43 -25.87
CA ARG B 353 -24.27 8.02 -27.21
C ARG B 353 -24.64 9.49 -27.21
N VAL B 354 -24.53 10.14 -26.06
CA VAL B 354 -24.79 11.58 -25.96
C VAL B 354 -23.47 12.30 -26.17
N PHE B 355 -23.42 13.18 -27.17
CA PHE B 355 -22.19 13.86 -27.49
C PHE B 355 -22.45 15.35 -27.70
N PRO B 356 -21.51 16.21 -27.32
CA PRO B 356 -20.18 15.93 -26.76
C PRO B 356 -20.24 15.38 -25.34
N ALA B 357 -19.27 14.56 -24.96
CA ALA B 357 -19.27 13.87 -23.67
C ALA B 357 -18.51 14.65 -22.59
N ILE B 358 -18.45 15.98 -22.72
CA ILE B 358 -17.73 16.79 -21.75
C ILE B 358 -18.55 16.89 -20.46
N ASP B 359 -17.84 17.19 -19.37
CA ASP B 359 -18.46 17.36 -18.06
C ASP B 359 -18.42 18.84 -17.71
N TYR B 360 -19.60 19.46 -17.63
CA TYR B 360 -19.67 20.90 -17.43
C TYR B 360 -19.15 21.29 -16.06
N ASN B 361 -19.44 20.48 -15.04
CA ASN B 361 -19.16 20.88 -13.67
C ASN B 361 -17.67 21.09 -13.43
N ARG B 362 -16.83 20.20 -13.93
CA ARG B 362 -15.39 20.25 -13.67
C ARG B 362 -14.59 20.84 -14.81
N SER B 363 -15.24 21.41 -15.82
CA SER B 363 -14.55 22.00 -16.96
C SER B 363 -14.75 23.51 -16.92
N GLY B 364 -13.64 24.24 -16.93
CA GLY B 364 -13.68 25.70 -16.92
C GLY B 364 -12.29 26.26 -17.09
N THR B 365 -12.24 27.57 -17.30
CA THR B 365 -10.99 28.27 -17.54
C THR B 365 -10.75 29.30 -16.43
N ARG B 366 -9.49 29.57 -16.15
CA ARG B 366 -9.09 30.53 -15.14
C ARG B 366 -8.98 31.92 -15.75
N LYS B 367 -9.32 32.93 -14.95
CA LYS B 367 -9.28 34.33 -15.38
C LYS B 367 -10.11 34.54 -16.64
N GLU B 368 -11.33 33.99 -16.63
CA GLU B 368 -12.20 34.09 -17.80
C GLU B 368 -12.79 35.48 -17.99
N GLU B 369 -12.71 36.34 -16.96
CA GLU B 369 -13.24 37.69 -17.10
C GLU B 369 -12.46 38.52 -18.11
N LEU B 370 -11.20 38.17 -18.38
CA LEU B 370 -10.42 38.91 -19.35
C LEU B 370 -10.89 38.63 -20.78
N LEU B 371 -11.23 37.38 -21.06
CA LEU B 371 -11.61 37.01 -22.43
C LEU B 371 -12.98 37.56 -22.80
N THR B 372 -13.96 37.43 -21.92
CA THR B 372 -15.35 37.69 -22.24
C THR B 372 -15.81 39.01 -21.63
N THR B 373 -17.00 39.43 -22.05
CA THR B 373 -17.60 40.67 -21.56
C THR B 373 -18.35 40.41 -20.26
N GLN B 374 -18.82 41.50 -19.65
CA GLN B 374 -19.46 41.40 -18.35
C GLN B 374 -20.81 40.68 -18.44
N GLU B 375 -21.65 41.08 -19.39
CA GLU B 375 -22.98 40.47 -19.51
C GLU B 375 -22.87 38.99 -19.89
N GLU B 376 -21.94 38.67 -20.79
CA GLU B 376 -21.73 37.26 -21.16
C GLU B 376 -21.25 36.47 -19.96
N LEU B 377 -20.37 37.06 -19.14
CA LEU B 377 -19.91 36.38 -17.93
C LEU B 377 -21.06 36.15 -16.97
N GLN B 378 -21.96 37.12 -16.84
CA GLN B 378 -23.13 36.93 -15.98
C GLN B 378 -24.01 35.80 -16.49
N LYS B 379 -24.19 35.73 -17.82
CA LYS B 379 -24.96 34.64 -18.40
C LYS B 379 -24.30 33.29 -18.10
N MET B 380 -22.98 33.22 -18.23
CA MET B 380 -22.29 31.98 -17.90
C MET B 380 -22.45 31.63 -16.43
N TRP B 381 -22.40 32.63 -15.55
CA TRP B 381 -22.53 32.37 -14.12
C TRP B 381 -23.92 31.84 -13.77
N ILE B 382 -24.97 32.45 -14.34
CA ILE B 382 -26.31 31.95 -14.05
C ILE B 382 -26.51 30.56 -14.66
N LEU B 383 -25.92 30.31 -15.83
CA LEU B 383 -25.98 28.97 -16.42
C LEU B 383 -25.29 27.95 -15.53
N ARG B 384 -24.13 28.31 -14.96
CA ARG B 384 -23.45 27.42 -14.04
C ARG B 384 -24.28 27.16 -12.79
N LYS B 385 -24.94 28.21 -12.28
CA LYS B 385 -25.81 28.03 -11.12
C LYS B 385 -26.94 27.06 -11.44
N ILE B 386 -27.52 27.17 -12.63
CA ILE B 386 -28.59 26.26 -13.02
C ILE B 386 -28.06 24.83 -13.15
N ILE B 387 -26.91 24.67 -13.79
CA ILE B 387 -26.41 23.34 -14.13
C ILE B 387 -25.93 22.60 -12.88
N HIS B 388 -25.28 23.32 -11.96
CA HIS B 388 -24.53 22.69 -10.87
C HIS B 388 -25.29 21.63 -10.09
N PRO B 389 -26.55 21.85 -9.68
CA PRO B 389 -27.25 20.77 -8.95
C PRO B 389 -27.41 19.49 -9.76
N MET B 390 -27.53 19.59 -11.07
CA MET B 390 -27.83 18.43 -11.90
C MET B 390 -26.59 17.60 -12.14
N GLY B 391 -26.79 16.28 -12.26
CA GLY B 391 -25.69 15.38 -12.53
C GLY B 391 -25.19 15.49 -13.95
N GLU B 392 -23.99 14.97 -14.18
CA GLU B 392 -23.25 15.26 -15.40
C GLU B 392 -24.01 14.81 -16.66
N ILE B 393 -24.48 13.56 -16.68
CA ILE B 393 -25.12 13.03 -17.87
C ILE B 393 -26.42 13.76 -18.16
N ASP B 394 -27.27 13.93 -17.15
CA ASP B 394 -28.53 14.62 -17.35
C ASP B 394 -28.30 16.09 -17.65
N ALA B 395 -27.29 16.70 -17.03
CA ALA B 395 -26.96 18.09 -17.33
C ALA B 395 -26.55 18.24 -18.79
N MET B 396 -25.72 17.32 -19.29
CA MET B 396 -25.26 17.42 -20.67
C MET B 396 -26.40 17.20 -21.67
N GLU B 397 -27.25 16.21 -21.42
CA GLU B 397 -28.35 16.00 -22.35
C GLU B 397 -29.34 17.14 -22.29
N PHE B 398 -29.57 17.71 -21.10
CA PHE B 398 -30.42 18.88 -20.97
C PHE B 398 -29.83 20.07 -21.71
N LEU B 399 -28.52 20.26 -21.61
CA LEU B 399 -27.86 21.35 -22.33
C LEU B 399 -27.98 21.18 -23.83
N ILE B 400 -27.78 19.96 -24.33
CA ILE B 400 -27.93 19.71 -25.76
C ILE B 400 -29.36 19.97 -26.20
N ASN B 401 -30.34 19.51 -25.41
CA ASN B 401 -31.74 19.73 -25.75
C ASN B 401 -32.06 21.22 -25.80
N LYS B 402 -31.57 21.98 -24.82
CA LYS B 402 -31.81 23.42 -24.83
C LYS B 402 -31.12 24.11 -26.00
N LEU B 403 -29.92 23.67 -26.34
CA LEU B 403 -29.15 24.30 -27.40
C LEU B 403 -29.64 23.92 -28.79
N ALA B 404 -30.46 22.87 -28.89
CA ALA B 404 -30.89 22.38 -30.20
C ALA B 404 -31.65 23.45 -30.97
N MET B 405 -32.69 24.02 -30.37
CA MET B 405 -33.54 24.95 -31.13
C MET B 405 -32.82 26.26 -31.41
N THR B 406 -32.08 26.78 -30.43
CA THR B 406 -31.40 28.05 -30.60
C THR B 406 -30.30 27.93 -31.64
N LYS B 407 -30.04 29.04 -32.34
CA LYS B 407 -29.06 29.06 -33.42
C LYS B 407 -27.67 29.42 -32.94
N THR B 408 -27.54 30.48 -32.15
CA THR B 408 -26.26 30.93 -31.64
C THR B 408 -26.29 30.98 -30.13
N ASN B 409 -25.18 31.41 -29.53
CA ASN B 409 -25.07 31.45 -28.08
C ASN B 409 -25.89 32.58 -27.48
N ASP B 410 -25.85 33.77 -28.11
CA ASP B 410 -26.58 34.91 -27.56
C ASP B 410 -28.09 34.67 -27.57
N ASP B 411 -28.60 34.03 -28.63
CA ASP B 411 -30.02 33.69 -28.65
C ASP B 411 -30.36 32.70 -27.54
N PHE B 412 -29.47 31.74 -27.29
CA PHE B 412 -29.70 30.79 -26.20
C PHE B 412 -29.72 31.50 -24.85
N PHE B 413 -28.82 32.46 -24.65
CA PHE B 413 -28.81 33.22 -23.40
C PHE B 413 -30.09 34.04 -23.26
N GLU B 414 -30.54 34.65 -24.35
CA GLU B 414 -31.78 35.43 -24.31
C GLU B 414 -32.97 34.54 -23.98
N MET B 415 -33.03 33.36 -24.57
CA MET B 415 -34.14 32.45 -24.30
C MET B 415 -34.09 31.95 -22.86
N MET B 416 -32.90 31.64 -22.35
CA MET B 416 -32.77 31.17 -20.98
C MET B 416 -33.10 32.28 -19.98
N LYS B 417 -32.80 33.53 -20.31
CA LYS B 417 -33.14 34.64 -19.43
C LYS B 417 -34.65 34.76 -19.26
N ARG B 418 -35.40 34.61 -20.34
CA ARG B 418 -36.85 34.69 -20.29
C ARG B 418 -37.45 33.41 -19.74
N MET C 1 28.56 51.29 -16.70
CA MET C 1 28.72 52.02 -15.44
C MET C 1 28.28 51.14 -14.28
N ASN C 2 26.99 50.83 -14.22
CA ASN C 2 26.42 50.00 -13.17
C ASN C 2 25.80 48.76 -13.78
N LEU C 3 26.20 47.59 -13.28
CA LEU C 3 25.64 46.34 -13.79
C LEU C 3 24.15 46.26 -13.52
N THR C 4 23.71 46.66 -12.32
CA THR C 4 22.30 46.54 -11.97
C THR C 4 21.43 47.48 -12.78
N GLU C 5 21.93 48.70 -13.04
CA GLU C 5 21.12 49.65 -13.81
C GLU C 5 20.96 49.20 -15.26
N LEU C 6 21.97 48.54 -15.83
CA LEU C 6 21.82 48.00 -17.17
C LEU C 6 20.95 46.75 -17.17
N LYS C 7 21.01 45.97 -16.09
CA LYS C 7 20.13 44.80 -15.99
C LYS C 7 18.67 45.23 -15.90
N ASN C 8 18.39 46.31 -15.17
CA ASN C 8 17.02 46.80 -15.06
C ASN C 8 16.49 47.35 -16.37
N THR C 9 17.36 47.74 -17.29
CA THR C 9 16.93 48.26 -18.57
C THR C 9 16.24 47.17 -19.39
N PRO C 10 15.09 47.44 -19.99
CA PRO C 10 14.38 46.41 -20.77
C PRO C 10 15.20 45.96 -21.96
N VAL C 11 14.75 44.85 -22.55
CA VAL C 11 15.54 44.17 -23.58
C VAL C 11 15.69 45.05 -24.83
N SER C 12 14.59 45.67 -25.26
CA SER C 12 14.65 46.51 -26.45
C SER C 12 15.59 47.70 -26.23
N GLU C 13 15.44 48.38 -25.10
CA GLU C 13 16.35 49.47 -24.78
C GLU C 13 17.78 48.98 -24.61
N LEU C 14 17.95 47.76 -24.10
CA LEU C 14 19.28 47.18 -24.00
C LEU C 14 19.91 47.03 -25.37
N ILE C 15 19.16 46.52 -26.34
CA ILE C 15 19.69 46.35 -27.69
C ILE C 15 19.99 47.70 -28.32
N THR C 16 19.11 48.68 -28.11
CA THR C 16 19.37 50.02 -28.65
C THR C 16 20.64 50.62 -28.06
N LEU C 17 20.83 50.47 -26.75
CA LEU C 17 22.04 50.98 -26.11
C LEU C 17 23.28 50.26 -26.64
N GLY C 18 23.19 48.94 -26.81
CA GLY C 18 24.33 48.21 -27.33
C GLY C 18 24.71 48.61 -28.74
N GLU C 19 23.70 48.77 -29.60
CA GLU C 19 23.98 49.22 -30.97
C GLU C 19 24.45 50.67 -30.99
N ASN C 20 24.05 51.47 -30.01
CA ASN C 20 24.46 52.85 -29.94
C ASN C 20 25.91 53.00 -29.49
N MET C 21 26.42 52.04 -28.71
CA MET C 21 27.76 52.11 -28.16
C MET C 21 28.80 51.38 -28.98
N GLY C 22 28.45 50.88 -30.16
CA GLY C 22 29.39 50.26 -31.06
C GLY C 22 29.08 48.83 -31.44
N LEU C 23 28.36 48.10 -30.60
CA LEU C 23 28.03 46.72 -30.92
C LEU C 23 27.08 46.66 -32.12
N GLU C 24 27.16 45.55 -32.86
CA GLU C 24 26.41 45.41 -34.10
C GLU C 24 25.35 44.32 -34.02
N ASN C 25 25.73 43.09 -33.71
CA ASN C 25 24.82 41.94 -33.74
C ASN C 25 24.64 41.40 -32.32
N LEU C 26 23.60 41.86 -31.65
CA LEU C 26 23.24 41.32 -30.34
C LEU C 26 21.73 41.20 -30.15
N ALA C 27 20.94 41.31 -31.23
CA ALA C 27 19.49 41.28 -31.09
C ALA C 27 18.95 39.88 -30.88
N ARG C 28 19.60 38.86 -31.46
CA ARG C 28 19.09 37.49 -31.44
C ARG C 28 19.78 36.64 -30.38
N MET C 29 20.12 37.21 -29.23
CA MET C 29 20.72 36.46 -28.14
C MET C 29 19.96 36.74 -26.84
N ARG C 30 20.29 35.97 -25.81
CA ARG C 30 19.62 36.10 -24.53
C ARG C 30 20.01 37.40 -23.83
N LYS C 31 19.20 37.79 -22.85
CA LYS C 31 19.42 39.05 -22.15
C LYS C 31 20.74 39.04 -21.39
N GLN C 32 21.07 37.92 -20.75
CA GLN C 32 22.32 37.83 -20.01
C GLN C 32 23.53 38.00 -20.92
N ASP C 33 23.50 37.35 -22.09
CA ASP C 33 24.59 37.54 -23.05
C ASP C 33 24.63 38.98 -23.54
N ILE C 34 23.47 39.60 -23.73
CA ILE C 34 23.44 41.00 -24.18
C ILE C 34 24.13 41.89 -23.17
N ILE C 35 23.79 41.75 -21.89
CA ILE C 35 24.38 42.61 -20.88
C ILE C 35 25.86 42.27 -20.68
N PHE C 36 26.24 41.00 -20.83
CA PHE C 36 27.65 40.64 -20.75
C PHE C 36 28.46 41.31 -21.86
N ALA C 37 27.94 41.27 -23.08
CA ALA C 37 28.64 41.92 -24.20
C ALA C 37 28.69 43.42 -24.02
N ILE C 38 27.59 44.03 -23.56
CA ILE C 38 27.58 45.47 -23.32
C ILE C 38 28.59 45.84 -22.25
N LEU C 39 28.65 45.05 -21.18
CA LEU C 39 29.60 45.34 -20.12
C LEU C 39 31.03 45.16 -20.58
N LYS C 40 31.29 44.15 -21.41
CA LYS C 40 32.63 43.99 -21.97
C LYS C 40 33.02 45.18 -22.82
N GLN C 41 32.09 45.66 -23.65
CA GLN C 41 32.37 46.83 -24.48
C GLN C 41 32.66 48.06 -23.62
N HIS C 42 31.85 48.27 -22.58
CA HIS C 42 32.06 49.42 -21.70
C HIS C 42 33.36 49.27 -20.91
N ALA C 43 33.76 48.04 -20.62
CA ALA C 43 35.03 47.81 -19.95
C ALA C 43 36.19 48.13 -20.89
N LYS C 44 36.03 47.85 -22.18
CA LYS C 44 37.05 48.23 -23.15
C LYS C 44 37.26 49.74 -23.16
N SER C 45 36.23 50.50 -22.79
CA SER C 45 36.39 51.94 -22.63
C SER C 45 37.25 52.29 -21.41
N GLY C 46 37.43 51.34 -20.49
CA GLY C 46 38.29 51.55 -19.35
C GLY C 46 37.65 52.24 -18.17
N GLU C 47 36.35 52.52 -18.22
CA GLU C 47 35.68 53.19 -17.11
C GLU C 47 35.51 52.23 -15.93
N ASP C 48 35.37 52.81 -14.74
CA ASP C 48 35.09 52.01 -13.56
C ASP C 48 33.68 51.44 -13.61
N ILE C 49 33.53 50.20 -13.16
CA ILE C 49 32.27 49.48 -13.23
C ILE C 49 31.88 49.03 -11.84
N PHE C 50 30.63 49.29 -11.47
CA PHE C 50 30.08 48.89 -10.18
C PHE C 50 29.02 47.83 -10.37
N GLY C 51 28.90 46.94 -9.38
CA GLY C 51 27.92 45.88 -9.44
C GLY C 51 27.62 45.34 -8.06
N ASP C 52 26.44 44.75 -7.93
CA ASP C 52 25.96 44.24 -6.66
C ASP C 52 25.18 42.96 -6.89
N GLY C 53 25.05 42.18 -5.82
CA GLY C 53 24.28 40.96 -5.91
C GLY C 53 24.40 40.14 -4.66
N VAL C 54 23.61 39.07 -4.62
CA VAL C 54 23.56 38.17 -3.48
C VAL C 54 24.57 37.04 -3.71
N LEU C 55 25.43 36.82 -2.72
CA LEU C 55 26.49 35.83 -2.85
C LEU C 55 25.94 34.42 -2.70
N GLU C 56 26.44 33.52 -3.54
CA GLU C 56 26.21 32.08 -3.40
C GLU C 56 27.55 31.39 -3.49
N ILE C 57 27.87 30.60 -2.47
CA ILE C 57 29.15 29.92 -2.40
C ILE C 57 28.96 28.47 -2.81
N LEU C 58 29.73 28.02 -3.80
CA LEU C 58 29.62 26.66 -4.29
C LEU C 58 30.42 25.72 -3.41
N GLN C 59 30.44 24.43 -3.78
CA GLN C 59 31.14 23.44 -3.00
C GLN C 59 32.64 23.67 -3.01
N ASP C 60 33.19 24.19 -4.11
CA ASP C 60 34.63 24.41 -4.19
C ASP C 60 35.05 25.49 -3.20
N GLY C 61 34.35 26.61 -3.19
CA GLY C 61 34.70 27.71 -2.30
C GLY C 61 34.59 29.07 -2.95
N PHE C 62 34.80 29.13 -4.26
CA PHE C 62 34.59 30.37 -4.99
C PHE C 62 33.10 30.67 -5.09
N GLY C 63 32.77 31.96 -5.06
CA GLY C 63 31.38 32.37 -5.03
C GLY C 63 30.92 33.17 -6.22
N PHE C 64 29.62 33.26 -6.42
CA PHE C 64 29.03 34.00 -7.53
C PHE C 64 27.97 34.96 -7.01
N LEU C 65 27.94 36.16 -7.57
CA LEU C 65 26.98 37.19 -7.16
C LEU C 65 25.77 37.11 -8.07
N ARG C 66 24.76 36.35 -7.64
CA ARG C 66 23.52 36.25 -8.38
C ARG C 66 22.71 37.53 -8.27
N SER C 67 21.83 37.74 -9.24
CA SER C 67 20.97 38.92 -9.29
C SER C 67 19.53 38.49 -9.10
N ALA C 68 18.78 39.30 -8.34
CA ALA C 68 17.39 38.97 -8.04
C ALA C 68 16.46 39.19 -9.21
N ASP C 69 16.89 39.93 -10.24
CA ASP C 69 16.03 40.18 -11.39
C ASP C 69 15.70 38.88 -12.12
N SER C 70 16.67 38.00 -12.27
CA SER C 70 16.46 36.68 -12.85
C SER C 70 16.13 35.63 -11.81
N SER C 71 15.69 36.05 -10.63
CA SER C 71 15.36 35.14 -9.53
C SER C 71 16.55 34.23 -9.20
N TYR C 72 17.74 34.83 -9.13
CA TYR C 72 18.96 34.15 -8.74
C TYR C 72 19.26 32.97 -9.66
N LEU C 73 19.22 33.22 -10.96
CA LEU C 73 19.52 32.22 -11.96
C LEU C 73 20.94 32.41 -12.45
N ALA C 74 21.70 31.31 -12.54
CA ALA C 74 23.08 31.38 -12.99
C ALA C 74 23.15 31.86 -14.43
N GLY C 75 24.11 32.72 -14.71
CA GLY C 75 24.29 33.26 -16.04
C GLY C 75 25.67 33.82 -16.26
N PRO C 76 25.95 34.23 -17.50
CA PRO C 76 27.28 34.80 -17.80
C PRO C 76 27.56 36.11 -17.08
N ASP C 77 26.53 36.80 -16.59
CA ASP C 77 26.69 38.11 -15.97
C ASP C 77 27.08 38.04 -14.51
N ASP C 78 27.14 36.84 -13.92
CA ASP C 78 27.44 36.73 -12.50
C ASP C 78 28.86 37.18 -12.20
N ILE C 79 29.01 37.91 -11.09
CA ILE C 79 30.31 38.38 -10.66
C ILE C 79 31.01 37.28 -9.88
N TYR C 80 32.31 37.12 -10.12
CA TYR C 80 33.10 36.08 -9.47
C TYR C 80 33.74 36.63 -8.21
N VAL C 81 33.63 35.88 -7.11
CA VAL C 81 34.19 36.26 -5.82
C VAL C 81 35.18 35.19 -5.41
N SER C 82 36.46 35.58 -5.30
CA SER C 82 37.51 34.62 -5.00
C SER C 82 37.39 34.14 -3.55
N PRO C 83 37.81 32.90 -3.26
CA PRO C 83 37.81 32.44 -1.87
C PRO C 83 38.70 33.27 -0.96
N SER C 84 39.75 33.89 -1.51
CA SER C 84 40.58 34.76 -0.69
C SER C 84 39.78 35.96 -0.16
N GLN C 85 38.93 36.54 -1.00
CA GLN C 85 38.07 37.62 -0.55
C GLN C 85 37.02 37.13 0.44
N ILE C 86 36.55 35.90 0.26
CA ILE C 86 35.62 35.32 1.23
C ILE C 86 36.30 35.14 2.58
N ARG C 87 37.59 34.84 2.59
CA ARG C 87 38.29 34.72 3.86
C ARG C 87 38.57 36.10 4.46
N ARG C 88 38.97 37.06 3.64
CA ARG C 88 39.33 38.38 4.16
C ARG C 88 38.13 39.06 4.83
N PHE C 89 37.01 39.13 4.12
CA PHE C 89 35.75 39.58 4.70
C PHE C 89 34.89 38.36 4.94
N ASN C 90 34.55 38.08 6.19
CA ASN C 90 33.79 36.88 6.50
C ASN C 90 32.43 36.93 5.84
N LEU C 91 32.26 36.14 4.79
CA LEU C 91 31.05 36.16 3.98
C LEU C 91 30.47 34.75 3.91
N ARG C 92 29.14 34.69 3.90
CA ARG C 92 28.42 33.44 3.72
C ARG C 92 27.33 33.67 2.68
N THR C 93 26.76 32.57 2.19
CA THR C 93 25.75 32.67 1.15
C THR C 93 24.57 33.51 1.63
N GLY C 94 24.12 34.41 0.78
CA GLY C 94 23.06 35.32 1.13
C GLY C 94 23.50 36.73 1.49
N ASP C 95 24.78 37.05 1.35
CA ASP C 95 25.27 38.38 1.65
C ASP C 95 25.13 39.26 0.42
N THR C 96 24.45 40.40 0.57
CA THR C 96 24.23 41.34 -0.53
C THR C 96 25.46 42.21 -0.66
N ILE C 97 26.40 41.76 -1.48
CA ILE C 97 27.68 42.44 -1.65
C ILE C 97 27.58 43.42 -2.81
N SER C 98 28.06 44.64 -2.60
CA SER C 98 28.11 45.66 -3.64
C SER C 98 29.50 46.28 -3.68
N GLY C 99 30.04 46.43 -4.89
CA GLY C 99 31.35 46.99 -5.04
C GLY C 99 31.76 47.05 -6.50
N LYS C 100 33.00 47.51 -6.71
CA LYS C 100 33.53 47.60 -8.06
C LYS C 100 33.89 46.23 -8.59
N ILE C 101 33.66 46.02 -9.89
CA ILE C 101 34.01 44.79 -10.57
C ILE C 101 35.03 45.10 -11.65
N ARG C 102 35.67 44.05 -12.15
CA ARG C 102 36.70 44.18 -13.16
C ARG C 102 36.40 43.25 -14.33
N PRO C 103 36.88 43.59 -15.53
CA PRO C 103 36.59 42.73 -16.68
C PRO C 103 37.24 41.39 -16.52
N PRO C 104 36.64 40.33 -17.06
CA PRO C 104 37.25 39.00 -16.97
C PRO C 104 38.55 38.95 -17.75
N LYS C 105 39.48 38.13 -17.25
CA LYS C 105 40.76 37.95 -17.89
C LYS C 105 40.75 36.69 -18.76
N GLU C 106 41.82 36.52 -19.53
CA GLU C 106 41.95 35.35 -20.38
C GLU C 106 41.94 34.08 -19.53
N GLY C 107 41.12 33.11 -19.92
CA GLY C 107 40.90 31.93 -19.12
C GLY C 107 39.88 32.11 -18.01
N GLU C 108 39.31 33.29 -17.87
CA GLU C 108 38.29 33.57 -16.87
C GLU C 108 37.03 34.03 -17.57
N ARG C 109 35.94 33.27 -17.39
CA ARG C 109 34.71 33.56 -18.12
C ARG C 109 33.97 34.77 -17.54
N TYR C 110 33.89 34.87 -16.23
CA TYR C 110 33.00 35.83 -15.58
C TYR C 110 33.76 37.04 -15.07
N PHE C 111 33.02 38.14 -14.87
CA PHE C 111 33.57 39.30 -14.20
C PHE C 111 33.90 38.97 -12.75
N ALA C 112 34.92 39.63 -12.23
CA ALA C 112 35.39 39.37 -10.88
C ALA C 112 35.25 40.62 -10.03
N LEU C 113 34.90 40.44 -8.76
CA LEU C 113 34.83 41.54 -7.83
C LEU C 113 36.22 42.13 -7.59
N LEU C 114 36.30 43.45 -7.55
CA LEU C 114 37.58 44.13 -7.39
C LEU C 114 37.76 44.67 -5.97
N LYS C 115 36.80 45.48 -5.50
CA LYS C 115 36.88 46.06 -4.17
C LYS C 115 35.47 46.18 -3.63
N VAL C 116 35.14 45.38 -2.64
CA VAL C 116 33.82 45.43 -2.01
C VAL C 116 33.72 46.66 -1.13
N ASN C 117 32.70 47.47 -1.35
CA ASN C 117 32.50 48.67 -0.54
C ASN C 117 31.24 48.63 0.31
N GLU C 118 30.38 47.63 0.13
CA GLU C 118 29.30 47.46 1.11
C GLU C 118 28.88 46.00 1.14
N VAL C 119 28.51 45.55 2.33
CA VAL C 119 27.98 44.21 2.55
C VAL C 119 26.73 44.35 3.40
N ASN C 120 25.60 43.85 2.89
CA ASN C 120 24.32 43.97 3.57
C ASN C 120 23.99 45.43 3.89
N PHE C 121 24.26 46.31 2.93
CA PHE C 121 24.01 47.74 3.07
C PHE C 121 24.73 48.32 4.28
N ASP C 122 25.95 47.82 4.53
CA ASP C 122 26.72 48.28 5.67
C ASP C 122 28.21 48.15 5.35
N LYS C 123 29.02 48.89 6.10
CA LYS C 123 30.45 48.83 5.91
C LYS C 123 30.95 47.42 6.21
N PRO C 124 31.94 46.92 5.47
CA PRO C 124 32.45 45.57 5.75
C PRO C 124 32.98 45.40 7.16
N GLU C 125 33.63 46.43 7.71
CA GLU C 125 34.19 46.32 9.05
C GLU C 125 33.10 46.11 10.09
N ASN C 126 31.98 46.83 9.96
CA ASN C 126 30.86 46.62 10.87
C ASN C 126 30.14 45.31 10.58
N ALA C 127 30.15 44.86 9.33
CA ALA C 127 29.46 43.63 8.97
C ALA C 127 30.21 42.40 9.45
N ARG C 128 31.52 42.50 9.65
CA ARG C 128 32.29 41.34 10.10
C ARG C 128 32.00 40.97 11.56
N ASN C 129 31.43 41.89 12.34
CA ASN C 129 31.28 41.70 13.78
C ASN C 129 29.87 41.28 14.18
N LYS C 130 29.02 40.92 13.22
CA LYS C 130 27.66 40.51 13.55
C LYS C 130 27.65 39.13 14.20
N ILE C 131 26.51 38.78 14.77
CA ILE C 131 26.32 37.50 15.44
C ILE C 131 25.51 36.59 14.55
N LEU C 132 25.91 35.32 14.48
CA LEU C 132 25.27 34.38 13.57
C LEU C 132 23.80 34.18 13.92
N PHE C 133 23.02 33.83 12.90
CA PHE C 133 21.57 33.72 13.07
C PHE C 133 21.20 32.60 14.03
N GLU C 134 21.94 31.49 14.00
CA GLU C 134 21.60 30.35 14.84
C GLU C 134 21.77 30.66 16.32
N ASN C 135 22.67 31.58 16.66
CA ASN C 135 22.90 31.92 18.06
C ASN C 135 21.81 32.80 18.65
N LEU C 136 21.03 33.47 17.82
CA LEU C 136 19.99 34.36 18.33
C LEU C 136 18.87 33.58 18.97
N THR C 137 18.39 34.06 20.11
CA THR C 137 17.37 33.36 20.87
C THR C 137 15.99 33.67 20.30
N PRO C 138 15.22 32.66 19.88
CA PRO C 138 13.87 32.92 19.40
C PRO C 138 12.95 33.35 20.53
N LEU C 139 11.87 34.04 20.13
CA LEU C 139 10.88 34.53 21.07
C LEU C 139 9.51 34.44 20.42
N HIS C 140 8.47 34.59 21.22
CA HIS C 140 7.13 34.70 20.68
C HIS C 140 6.94 36.07 20.03
N ALA C 141 6.05 36.11 19.04
CA ALA C 141 5.74 37.37 18.38
C ALA C 141 4.97 38.27 19.33
N ASN C 142 5.40 39.53 19.44
CA ASN C 142 4.71 40.50 20.27
C ASN C 142 4.45 41.83 19.57
N SER C 143 4.99 42.04 18.38
CA SER C 143 4.74 43.26 17.60
C SER C 143 3.81 42.89 16.45
N ARG C 144 2.65 43.54 16.40
CA ARG C 144 1.59 43.16 15.48
C ARG C 144 1.77 43.85 14.13
N LEU C 145 1.70 43.06 13.06
CA LEU C 145 1.70 43.59 11.70
C LEU C 145 0.25 43.78 11.28
N ARG C 146 -0.30 44.96 11.58
CA ARG C 146 -1.69 45.21 11.25
C ARG C 146 -1.89 45.29 9.75
N MET C 147 -2.96 44.67 9.27
CA MET C 147 -3.25 44.63 7.84
C MET C 147 -4.30 45.64 7.41
N GLU C 148 -5.22 46.01 8.30
CA GLU C 148 -6.28 46.95 7.93
C GLU C 148 -5.69 48.32 7.64
N ARG C 149 -6.16 48.92 6.54
CA ARG C 149 -5.73 50.27 6.16
C ARG C 149 -6.80 51.33 6.39
N GLY C 150 -8.05 50.94 6.56
CA GLY C 150 -9.10 51.88 6.91
C GLY C 150 -9.60 52.76 5.79
N ASN C 151 -9.25 52.48 4.54
CA ASN C 151 -9.72 53.30 3.44
C ASN C 151 -11.13 52.92 2.99
N GLY C 152 -11.67 51.80 3.48
CA GLY C 152 -13.02 51.41 3.13
C GLY C 152 -13.17 50.72 1.80
N SER C 153 -12.07 50.40 1.12
CA SER C 153 -12.15 49.76 -0.17
C SER C 153 -12.66 48.32 -0.03
N THR C 154 -13.16 47.79 -1.15
CA THR C 154 -13.71 46.43 -1.14
C THR C 154 -12.62 45.39 -0.93
N GLU C 155 -11.42 45.61 -1.46
CA GLU C 155 -10.31 44.69 -1.20
C GLU C 155 -9.91 44.70 0.26
N ASP C 156 -9.91 45.87 0.90
CA ASP C 156 -9.53 45.98 2.31
C ASP C 156 -10.33 45.06 3.21
N LEU C 157 -11.58 44.76 2.85
CA LEU C 157 -12.38 43.83 3.64
C LEU C 157 -11.61 42.56 3.92
N THR C 158 -10.97 41.99 2.89
CA THR C 158 -10.20 40.77 3.09
C THR C 158 -9.19 40.96 4.21
N ALA C 159 -8.38 42.01 4.14
CA ALA C 159 -7.41 42.27 5.19
C ALA C 159 -8.09 42.36 6.54
N ARG C 160 -9.20 43.11 6.61
CA ARG C 160 -9.90 43.24 7.88
C ARG C 160 -10.36 41.89 8.39
N VAL C 161 -10.93 41.06 7.50
CA VAL C 161 -11.35 39.73 7.93
C VAL C 161 -10.16 38.98 8.49
N LEU C 162 -9.01 39.08 7.84
CA LEU C 162 -7.82 38.41 8.34
C LEU C 162 -7.48 38.91 9.73
N ASP C 163 -7.54 40.23 9.94
CA ASP C 163 -7.21 40.77 11.26
C ASP C 163 -8.16 40.25 12.32
N LEU C 164 -9.38 39.91 11.92
CA LEU C 164 -10.33 39.34 12.88
C LEU C 164 -10.05 37.86 13.12
N ALA C 165 -9.61 37.16 12.08
CA ALA C 165 -9.49 35.71 12.19
C ALA C 165 -8.18 35.30 12.86
N SER C 166 -7.06 35.66 12.25
CA SER C 166 -5.74 35.27 12.74
C SER C 166 -4.80 36.47 12.68
N PRO C 167 -4.66 37.18 13.79
CA PRO C 167 -3.68 38.27 13.84
C PRO C 167 -2.27 37.75 13.53
N ILE C 168 -1.50 38.57 12.83
CA ILE C 168 -0.16 38.22 12.40
C ILE C 168 0.82 39.18 13.05
N GLY C 169 1.87 38.65 13.67
CA GLY C 169 2.89 39.44 14.31
C GLY C 169 4.23 39.26 13.64
N ARG C 170 5.18 40.11 14.00
CA ARG C 170 6.52 40.00 13.47
C ARG C 170 7.20 38.76 14.05
N GLY C 171 7.80 37.97 13.18
CA GLY C 171 8.39 36.72 13.60
C GLY C 171 7.44 35.55 13.67
N GLN C 172 6.22 35.69 13.17
CA GLN C 172 5.27 34.59 13.19
C GLN C 172 5.64 33.55 12.14
N ARG C 173 5.05 32.37 12.28
CA ARG C 173 5.23 31.25 11.35
C ARG C 173 3.84 30.77 10.96
N GLY C 174 3.26 31.40 9.97
CA GLY C 174 1.89 31.12 9.60
C GLY C 174 1.76 30.05 8.55
N LEU C 175 0.53 29.56 8.39
CA LEU C 175 0.23 28.54 7.41
C LEU C 175 -1.18 28.77 6.87
N ILE C 176 -1.30 28.92 5.56
CA ILE C 176 -2.57 29.11 4.90
C ILE C 176 -2.96 27.79 4.25
N VAL C 177 -3.95 27.11 4.83
CA VAL C 177 -4.44 25.86 4.26
C VAL C 177 -5.48 26.19 3.20
N ALA C 178 -5.23 25.75 1.97
CA ALA C 178 -6.06 26.16 0.85
C ALA C 178 -6.37 24.98 -0.06
N PRO C 179 -7.64 24.68 -0.32
CA PRO C 179 -7.99 23.77 -1.40
C PRO C 179 -7.86 24.47 -2.74
N PRO C 180 -7.80 23.72 -3.84
CA PRO C 180 -7.66 24.37 -5.15
C PRO C 180 -8.83 25.29 -5.46
N LYS C 181 -8.52 26.41 -6.11
CA LYS C 181 -9.51 27.41 -6.52
C LYS C 181 -10.31 27.91 -5.31
N ALA C 182 -9.60 28.56 -4.39
CA ALA C 182 -10.22 29.06 -3.17
C ALA C 182 -9.79 30.49 -2.86
N GLY C 183 -9.27 31.22 -3.84
CA GLY C 183 -8.85 32.59 -3.60
C GLY C 183 -7.51 32.74 -2.93
N LYS C 184 -6.62 31.76 -3.11
CA LYS C 184 -5.33 31.80 -2.42
C LYS C 184 -4.42 32.88 -2.98
N THR C 185 -4.33 32.98 -4.30
CA THR C 185 -3.38 33.91 -4.93
C THR C 185 -3.73 35.36 -4.59
N MET C 186 -5.01 35.72 -4.70
CA MET C 186 -5.38 37.09 -4.38
C MET C 186 -5.37 37.35 -2.88
N LEU C 187 -5.54 36.33 -2.05
CA LEU C 187 -5.31 36.51 -0.62
C LEU C 187 -3.85 36.88 -0.36
N LEU C 188 -2.92 36.17 -1.01
CA LEU C 188 -1.51 36.50 -0.87
C LEU C 188 -1.23 37.90 -1.39
N GLN C 189 -1.87 38.27 -2.51
CA GLN C 189 -1.65 39.60 -3.06
C GLN C 189 -2.17 40.69 -2.12
N ASN C 190 -3.33 40.46 -1.50
CA ASN C 190 -3.85 41.41 -0.53
C ASN C 190 -2.91 41.53 0.67
N ILE C 191 -2.39 40.41 1.16
CA ILE C 191 -1.45 40.46 2.27
C ILE C 191 -0.21 41.25 1.88
N ALA C 192 0.31 41.01 0.67
CA ALA C 192 1.51 41.70 0.23
C ALA C 192 1.27 43.21 0.11
N GLN C 193 0.13 43.61 -0.45
CA GLN C 193 -0.14 45.03 -0.61
C GLN C 193 -0.38 45.70 0.75
N SER C 194 -1.03 44.99 1.68
CA SER C 194 -1.19 45.55 3.02
C SER C 194 0.15 45.71 3.72
N ILE C 195 1.05 44.74 3.55
CA ILE C 195 2.37 44.83 4.16
C ILE C 195 3.14 46.02 3.57
N ALA C 196 3.09 46.16 2.24
CA ALA C 196 3.82 47.25 1.60
C ALA C 196 3.23 48.61 1.96
N TYR C 197 1.93 48.67 2.21
CA TYR C 197 1.29 49.93 2.58
C TYR C 197 1.58 50.29 4.03
N ASN C 198 1.19 49.42 4.97
CA ASN C 198 1.25 49.78 6.38
C ASN C 198 2.67 49.80 6.91
N HIS C 199 3.52 48.90 6.42
CA HIS C 199 4.85 48.69 6.98
C HIS C 199 5.90 48.81 5.89
N PRO C 200 6.24 50.04 5.48
CA PRO C 200 7.31 50.21 4.49
C PRO C 200 8.67 49.77 4.97
N ASP C 201 8.88 49.73 6.28
CA ASP C 201 10.21 49.41 6.81
C ASP C 201 10.54 47.93 6.69
N CYS C 202 9.55 47.06 6.82
CA CYS C 202 9.80 45.62 6.74
C CYS C 202 10.19 45.23 5.32
N VAL C 203 11.15 44.32 5.21
CA VAL C 203 11.59 43.80 3.92
C VAL C 203 10.64 42.71 3.49
N LEU C 204 10.01 42.88 2.32
CA LEU C 204 9.01 41.96 1.84
C LEU C 204 9.59 41.10 0.72
N MET C 205 9.41 39.79 0.85
CA MET C 205 9.90 38.83 -0.13
C MET C 205 8.78 37.88 -0.49
N VAL C 206 8.53 37.71 -1.78
CA VAL C 206 7.49 36.81 -2.26
C VAL C 206 8.16 35.71 -3.07
N LEU C 207 8.10 34.49 -2.57
CA LEU C 207 8.72 33.34 -3.21
C LEU C 207 7.64 32.45 -3.77
N LEU C 208 7.70 32.20 -5.08
CA LEU C 208 6.72 31.36 -5.77
C LEU C 208 7.43 30.12 -6.30
N ILE C 209 6.86 28.95 -6.03
CA ILE C 209 7.43 27.68 -6.44
C ILE C 209 6.42 26.96 -7.33
N ASP C 210 6.89 26.50 -8.50
CA ASP C 210 6.04 25.78 -9.45
C ASP C 210 4.83 26.62 -9.86
N GLU C 211 5.07 27.89 -10.18
CA GLU C 211 4.02 28.80 -10.58
C GLU C 211 4.05 29.00 -12.09
N ARG C 212 2.87 29.20 -12.66
CA ARG C 212 2.77 29.49 -14.09
C ARG C 212 3.39 30.85 -14.39
N PRO C 213 4.00 31.02 -15.56
CA PRO C 213 4.70 32.29 -15.85
C PRO C 213 3.81 33.51 -15.80
N GLU C 214 2.55 33.39 -16.22
CA GLU C 214 1.65 34.54 -16.19
C GLU C 214 1.40 34.98 -14.75
N GLU C 215 1.21 34.03 -13.84
CA GLU C 215 1.07 34.39 -12.43
C GLU C 215 2.34 35.04 -11.91
N VAL C 216 3.50 34.56 -12.35
CA VAL C 216 4.77 35.13 -11.91
C VAL C 216 4.85 36.59 -12.30
N THR C 217 4.57 36.90 -13.57
CA THR C 217 4.68 38.29 -14.00
C THR C 217 3.60 39.16 -13.40
N GLU C 218 2.39 38.62 -13.18
CA GLU C 218 1.35 39.38 -12.52
C GLU C 218 1.76 39.76 -11.11
N MET C 219 2.31 38.80 -10.36
CA MET C 219 2.75 39.07 -9.00
C MET C 219 3.92 40.04 -8.99
N GLN C 220 4.82 39.92 -9.97
CA GLN C 220 5.94 40.85 -10.06
C GLN C 220 5.48 42.27 -10.29
N ARG C 221 4.47 42.45 -11.16
CA ARG C 221 3.97 43.79 -11.42
C ARG C 221 3.14 44.33 -10.24
N LEU C 222 2.48 43.45 -9.50
CA LEU C 222 1.60 43.92 -8.43
C LEU C 222 2.38 44.23 -7.16
N VAL C 223 3.23 43.31 -6.72
CA VAL C 223 3.87 43.41 -5.42
C VAL C 223 4.99 44.44 -5.45
N LYS C 224 4.96 45.37 -4.51
CA LYS C 224 6.06 46.30 -4.32
C LYS C 224 7.06 45.68 -3.34
N GLY C 225 8.22 45.35 -3.83
CA GLY C 225 9.21 44.62 -3.05
C GLY C 225 10.02 43.71 -3.97
N GLU C 226 10.44 42.58 -3.43
CA GLU C 226 11.22 41.60 -4.17
C GLU C 226 10.39 40.34 -4.39
N VAL C 227 10.25 39.94 -5.64
CA VAL C 227 9.53 38.73 -6.01
C VAL C 227 10.49 37.82 -6.77
N VAL C 228 10.68 36.61 -6.26
CA VAL C 228 11.53 35.61 -6.89
C VAL C 228 10.69 34.35 -7.07
N ALA C 229 10.71 33.79 -8.27
CA ALA C 229 9.82 32.69 -8.60
C ALA C 229 10.54 31.70 -9.50
N SER C 230 10.04 30.47 -9.49
CA SER C 230 10.53 29.42 -10.37
C SER C 230 9.33 28.74 -11.03
N THR C 231 9.35 28.67 -12.35
CA THR C 231 8.26 28.09 -13.12
C THR C 231 8.30 26.57 -13.04
N PHE C 232 7.15 25.94 -13.30
CA PHE C 232 7.07 24.49 -13.24
C PHE C 232 7.95 23.82 -14.28
N ASP C 233 8.26 24.50 -15.38
CA ASP C 233 9.10 23.90 -16.40
C ASP C 233 10.56 23.79 -16.00
N GLU C 234 10.96 24.42 -14.89
CA GLU C 234 12.33 24.30 -14.42
C GLU C 234 12.49 23.05 -13.56
N PRO C 235 13.70 22.50 -13.50
CA PRO C 235 13.92 21.29 -12.70
C PRO C 235 13.80 21.57 -11.21
N ALA C 236 13.64 20.48 -10.45
CA ALA C 236 13.50 20.61 -9.00
C ALA C 236 14.72 21.24 -8.36
N SER C 237 15.90 21.02 -8.93
CA SER C 237 17.10 21.65 -8.41
C SER C 237 16.98 23.17 -8.43
N ARG C 238 16.31 23.72 -9.45
CA ARG C 238 16.11 25.16 -9.50
C ARG C 238 15.24 25.64 -8.34
N HIS C 239 14.17 24.92 -8.05
CA HIS C 239 13.32 25.29 -6.92
C HIS C 239 14.10 25.25 -5.63
N VAL C 240 14.88 24.19 -5.43
CA VAL C 240 15.66 24.06 -4.21
C VAL C 240 16.66 25.21 -4.10
N GLN C 241 17.35 25.52 -5.21
CA GLN C 241 18.35 26.57 -5.17
C GLN C 241 17.74 27.91 -4.84
N VAL C 242 16.61 28.25 -5.47
CA VAL C 242 16.01 29.55 -5.22
C VAL C 242 15.48 29.64 -3.79
N ALA C 243 14.89 28.55 -3.27
CA ALA C 243 14.42 28.57 -1.89
C ALA C 243 15.57 28.76 -0.90
N GLU C 244 16.68 28.03 -1.12
CA GLU C 244 17.82 28.17 -0.22
C GLU C 244 18.40 29.58 -0.28
N MET C 245 18.50 30.14 -1.48
CA MET C 245 19.05 31.49 -1.61
C MET C 245 18.16 32.49 -0.90
N VAL C 246 16.84 32.34 -1.03
CA VAL C 246 15.92 33.27 -0.37
C VAL C 246 16.06 33.17 1.15
N ILE C 247 16.10 31.95 1.69
CA ILE C 247 16.16 31.81 3.14
C ILE C 247 17.50 32.31 3.67
N GLU C 248 18.58 32.10 2.93
CA GLU C 248 19.87 32.60 3.38
C GLU C 248 19.92 34.12 3.36
N LYS C 249 19.35 34.73 2.33
CA LYS C 249 19.30 36.20 2.30
C LYS C 249 18.46 36.73 3.45
N ALA C 250 17.34 36.08 3.76
CA ALA C 250 16.52 36.50 4.87
C ALA C 250 17.27 36.40 6.19
N LYS C 251 18.01 35.32 6.39
CA LYS C 251 18.80 35.17 7.61
C LYS C 251 19.87 36.25 7.73
N ARG C 252 20.55 36.53 6.61
CA ARG C 252 21.58 37.56 6.65
C ARG C 252 20.99 38.93 6.97
N LEU C 253 19.79 39.21 6.44
CA LEU C 253 19.14 40.48 6.77
C LEU C 253 18.72 40.53 8.23
N VAL C 254 18.23 39.41 8.77
CA VAL C 254 17.82 39.39 10.17
C VAL C 254 19.01 39.61 11.09
N GLU C 255 20.18 39.10 10.69
CA GLU C 255 21.39 39.31 11.50
C GLU C 255 21.70 40.78 11.68
N HIS C 256 21.19 41.65 10.79
CA HIS C 256 21.43 43.09 10.86
C HIS C 256 20.26 43.83 11.51
N LYS C 257 19.53 43.18 12.41
CA LYS C 257 18.44 43.81 13.16
C LYS C 257 17.37 44.38 12.23
N LYS C 258 16.93 43.54 11.29
CA LYS C 258 15.89 43.92 10.34
C LYS C 258 14.72 42.97 10.43
N ASP C 259 13.53 43.46 10.10
CA ASP C 259 12.33 42.64 10.04
C ASP C 259 12.09 42.26 8.59
N VAL C 260 12.11 40.96 8.31
CA VAL C 260 11.91 40.46 6.96
C VAL C 260 10.66 39.59 6.95
N ILE C 261 9.93 39.64 5.84
CA ILE C 261 8.69 38.89 5.66
C ILE C 261 8.79 38.10 4.37
N ILE C 262 8.47 36.81 4.44
CA ILE C 262 8.49 35.92 3.29
C ILE C 262 7.08 35.38 3.11
N LEU C 263 6.57 35.47 1.89
CA LEU C 263 5.27 34.91 1.54
C LEU C 263 5.53 33.73 0.60
N LEU C 264 5.41 32.52 1.13
CA LEU C 264 5.74 31.32 0.37
C LEU C 264 4.52 30.78 -0.33
N ASP C 265 4.61 30.69 -1.65
CA ASP C 265 3.46 30.31 -2.48
C ASP C 265 2.93 28.94 -2.10
N SER C 266 3.83 27.98 -1.91
CA SER C 266 3.40 26.64 -1.55
C SER C 266 4.55 25.90 -0.87
N ILE C 267 4.35 25.57 0.40
CA ILE C 267 5.26 24.65 1.08
C ILE C 267 5.14 23.24 0.52
N THR C 268 3.99 22.87 -0.03
CA THR C 268 3.82 21.56 -0.63
C THR C 268 4.71 21.39 -1.86
N ARG C 269 4.76 22.40 -2.73
CA ARG C 269 5.60 22.32 -3.93
C ARG C 269 7.07 22.26 -3.55
N LEU C 270 7.48 23.07 -2.57
CA LEU C 270 8.86 23.02 -2.11
C LEU C 270 9.21 21.66 -1.53
N ALA C 271 8.29 21.09 -0.75
CA ALA C 271 8.54 19.77 -0.17
C ALA C 271 8.65 18.71 -1.27
N ARG C 272 7.81 18.79 -2.30
CA ARG C 272 7.89 17.84 -3.40
C ARG C 272 9.21 17.99 -4.15
N ALA C 273 9.65 19.23 -4.38
CA ALA C 273 10.93 19.43 -5.05
C ALA C 273 12.07 18.85 -4.22
N TYR C 274 12.04 19.07 -2.90
CA TYR C 274 13.07 18.51 -2.04
C TYR C 274 13.05 16.99 -2.07
N ASN C 275 11.85 16.40 -2.06
CA ASN C 275 11.76 14.94 -2.16
C ASN C 275 12.37 14.44 -3.46
N THR C 276 12.12 15.15 -4.56
CA THR C 276 12.68 14.75 -5.84
C THR C 276 14.20 14.85 -5.84
N VAL C 277 14.75 15.93 -5.28
CA VAL C 277 16.18 16.18 -5.47
C VAL C 277 17.04 15.30 -4.58
N VAL C 278 16.71 15.16 -3.31
CA VAL C 278 17.60 14.48 -2.36
C VAL C 278 17.64 12.98 -2.63
N PRO C 279 18.76 12.32 -2.36
CA PRO C 279 18.84 10.88 -2.61
C PRO C 279 17.97 10.09 -1.63
N ALA C 280 17.54 8.92 -2.09
CA ALA C 280 16.73 8.05 -1.25
C ALA C 280 17.55 7.49 -0.10
N SER C 281 16.95 7.46 1.09
CA SER C 281 17.59 6.93 2.28
C SER C 281 17.11 5.54 2.64
N GLY C 282 16.30 4.92 1.78
CA GLY C 282 15.80 3.59 2.02
C GLY C 282 14.52 3.52 2.82
N LYS C 283 14.11 4.62 3.45
CA LYS C 283 12.88 4.67 4.23
C LYS C 283 11.88 5.56 3.49
N VAL C 284 10.87 4.94 2.89
CA VAL C 284 9.87 5.64 2.11
C VAL C 284 8.56 5.60 2.87
N LEU C 285 8.05 6.78 3.23
CA LEU C 285 6.77 6.89 3.91
C LEU C 285 5.64 6.67 2.91
N THR C 286 4.41 6.68 3.42
CA THR C 286 3.25 6.53 2.55
C THR C 286 3.17 7.70 1.57
N GLY C 287 2.77 7.40 0.34
CA GLY C 287 2.71 8.41 -0.69
C GLY C 287 4.02 8.64 -1.41
N GLY C 288 5.06 7.85 -1.13
CA GLY C 288 6.32 8.01 -1.80
C GLY C 288 7.15 9.18 -1.33
N VAL C 289 7.05 9.53 -0.05
CA VAL C 289 7.78 10.66 0.52
C VAL C 289 8.91 10.10 1.37
N ASP C 290 10.14 10.46 1.04
CA ASP C 290 11.28 10.04 1.85
C ASP C 290 11.28 10.79 3.17
N ALA C 291 11.55 10.05 4.26
CA ALA C 291 11.59 10.66 5.57
C ALA C 291 12.70 11.71 5.67
N ASN C 292 13.86 11.40 5.10
CA ASN C 292 14.95 12.38 5.06
C ASN C 292 14.54 13.61 4.28
N ALA C 293 13.72 13.44 3.25
CA ALA C 293 13.39 14.54 2.34
C ALA C 293 12.71 15.69 3.08
N LEU C 294 11.77 15.38 3.98
CA LEU C 294 11.02 16.42 4.66
C LEU C 294 11.84 17.21 5.67
N HIS C 295 13.07 16.77 5.96
CA HIS C 295 13.88 17.48 6.95
C HIS C 295 14.28 18.86 6.48
N ARG C 296 14.52 19.05 5.18
CA ARG C 296 15.00 20.32 4.68
C ARG C 296 13.91 21.38 4.53
N PRO C 297 12.71 21.05 4.02
CA PRO C 297 11.64 22.06 4.04
C PRO C 297 11.33 22.57 5.43
N LYS C 298 11.33 21.68 6.43
CA LYS C 298 11.10 22.11 7.80
C LYS C 298 12.15 23.10 8.26
N ARG C 299 13.42 22.85 7.92
CA ARG C 299 14.47 23.82 8.20
C ARG C 299 14.16 25.17 7.59
N PHE C 300 13.53 25.17 6.41
CA PHE C 300 13.08 26.42 5.82
C PHE C 300 11.95 27.03 6.64
N PHE C 301 10.99 26.19 7.07
CA PHE C 301 9.83 26.71 7.79
C PHE C 301 10.19 27.10 9.22
N GLY C 302 11.13 26.40 9.84
CA GLY C 302 11.47 26.66 11.22
C GLY C 302 12.32 27.89 11.44
N ALA C 303 12.81 28.52 10.37
CA ALA C 303 13.63 29.72 10.53
C ALA C 303 12.82 30.93 10.95
N ALA C 304 11.50 30.87 10.88
CA ALA C 304 10.67 32.00 11.26
C ALA C 304 10.68 32.16 12.77
N ARG C 305 11.17 33.31 13.24
CA ARG C 305 11.30 33.53 14.67
C ARG C 305 11.36 35.03 14.94
N ASN C 306 11.09 35.39 16.19
CA ASN C 306 11.23 36.76 16.68
C ASN C 306 12.51 36.82 17.49
N VAL C 307 13.56 37.39 16.91
CA VAL C 307 14.85 37.42 17.58
C VAL C 307 14.80 38.41 18.75
N GLU C 308 15.26 37.97 19.91
CA GLU C 308 15.26 38.83 21.09
C GLU C 308 16.19 40.02 20.91
N GLU C 309 17.37 39.79 20.32
CA GLU C 309 18.35 40.87 20.18
C GLU C 309 17.81 41.99 19.30
N GLY C 310 17.15 41.64 18.20
CA GLY C 310 16.60 42.63 17.29
C GLY C 310 16.22 42.02 15.95
N GLY C 311 15.20 42.58 15.32
CA GLY C 311 14.75 42.05 14.05
C GLY C 311 13.84 40.86 14.23
N SER C 312 13.36 40.35 13.10
CA SER C 312 12.45 39.22 13.10
C SER C 312 12.35 38.68 11.68
N LEU C 313 11.88 37.44 11.56
CA LEU C 313 11.68 36.80 10.28
C LEU C 313 10.30 36.14 10.30
N THR C 314 9.38 36.69 9.53
CA THR C 314 8.02 36.16 9.41
C THR C 314 7.93 35.33 8.15
N ILE C 315 7.30 34.18 8.24
CA ILE C 315 7.08 33.30 7.09
C ILE C 315 5.61 32.94 7.04
N ILE C 316 4.95 33.25 5.92
CA ILE C 316 3.56 32.91 5.71
C ILE C 316 3.53 32.00 4.48
N ALA C 317 3.49 30.69 4.73
CA ALA C 317 3.50 29.71 3.65
C ALA C 317 2.11 29.14 3.44
N THR C 318 1.76 28.90 2.19
CA THR C 318 0.48 28.30 1.86
C THR C 318 0.66 26.81 1.65
N ALA C 319 -0.29 26.01 2.13
CA ALA C 319 -0.28 24.57 1.97
C ALA C 319 -1.54 24.13 1.23
N LEU C 320 -1.37 23.27 0.23
CA LEU C 320 -2.49 22.79 -0.56
C LEU C 320 -3.01 21.49 0.00
N ILE C 321 -4.34 21.33 -0.01
CA ILE C 321 -4.99 20.15 0.51
C ILE C 321 -6.03 19.66 -0.50
N ASP C 322 -6.43 18.40 -0.32
CA ASP C 322 -7.40 17.70 -1.15
C ASP C 322 -7.24 17.99 -2.65
N THR C 323 -5.99 18.03 -3.11
CA THR C 323 -5.73 18.21 -4.53
C THR C 323 -5.80 16.90 -5.31
N GLY C 324 -5.95 15.77 -4.63
CA GLY C 324 -6.00 14.49 -5.30
C GLY C 324 -4.69 13.75 -5.37
N SER C 325 -3.67 14.20 -4.66
CA SER C 325 -2.36 13.54 -4.63
C SER C 325 -2.02 13.16 -3.20
N LYS C 326 -1.47 11.96 -3.04
CA LYS C 326 -1.10 11.45 -1.72
C LYS C 326 -0.04 12.33 -1.07
N MET C 327 0.94 12.76 -1.88
CA MET C 327 2.04 13.58 -1.37
C MET C 327 1.53 14.86 -0.72
N ASP C 328 0.50 15.47 -1.30
CA ASP C 328 0.06 16.78 -0.84
C ASP C 328 -0.41 16.74 0.61
N GLU C 329 -1.40 15.89 0.91
CA GLU C 329 -1.85 15.88 2.29
C GLU C 329 -0.91 15.09 3.20
N VAL C 330 -0.01 14.27 2.66
CA VAL C 330 1.04 13.72 3.51
C VAL C 330 1.94 14.85 4.01
N ILE C 331 2.36 15.74 3.11
CA ILE C 331 3.16 16.88 3.51
C ILE C 331 2.39 17.76 4.48
N TYR C 332 1.09 17.94 4.24
CA TYR C 332 0.28 18.73 5.17
C TYR C 332 0.23 18.09 6.55
N GLU C 333 0.06 16.76 6.62
CA GLU C 333 -0.01 16.10 7.90
C GLU C 333 1.29 16.21 8.68
N GLU C 334 2.43 16.00 8.01
CA GLU C 334 3.72 16.25 8.65
C GLU C 334 4.06 17.72 8.79
N PHE C 335 3.21 18.64 8.34
CA PHE C 335 3.41 20.07 8.57
C PHE C 335 2.30 20.69 9.39
N LYS C 336 1.44 19.91 10.03
CA LYS C 336 0.22 20.46 10.62
C LYS C 336 0.53 21.29 11.86
N GLY C 337 1.11 20.68 12.88
CA GLY C 337 1.35 21.37 14.13
C GLY C 337 2.59 22.23 14.15
N THR C 338 3.22 22.42 13.00
CA THR C 338 4.48 23.16 12.95
C THR C 338 4.28 24.64 13.23
N GLY C 339 3.31 25.27 12.57
CA GLY C 339 3.16 26.71 12.67
C GLY C 339 2.44 27.15 13.92
N ASN C 340 2.61 28.43 14.24
CA ASN C 340 1.92 29.07 15.36
C ASN C 340 0.76 29.94 14.90
N MET C 341 0.34 29.82 13.65
CA MET C 341 -0.82 30.53 13.14
C MET C 341 -1.36 29.78 11.93
N GLU C 342 -2.66 29.56 11.90
CA GLU C 342 -3.29 28.87 10.79
C GLU C 342 -4.44 29.70 10.25
N LEU C 343 -4.61 29.63 8.94
CA LEU C 343 -5.71 30.31 8.26
C LEU C 343 -6.29 29.35 7.24
N HIS C 344 -7.54 28.95 7.44
CA HIS C 344 -8.17 27.93 6.63
C HIS C 344 -9.07 28.56 5.59
N LEU C 345 -8.77 28.32 4.32
CA LEU C 345 -9.66 28.70 3.23
C LEU C 345 -10.59 27.55 2.91
N SER C 346 -11.83 27.88 2.58
CA SER C 346 -12.87 26.87 2.36
C SER C 346 -13.31 26.91 0.91
N ARG C 347 -13.40 25.73 0.29
CA ARG C 347 -13.88 25.64 -1.08
C ARG C 347 -15.39 25.85 -1.17
N LYS C 348 -16.13 25.45 -0.13
CA LYS C 348 -17.58 25.61 -0.14
C LYS C 348 -17.96 27.08 -0.18
N ILE C 349 -17.25 27.94 0.55
CA ILE C 349 -17.51 29.36 0.47
C ILE C 349 -17.01 29.92 -0.86
N ALA C 350 -15.99 29.29 -1.45
CA ALA C 350 -15.44 29.79 -2.70
C ALA C 350 -16.40 29.56 -3.87
N GLU C 351 -17.01 28.39 -3.94
CA GLU C 351 -17.95 28.12 -5.03
C GLU C 351 -19.18 29.00 -4.94
N LYS C 352 -19.53 29.46 -3.73
CA LYS C 352 -20.59 30.43 -3.56
C LYS C 352 -20.19 31.82 -4.07
N ARG C 353 -18.92 32.01 -4.42
CA ARG C 353 -18.38 33.30 -4.86
C ARG C 353 -18.58 34.36 -3.78
N VAL C 354 -18.39 33.95 -2.53
CA VAL C 354 -18.34 34.87 -1.39
C VAL C 354 -16.89 34.94 -0.94
N PHE C 355 -16.31 36.13 -1.00
CA PHE C 355 -14.89 36.27 -0.76
C PHE C 355 -14.61 37.35 0.27
N PRO C 356 -13.58 37.16 1.10
CA PRO C 356 -12.63 36.04 1.12
C PRO C 356 -13.26 34.77 1.70
N ALA C 357 -12.93 33.61 1.11
CA ALA C 357 -13.49 32.34 1.57
C ALA C 357 -12.60 31.81 2.69
N ILE C 358 -12.88 32.24 3.92
CA ILE C 358 -12.07 31.90 5.07
C ILE C 358 -12.94 31.12 6.06
N ASP C 359 -12.44 29.97 6.50
CA ASP C 359 -13.12 29.19 7.53
C ASP C 359 -12.79 29.81 8.87
N TYR C 360 -13.68 30.68 9.36
CA TYR C 360 -13.38 31.47 10.53
C TYR C 360 -13.20 30.62 11.78
N ASN C 361 -14.05 29.60 11.95
CA ASN C 361 -14.00 28.81 13.17
C ASN C 361 -12.69 28.05 13.29
N ARG C 362 -12.21 27.46 12.20
CA ARG C 362 -10.98 26.69 12.25
C ARG C 362 -9.74 27.58 12.28
N SER C 363 -9.77 28.71 11.58
CA SER C 363 -8.60 29.58 11.54
C SER C 363 -8.38 30.26 12.87
N GLY C 364 -7.13 30.47 13.22
CA GLY C 364 -6.79 31.11 14.48
C GLY C 364 -5.29 31.22 14.62
N THR C 365 -4.88 31.85 15.73
CA THR C 365 -3.48 32.06 16.01
C THR C 365 -3.18 31.68 17.46
N ARG C 366 -1.91 31.42 17.72
CA ARG C 366 -1.44 31.03 19.05
C ARG C 366 -0.81 32.23 19.74
N LYS C 367 -1.07 32.35 21.05
CA LYS C 367 -0.55 33.45 21.86
C LYS C 367 -0.95 34.80 21.28
N GLU C 368 -2.25 34.96 21.03
CA GLU C 368 -2.75 36.22 20.51
C GLU C 368 -2.80 37.32 21.55
N GLU C 369 -2.62 37.00 22.83
CA GLU C 369 -2.64 38.02 23.86
C GLU C 369 -1.44 38.95 23.75
N LEU C 370 -0.34 38.46 23.19
CA LEU C 370 0.85 39.31 23.05
C LEU C 370 0.67 40.33 21.93
N LEU C 371 0.04 39.92 20.83
CA LEU C 371 -0.08 40.82 19.68
C LEU C 371 -1.13 41.90 19.93
N THR C 372 -2.27 41.53 20.50
CA THR C 372 -3.40 42.44 20.62
C THR C 372 -3.45 43.08 22.01
N THR C 373 -4.21 44.17 22.11
CA THR C 373 -4.45 44.82 23.38
C THR C 373 -5.54 44.07 24.14
N GLN C 374 -5.81 44.50 25.37
CA GLN C 374 -6.79 43.80 26.19
C GLN C 374 -8.20 43.97 25.65
N GLU C 375 -8.59 45.21 25.33
CA GLU C 375 -9.94 45.44 24.83
C GLU C 375 -10.15 44.76 23.48
N GLU C 376 -9.15 44.86 22.60
CA GLU C 376 -9.24 44.19 21.31
C GLU C 376 -9.38 42.69 21.48
N LEU C 377 -8.62 42.11 22.42
CA LEU C 377 -8.69 40.67 22.63
C LEU C 377 -10.05 40.26 23.16
N GLN C 378 -10.61 41.01 24.12
CA GLN C 378 -11.91 40.63 24.65
C GLN C 378 -13.01 40.78 23.62
N LYS C 379 -12.92 41.82 22.77
CA LYS C 379 -13.92 41.97 21.72
C LYS C 379 -13.80 40.88 20.67
N MET C 380 -12.57 40.47 20.34
CA MET C 380 -12.39 39.33 19.44
C MET C 380 -12.97 38.06 20.05
N TRP C 381 -12.80 37.89 21.37
CA TRP C 381 -13.36 36.71 22.02
C TRP C 381 -14.89 36.71 21.94
N ILE C 382 -15.53 37.85 22.21
CA ILE C 382 -16.99 37.86 22.13
C ILE C 382 -17.45 37.66 20.70
N LEU C 383 -16.71 38.19 19.71
CA LEU C 383 -17.07 37.96 18.32
C LEU C 383 -16.96 36.48 17.96
N ARG C 384 -15.89 35.82 18.40
CA ARG C 384 -15.74 34.40 18.13
C ARG C 384 -16.85 33.60 18.79
N LYS C 385 -17.23 33.98 20.01
CA LYS C 385 -18.33 33.31 20.69
C LYS C 385 -19.63 33.48 19.92
N ILE C 386 -19.87 34.67 19.36
CA ILE C 386 -21.06 34.89 18.55
C ILE C 386 -21.03 34.04 17.29
N ILE C 387 -19.88 33.98 16.62
CA ILE C 387 -19.81 33.35 15.31
C ILE C 387 -19.78 31.82 15.42
N HIS C 388 -19.32 31.28 16.55
CA HIS C 388 -19.07 29.84 16.67
C HIS C 388 -20.24 28.95 16.25
N PRO C 389 -21.49 29.21 16.67
CA PRO C 389 -22.57 28.30 16.26
C PRO C 389 -22.80 28.23 14.75
N MET C 390 -22.59 29.32 14.04
CA MET C 390 -23.02 29.42 12.64
C MET C 390 -22.08 28.65 11.72
N GLY C 391 -22.64 28.17 10.61
CA GLY C 391 -21.87 27.45 9.62
C GLY C 391 -20.94 28.35 8.84
N GLU C 392 -20.08 27.71 8.04
CA GLU C 392 -18.99 28.45 7.39
C GLU C 392 -19.51 29.52 6.43
N ILE C 393 -20.40 29.12 5.52
CA ILE C 393 -20.92 30.07 4.54
C ILE C 393 -21.69 31.18 5.24
N ASP C 394 -22.54 30.81 6.20
CA ASP C 394 -23.30 31.81 6.95
C ASP C 394 -22.39 32.71 7.75
N ALA C 395 -21.34 32.13 8.36
CA ALA C 395 -20.41 32.93 9.14
C ALA C 395 -19.72 33.97 8.27
N MET C 396 -19.22 33.55 7.11
CA MET C 396 -18.53 34.49 6.23
C MET C 396 -19.49 35.54 5.67
N GLU C 397 -20.71 35.15 5.33
CA GLU C 397 -21.68 36.13 4.83
C GLU C 397 -21.99 37.16 5.91
N PHE C 398 -22.23 36.70 7.14
CA PHE C 398 -22.53 37.62 8.23
C PHE C 398 -21.37 38.55 8.52
N LEU C 399 -20.14 38.02 8.54
CA LEU C 399 -18.98 38.84 8.81
C LEU C 399 -18.76 39.88 7.72
N ILE C 400 -18.90 39.47 6.45
CA ILE C 400 -18.71 40.40 5.34
C ILE C 400 -19.77 41.49 5.39
N ASN C 401 -21.02 41.11 5.65
CA ASN C 401 -22.10 42.10 5.71
C ASN C 401 -21.86 43.10 6.83
N LYS C 402 -21.44 42.61 8.01
CA LYS C 402 -21.19 43.52 9.12
C LYS C 402 -20.00 44.44 8.82
N LEU C 403 -18.93 43.90 8.22
CA LEU C 403 -17.76 44.72 7.95
C LEU C 403 -18.05 45.78 6.90
N ALA C 404 -18.83 45.42 5.87
CA ALA C 404 -19.11 46.38 4.81
C ALA C 404 -19.90 47.56 5.31
N MET C 405 -20.74 47.36 6.33
CA MET C 405 -21.58 48.42 6.85
C MET C 405 -20.78 49.50 7.57
N THR C 406 -19.50 49.28 7.84
CA THR C 406 -18.66 50.28 8.47
C THR C 406 -17.33 50.41 7.74
N LYS C 407 -16.40 51.20 8.28
CA LYS C 407 -15.15 51.50 7.61
C LYS C 407 -13.95 50.80 8.23
N THR C 408 -13.80 50.84 9.55
CA THR C 408 -12.65 50.27 10.24
C THR C 408 -13.11 49.18 11.21
N ASN C 409 -12.12 48.52 11.83
CA ASN C 409 -12.44 47.43 12.74
C ASN C 409 -12.98 47.93 14.07
N ASP C 410 -12.42 49.03 14.58
CA ASP C 410 -12.89 49.56 15.86
C ASP C 410 -14.34 49.98 15.75
N ASP C 411 -14.71 50.64 14.65
CA ASP C 411 -16.10 51.03 14.45
C ASP C 411 -17.01 49.82 14.37
N PHE C 412 -16.56 48.76 13.69
CA PHE C 412 -17.35 47.54 13.63
C PHE C 412 -17.55 46.94 15.01
N PHE C 413 -16.49 46.93 15.83
CA PHE C 413 -16.61 46.41 17.18
C PHE C 413 -17.61 47.21 17.99
N GLU C 414 -17.53 48.54 17.89
CA GLU C 414 -18.46 49.38 18.63
C GLU C 414 -19.90 49.15 18.18
N MET C 415 -20.11 49.05 16.87
CA MET C 415 -21.46 48.83 16.35
C MET C 415 -22.01 47.48 16.78
N MET C 416 -21.18 46.43 16.74
CA MET C 416 -21.63 45.11 17.13
C MET C 416 -21.89 45.03 18.63
N LYS C 417 -21.12 45.77 19.43
CA LYS C 417 -21.32 45.73 20.88
C LYS C 417 -22.69 46.27 21.26
N ARG C 418 -23.13 47.33 20.62
CA ARG C 418 -24.44 47.91 20.90
C ARG C 418 -25.42 47.64 19.75
N MET D 1 40.97 27.20 33.45
CA MET D 1 39.63 27.74 33.55
C MET D 1 38.59 26.63 33.44
N ASN D 2 37.32 26.98 33.61
CA ASN D 2 36.23 26.01 33.57
C ASN D 2 35.48 26.14 32.26
N LEU D 3 35.30 25.01 31.58
CA LEU D 3 34.58 25.02 30.31
C LEU D 3 33.09 25.27 30.51
N THR D 4 32.51 24.76 31.60
CA THR D 4 31.07 24.92 31.80
C THR D 4 30.68 26.38 31.99
N GLU D 5 31.44 27.11 32.81
CA GLU D 5 31.14 28.52 33.01
C GLU D 5 31.33 29.31 31.72
N LEU D 6 32.32 28.94 30.90
CA LEU D 6 32.48 29.58 29.60
C LEU D 6 31.27 29.31 28.72
N LYS D 7 30.76 28.08 28.73
CA LYS D 7 29.59 27.76 27.94
C LYS D 7 28.36 28.50 28.43
N ASN D 8 28.26 28.76 29.73
CA ASN D 8 27.10 29.46 30.27
C ASN D 8 27.08 30.93 29.91
N THR D 9 28.22 31.51 29.53
CA THR D 9 28.26 32.92 29.20
C THR D 9 27.52 33.18 27.87
N PRO D 10 26.96 34.38 27.71
CA PRO D 10 26.27 34.70 26.45
C PRO D 10 27.26 34.84 25.30
N VAL D 11 26.71 34.91 24.09
CA VAL D 11 27.55 34.94 22.89
C VAL D 11 28.38 36.21 22.84
N SER D 12 27.78 37.36 23.17
CA SER D 12 28.52 38.61 23.13
C SER D 12 29.66 38.61 24.13
N GLU D 13 29.43 38.07 25.33
CA GLU D 13 30.51 37.95 26.31
C GLU D 13 31.61 37.04 25.79
N LEU D 14 31.23 35.96 25.11
CA LEU D 14 32.22 35.07 24.51
C LEU D 14 33.07 35.80 23.48
N ILE D 15 32.43 36.61 22.65
CA ILE D 15 33.17 37.35 21.62
C ILE D 15 34.11 38.36 22.27
N THR D 16 33.64 39.04 23.33
CA THR D 16 34.52 39.99 24.01
C THR D 16 35.70 39.30 24.67
N LEU D 17 35.48 38.13 25.27
CA LEU D 17 36.57 37.37 25.86
C LEU D 17 37.57 36.93 24.80
N GLY D 18 37.07 36.45 23.66
CA GLY D 18 37.97 36.08 22.58
C GLY D 18 38.75 37.27 22.04
N GLU D 19 38.12 38.44 21.97
CA GLU D 19 38.79 39.63 21.45
C GLU D 19 39.89 40.09 22.40
N ASN D 20 39.56 40.21 23.69
CA ASN D 20 40.58 40.67 24.65
C ASN D 20 41.63 39.59 24.91
N MET D 21 41.34 38.34 24.55
CA MET D 21 42.39 37.32 24.54
C MET D 21 43.31 37.48 23.34
N GLY D 22 42.88 38.21 22.31
CA GLY D 22 43.70 38.42 21.13
C GLY D 22 43.42 37.41 20.04
N LEU D 23 42.14 37.20 19.73
CA LEU D 23 41.73 36.23 18.72
C LEU D 23 40.78 36.92 17.75
N GLU D 24 41.03 36.74 16.46
CA GLU D 24 40.31 37.45 15.40
C GLU D 24 39.09 36.67 14.93
N ASN D 25 38.22 37.34 14.19
CA ASN D 25 36.90 36.83 13.79
C ASN D 25 36.09 36.53 15.05
N LEU D 26 35.69 35.28 15.30
CA LEU D 26 34.86 34.86 16.43
C LEU D 26 33.47 35.46 16.42
N ALA D 27 33.08 36.14 15.34
CA ALA D 27 31.78 36.80 15.28
C ALA D 27 30.73 35.99 14.53
N ARG D 28 31.07 35.51 13.33
CA ARG D 28 30.10 34.79 12.50
C ARG D 28 30.12 33.29 12.73
N MET D 29 30.95 32.79 13.65
CA MET D 29 30.96 31.38 13.95
C MET D 29 29.88 31.04 14.97
N ARG D 30 29.59 29.75 15.08
CA ARG D 30 28.63 29.28 16.06
C ARG D 30 29.24 29.34 17.46
N LYS D 31 28.39 29.10 18.46
CA LYS D 31 28.86 29.15 19.85
C LYS D 31 29.91 28.09 20.13
N GLN D 32 29.71 26.88 19.59
CA GLN D 32 30.67 25.80 19.82
C GLN D 32 32.03 26.15 19.22
N ASP D 33 32.05 26.73 18.01
CA ASP D 33 33.31 27.05 17.37
C ASP D 33 34.08 28.11 18.12
N ILE D 34 33.41 29.18 18.55
CA ILE D 34 34.10 30.22 19.30
C ILE D 34 34.56 29.68 20.66
N ILE D 35 33.76 28.80 21.27
CA ILE D 35 34.19 28.17 22.51
C ILE D 35 35.46 27.36 22.29
N PHE D 36 35.51 26.60 21.19
CA PHE D 36 36.69 25.81 20.88
C PHE D 36 37.91 26.71 20.67
N ALA D 37 37.73 27.81 19.93
CA ALA D 37 38.85 28.71 19.68
C ALA D 37 39.36 29.35 20.97
N ILE D 38 38.45 29.78 21.83
CA ILE D 38 38.84 30.35 23.12
C ILE D 38 39.59 29.31 23.95
N LEU D 39 39.08 28.07 23.96
CA LEU D 39 39.73 27.02 24.71
C LEU D 39 41.14 26.75 24.20
N LYS D 40 41.31 26.72 22.88
CA LYS D 40 42.65 26.50 22.32
C LYS D 40 43.59 27.63 22.70
N GLN D 41 43.13 28.88 22.59
CA GLN D 41 44.00 30.00 22.90
C GLN D 41 44.39 30.01 24.38
N HIS D 42 43.46 29.68 25.27
CA HIS D 42 43.81 29.59 26.67
C HIS D 42 44.70 28.39 26.95
N ALA D 43 44.50 27.29 26.21
CA ALA D 43 45.29 26.09 26.40
C ALA D 43 46.73 26.29 25.98
N LYS D 44 46.97 27.20 25.03
CA LYS D 44 48.34 27.49 24.63
C LYS D 44 49.19 27.97 25.80
N SER D 45 48.57 28.47 26.87
CA SER D 45 49.27 28.88 28.07
C SER D 45 49.03 27.94 29.25
N GLY D 46 48.08 27.02 29.15
CA GLY D 46 47.87 26.01 30.19
C GLY D 46 46.79 26.34 31.20
N GLU D 47 47.20 26.52 32.46
CA GLU D 47 46.30 26.88 33.56
C GLU D 47 45.27 25.78 33.85
N ASP D 48 45.55 24.55 33.42
CA ASP D 48 44.82 23.36 33.88
C ASP D 48 43.31 23.50 33.65
N ILE D 49 42.94 23.52 32.37
CA ILE D 49 41.54 23.65 31.99
C ILE D 49 40.72 22.53 32.63
N PHE D 50 39.54 22.89 33.10
CA PHE D 50 38.58 21.94 33.66
C PHE D 50 37.42 21.74 32.70
N GLY D 51 36.55 20.79 33.04
CA GLY D 51 35.36 20.57 32.25
C GLY D 51 34.56 19.37 32.70
N ASP D 52 33.26 19.39 32.46
CA ASP D 52 32.38 18.30 32.81
C ASP D 52 31.42 18.02 31.65
N GLY D 53 30.70 16.92 31.76
CA GLY D 53 29.73 16.58 30.74
C GLY D 53 29.17 15.19 30.92
N VAL D 54 28.09 14.95 30.20
CA VAL D 54 27.42 13.66 30.20
C VAL D 54 28.03 12.78 29.11
N LEU D 55 28.40 11.56 29.47
CA LEU D 55 29.12 10.69 28.56
C LEU D 55 28.16 10.01 27.60
N GLU D 56 28.47 10.09 26.31
CA GLU D 56 27.80 9.32 25.26
C GLU D 56 28.82 8.36 24.67
N ILE D 57 28.53 7.07 24.73
CA ILE D 57 29.45 6.03 24.30
C ILE D 57 29.09 5.63 22.87
N LEU D 58 30.06 5.74 21.97
CA LEU D 58 29.86 5.36 20.58
C LEU D 58 30.28 3.91 20.37
N GLN D 59 29.70 3.29 19.35
CA GLN D 59 29.97 1.88 19.07
C GLN D 59 31.41 1.63 18.69
N ASP D 60 32.14 2.67 18.25
CA ASP D 60 33.54 2.48 17.89
C ASP D 60 34.41 2.23 19.11
N GLY D 61 33.97 2.60 20.30
CA GLY D 61 34.72 2.30 21.50
C GLY D 61 34.95 3.49 22.41
N PHE D 62 35.18 4.67 21.83
CA PHE D 62 35.43 5.87 22.63
C PHE D 62 34.14 6.65 22.85
N GLY D 63 34.21 7.64 23.75
CA GLY D 63 33.04 8.38 24.15
C GLY D 63 33.27 9.88 24.06
N PHE D 64 32.17 10.61 24.15
CA PHE D 64 32.19 12.07 24.09
C PHE D 64 31.39 12.65 25.26
N LEU D 65 31.93 13.72 25.85
CA LEU D 65 31.29 14.38 26.98
C LEU D 65 30.43 15.52 26.45
N ARG D 66 29.17 15.22 26.14
CA ARG D 66 28.26 16.24 25.67
C ARG D 66 27.84 17.16 26.82
N SER D 67 27.31 18.32 26.45
CA SER D 67 26.86 19.31 27.41
C SER D 67 25.36 19.50 27.31
N ALA D 68 24.72 19.77 28.44
CA ALA D 68 23.28 19.98 28.47
C ALA D 68 22.86 21.37 28.02
N ASP D 69 23.80 22.31 27.93
CA ASP D 69 23.47 23.64 27.43
C ASP D 69 23.01 23.58 25.98
N SER D 70 23.68 22.77 25.17
CA SER D 70 23.30 22.56 23.78
C SER D 70 22.38 21.36 23.60
N SER D 71 21.83 20.83 24.70
CA SER D 71 20.97 19.66 24.67
C SER D 71 21.68 18.47 24.01
N TYR D 72 22.91 18.23 24.46
CA TYR D 72 23.70 17.07 24.04
C TYR D 72 23.86 17.02 22.52
N LEU D 73 24.10 18.17 21.91
CA LEU D 73 24.37 18.25 20.48
C LEU D 73 25.85 18.09 20.23
N ALA D 74 26.19 17.30 19.21
CA ALA D 74 27.59 17.08 18.87
C ALA D 74 28.23 18.39 18.44
N GLY D 75 29.42 18.66 18.98
CA GLY D 75 30.11 19.89 18.70
C GLY D 75 31.61 19.75 18.83
N PRO D 76 32.34 20.73 18.29
CA PRO D 76 33.81 20.68 18.36
C PRO D 76 34.36 20.71 19.78
N ASP D 77 33.62 21.27 20.74
CA ASP D 77 34.13 21.43 22.10
C ASP D 77 33.89 20.22 22.99
N ASP D 78 33.23 19.18 22.48
CA ASP D 78 32.96 18.00 23.29
C ASP D 78 34.27 17.30 23.65
N ILE D 79 34.42 16.94 24.93
CA ILE D 79 35.60 16.24 25.37
C ILE D 79 35.58 14.82 24.82
N TYR D 80 36.75 14.30 24.47
CA TYR D 80 36.89 12.97 23.90
C TYR D 80 37.56 12.06 24.93
N VAL D 81 36.88 10.99 25.31
CA VAL D 81 37.40 10.04 26.29
C VAL D 81 37.74 8.75 25.57
N SER D 82 38.98 8.29 25.75
CA SER D 82 39.47 7.08 25.11
C SER D 82 38.91 5.84 25.80
N PRO D 83 38.86 4.71 25.10
CA PRO D 83 38.36 3.48 25.73
C PRO D 83 39.18 3.04 26.93
N SER D 84 40.44 3.47 27.03
CA SER D 84 41.23 3.12 28.21
C SER D 84 40.63 3.69 29.48
N GLN D 85 40.16 4.93 29.43
CA GLN D 85 39.51 5.53 30.60
C GLN D 85 38.16 4.89 30.86
N ILE D 86 37.43 4.54 29.80
CA ILE D 86 36.14 3.87 29.97
C ILE D 86 36.34 2.50 30.60
N ARG D 87 37.51 1.89 30.41
CA ARG D 87 37.78 0.59 31.01
C ARG D 87 38.34 0.71 32.42
N ARG D 88 39.18 1.71 32.68
CA ARG D 88 39.76 1.87 34.01
C ARG D 88 38.68 2.12 35.05
N PHE D 89 37.82 3.11 34.80
CA PHE D 89 36.61 3.31 35.58
C PHE D 89 35.43 2.85 34.76
N ASN D 90 34.63 1.94 35.30
CA ASN D 90 33.50 1.42 34.55
C ASN D 90 32.53 2.55 34.26
N LEU D 91 32.50 3.03 33.03
CA LEU D 91 31.69 4.16 32.63
C LEU D 91 30.72 3.73 31.54
N ARG D 92 29.46 4.11 31.70
CA ARG D 92 28.42 3.83 30.72
C ARG D 92 27.85 5.15 30.22
N THR D 93 27.08 5.06 29.13
CA THR D 93 26.45 6.25 28.58
C THR D 93 25.51 6.87 29.59
N GLY D 94 25.59 8.19 29.73
CA GLY D 94 24.81 8.92 30.69
C GLY D 94 25.55 9.32 31.95
N ASP D 95 26.75 8.79 32.17
CA ASP D 95 27.54 9.19 33.33
C ASP D 95 27.93 10.66 33.22
N THR D 96 27.95 11.35 34.35
CA THR D 96 28.30 12.77 34.41
C THR D 96 29.72 12.87 34.96
N ILE D 97 30.70 13.04 34.07
CA ILE D 97 32.10 13.06 34.44
C ILE D 97 32.59 14.49 34.48
N SER D 98 33.32 14.84 35.53
CA SER D 98 33.96 16.13 35.69
C SER D 98 35.44 15.93 35.99
N GLY D 99 36.28 16.75 35.37
CA GLY D 99 37.70 16.66 35.59
C GLY D 99 38.45 17.61 34.69
N LYS D 100 39.77 17.58 34.82
CA LYS D 100 40.64 18.40 34.00
C LYS D 100 40.79 17.80 32.61
N ILE D 101 41.04 18.67 31.63
CA ILE D 101 41.16 18.26 30.24
C ILE D 101 42.49 18.78 29.69
N ARG D 102 42.83 18.31 28.49
CA ARG D 102 44.09 18.65 27.85
C ARG D 102 43.83 19.13 26.43
N PRO D 103 44.69 19.99 25.90
CA PRO D 103 44.49 20.48 24.54
C PRO D 103 44.66 19.36 23.53
N PRO D 104 43.94 19.41 22.40
CA PRO D 104 44.15 18.39 21.38
C PRO D 104 45.57 18.44 20.83
N LYS D 105 46.10 17.26 20.53
CA LYS D 105 47.43 17.16 19.95
C LYS D 105 47.33 17.03 18.43
N GLU D 106 48.48 16.88 17.79
CA GLU D 106 48.50 16.71 16.33
C GLU D 106 47.79 15.43 15.94
N GLY D 107 46.92 15.52 14.93
CA GLY D 107 46.17 14.39 14.46
C GLY D 107 44.80 14.22 15.09
N GLU D 108 44.48 14.96 16.15
CA GLU D 108 43.18 14.89 16.79
C GLU D 108 42.59 16.29 16.89
N ARG D 109 41.28 16.38 16.73
CA ARG D 109 40.58 17.65 16.68
C ARG D 109 39.68 17.90 17.89
N TYR D 110 39.65 16.99 18.86
CA TYR D 110 38.80 17.13 20.03
C TYR D 110 39.66 17.26 21.29
N PHE D 111 39.15 18.02 22.25
CA PHE D 111 39.77 18.06 23.57
C PHE D 111 39.59 16.69 24.23
N ALA D 112 40.61 16.27 24.98
CA ALA D 112 40.62 14.97 25.59
C ALA D 112 40.62 15.10 27.10
N LEU D 113 39.99 14.13 27.77
CA LEU D 113 39.99 14.08 29.22
C LEU D 113 41.35 13.60 29.72
N LEU D 114 41.84 14.25 30.76
CA LEU D 114 43.18 13.96 31.29
C LEU D 114 43.14 13.21 32.60
N LYS D 115 42.38 13.70 33.58
CA LYS D 115 42.32 13.07 34.90
C LYS D 115 40.94 13.26 35.49
N VAL D 116 40.18 12.18 35.59
CA VAL D 116 38.85 12.23 36.18
C VAL D 116 38.97 12.53 37.67
N ASN D 117 38.17 13.47 38.15
CA ASN D 117 38.08 13.73 39.58
C ASN D 117 36.67 13.67 40.12
N GLU D 118 35.66 13.46 39.27
CA GLU D 118 34.30 13.27 39.76
C GLU D 118 33.51 12.47 38.75
N VAL D 119 32.80 11.45 39.23
CA VAL D 119 31.89 10.67 38.40
C VAL D 119 30.54 10.63 39.10
N ASN D 120 29.51 11.11 38.41
CA ASN D 120 28.14 11.11 38.93
C ASN D 120 28.06 11.82 40.29
N PHE D 121 28.77 12.94 40.41
CA PHE D 121 28.83 13.71 41.66
C PHE D 121 29.34 12.86 42.81
N ASP D 122 30.32 12.01 42.54
CA ASP D 122 30.91 11.15 43.55
C ASP D 122 32.31 10.76 43.11
N LYS D 123 33.09 10.25 44.05
CA LYS D 123 34.42 9.78 43.72
C LYS D 123 34.35 8.58 42.79
N PRO D 124 35.32 8.42 41.90
CA PRO D 124 35.27 7.29 40.95
C PRO D 124 35.21 5.93 41.62
N GLU D 125 35.93 5.75 42.72
CA GLU D 125 35.93 4.46 43.40
C GLU D 125 34.54 4.07 43.90
N ASN D 126 33.83 5.02 44.51
CA ASN D 126 32.48 4.74 44.98
C ASN D 126 31.54 4.47 43.81
N ALA D 127 31.69 5.21 42.71
CA ALA D 127 30.81 5.02 41.57
C ALA D 127 31.08 3.69 40.87
N ARG D 128 32.28 3.14 41.01
CA ARG D 128 32.59 1.88 40.36
C ARG D 128 31.84 0.70 40.98
N ASN D 129 31.39 0.83 42.22
CA ASN D 129 30.75 -0.28 42.94
C ASN D 129 29.23 -0.18 42.94
N LYS D 130 28.65 0.74 42.18
CA LYS D 130 27.20 0.90 42.17
C LYS D 130 26.53 -0.27 41.45
N ILE D 131 25.32 -0.59 41.90
CA ILE D 131 24.55 -1.67 41.31
C ILE D 131 23.80 -1.14 40.09
N LEU D 132 23.76 -1.93 39.02
CA LEU D 132 23.16 -1.50 37.78
C LEU D 132 21.66 -1.27 37.96
N PHE D 133 21.11 -0.43 37.09
CA PHE D 133 19.69 -0.06 37.18
C PHE D 133 18.79 -1.27 36.98
N GLU D 134 19.12 -2.13 36.03
CA GLU D 134 18.25 -3.27 35.73
C GLU D 134 18.14 -4.23 36.89
N ASN D 135 19.15 -4.27 37.76
CA ASN D 135 19.11 -5.18 38.90
C ASN D 135 18.27 -4.66 40.05
N LEU D 136 17.87 -3.39 40.03
CA LEU D 136 17.06 -2.84 41.10
C LEU D 136 15.63 -3.36 41.02
N THR D 137 15.01 -3.53 42.18
CA THR D 137 13.68 -4.09 42.26
C THR D 137 12.63 -3.01 42.06
N PRO D 138 11.77 -3.11 41.05
CA PRO D 138 10.68 -2.13 40.92
C PRO D 138 9.66 -2.29 42.03
N LEU D 139 8.99 -1.19 42.36
CA LEU D 139 7.98 -1.20 43.40
C LEU D 139 6.91 -0.17 43.07
N HIS D 140 5.75 -0.34 43.69
CA HIS D 140 4.68 0.64 43.56
C HIS D 140 5.09 1.94 44.25
N ALA D 141 4.69 3.06 43.66
CA ALA D 141 4.96 4.36 44.28
C ALA D 141 4.22 4.46 45.61
N ASN D 142 4.93 4.91 46.64
CA ASN D 142 4.33 5.07 47.96
C ASN D 142 4.59 6.43 48.59
N SER D 143 5.55 7.20 48.11
CA SER D 143 5.83 8.53 48.64
C SER D 143 5.19 9.57 47.72
N ARG D 144 4.23 10.31 48.24
CA ARG D 144 3.47 11.24 47.42
C ARG D 144 4.31 12.46 47.04
N LEU D 145 4.00 13.02 45.88
CA LEU D 145 4.57 14.29 45.42
C LEU D 145 3.42 15.29 45.43
N ARG D 146 3.32 16.06 46.50
CA ARG D 146 2.20 16.97 46.68
C ARG D 146 2.41 18.22 45.82
N MET D 147 1.52 18.43 44.86
CA MET D 147 1.66 19.55 43.94
C MET D 147 1.26 20.88 44.59
N GLU D 148 0.23 20.86 45.41
CA GLU D 148 -0.33 22.10 45.97
C GLU D 148 0.70 22.82 46.83
N ARG D 149 0.82 24.13 46.63
CA ARG D 149 1.69 24.96 47.43
C ARG D 149 0.97 25.75 48.52
N GLY D 150 -0.35 25.88 48.42
CA GLY D 150 -1.11 26.61 49.42
C GLY D 150 -1.03 28.11 49.30
N ASN D 151 -0.49 28.64 48.21
CA ASN D 151 -0.39 30.09 48.05
C ASN D 151 -1.77 30.73 47.94
N GLY D 152 -2.73 30.03 47.34
CA GLY D 152 -4.04 30.60 47.07
C GLY D 152 -4.13 31.35 45.76
N SER D 153 -3.03 31.48 45.02
CA SER D 153 -3.04 32.16 43.74
C SER D 153 -3.78 31.32 42.70
N THR D 154 -4.25 32.00 41.65
CA THR D 154 -4.99 31.31 40.60
C THR D 154 -4.13 30.31 39.84
N GLU D 155 -2.81 30.43 39.90
CA GLU D 155 -1.95 29.42 39.31
C GLU D 155 -1.99 28.12 40.10
N ASP D 156 -2.16 28.20 41.42
CA ASP D 156 -2.23 27.01 42.26
C ASP D 156 -3.52 26.22 42.06
N LEU D 157 -4.52 26.81 41.39
CA LEU D 157 -5.77 26.11 41.17
C LEU D 157 -5.57 24.87 40.32
N THR D 158 -4.74 24.97 39.27
CA THR D 158 -4.46 23.81 38.43
C THR D 158 -3.77 22.71 39.23
N ALA D 159 -2.79 23.08 40.06
CA ALA D 159 -2.09 22.09 40.86
C ALA D 159 -3.04 21.41 41.85
N ARG D 160 -3.92 22.18 42.49
CA ARG D 160 -4.85 21.59 43.44
C ARG D 160 -5.86 20.69 42.74
N VAL D 161 -6.33 21.10 41.56
CA VAL D 161 -7.24 20.26 40.79
C VAL D 161 -6.56 18.94 40.44
N LEU D 162 -5.30 19.00 40.01
CA LEU D 162 -4.61 17.78 39.62
C LEU D 162 -4.30 16.90 40.83
N ASP D 163 -4.02 17.52 41.98
CA ASP D 163 -3.82 16.73 43.20
C ASP D 163 -5.10 16.02 43.60
N LEU D 164 -6.25 16.67 43.41
CA LEU D 164 -7.51 16.01 43.71
C LEU D 164 -7.84 14.92 42.71
N ALA D 165 -7.48 15.13 41.44
CA ALA D 165 -7.91 14.22 40.39
C ALA D 165 -7.05 12.95 40.34
N SER D 166 -5.76 13.11 40.06
CA SER D 166 -4.85 11.98 39.89
C SER D 166 -3.61 12.21 40.75
N PRO D 167 -3.59 11.73 41.98
CA PRO D 167 -2.39 11.85 42.80
C PRO D 167 -1.20 11.15 42.15
N ILE D 168 -0.03 11.77 42.30
CA ILE D 168 1.20 11.21 41.75
C ILE D 168 2.18 11.01 42.89
N GLY D 169 3.13 10.10 42.67
CA GLY D 169 4.12 9.79 43.67
C GLY D 169 5.47 9.52 43.04
N ARG D 170 6.47 9.33 43.89
CA ARG D 170 7.82 9.06 43.43
C ARG D 170 7.86 7.70 42.77
N GLY D 171 8.22 7.66 41.49
CA GLY D 171 8.26 6.43 40.75
C GLY D 171 7.03 6.13 39.92
N GLN D 172 6.12 7.08 39.77
CA GLN D 172 4.94 6.85 38.97
C GLN D 172 5.28 6.88 37.48
N ARG D 173 4.38 6.31 36.69
CA ARG D 173 4.49 6.31 35.23
C ARG D 173 3.21 6.93 34.71
N GLY D 174 3.19 8.25 34.63
CA GLY D 174 1.97 8.96 34.30
C GLY D 174 1.83 9.23 32.81
N LEU D 175 0.58 9.35 32.38
CA LEU D 175 0.24 9.64 30.99
C LEU D 175 -0.82 10.74 30.96
N ILE D 176 -0.56 11.77 30.16
CA ILE D 176 -1.50 12.86 29.97
C ILE D 176 -2.05 12.75 28.56
N VAL D 177 -3.36 12.54 28.46
CA VAL D 177 -4.04 12.38 27.19
C VAL D 177 -4.61 13.74 26.81
N ALA D 178 -3.96 14.41 25.87
CA ALA D 178 -4.28 15.80 25.55
C ALA D 178 -4.65 15.97 24.09
N PRO D 179 -5.88 16.35 23.77
CA PRO D 179 -6.20 16.75 22.40
C PRO D 179 -5.58 18.08 22.06
N PRO D 180 -5.45 18.42 20.79
CA PRO D 180 -4.78 19.67 20.43
C PRO D 180 -5.50 20.89 20.99
N LYS D 181 -4.71 21.90 21.36
CA LYS D 181 -5.21 23.17 21.88
C LYS D 181 -6.09 22.96 23.11
N ALA D 182 -5.61 22.12 24.03
CA ALA D 182 -6.31 21.87 25.29
C ALA D 182 -5.61 22.46 26.50
N GLY D 183 -4.32 22.76 26.40
CA GLY D 183 -3.60 23.35 27.52
C GLY D 183 -2.57 22.44 28.14
N LYS D 184 -1.96 21.58 27.33
CA LYS D 184 -0.96 20.65 27.87
C LYS D 184 0.32 21.37 28.26
N THR D 185 0.75 22.35 27.45
CA THR D 185 2.00 23.04 27.75
C THR D 185 1.91 23.85 29.03
N MET D 186 0.80 24.55 29.23
CA MET D 186 0.63 25.31 30.47
C MET D 186 0.56 24.38 31.68
N LEU D 187 -0.11 23.23 31.53
CA LEU D 187 -0.16 22.26 32.61
C LEU D 187 1.22 21.73 32.94
N LEU D 188 2.02 21.41 31.92
CA LEU D 188 3.37 20.93 32.15
C LEU D 188 4.22 22.01 32.83
N GLN D 189 4.08 23.26 32.41
CA GLN D 189 4.81 24.35 33.05
C GLN D 189 4.43 24.46 34.52
N ASN D 190 3.13 24.38 34.82
CA ASN D 190 2.68 24.47 36.21
C ASN D 190 3.22 23.31 37.02
N ILE D 191 3.25 22.10 36.45
CA ILE D 191 3.79 20.96 37.17
C ILE D 191 5.27 21.17 37.44
N ALA D 192 6.00 21.72 36.47
CA ALA D 192 7.41 22.00 36.69
C ALA D 192 7.63 23.00 37.81
N GLN D 193 6.85 24.08 37.84
CA GLN D 193 6.98 25.04 38.93
C GLN D 193 6.65 24.40 40.27
N SER D 194 5.59 23.59 40.32
CA SER D 194 5.20 22.95 41.58
C SER D 194 6.29 22.00 42.07
N ILE D 195 6.90 21.24 41.16
CA ILE D 195 7.97 20.33 41.55
C ILE D 195 9.18 21.12 42.05
N ALA D 196 9.54 22.18 41.33
CA ALA D 196 10.69 22.97 41.74
C ALA D 196 10.46 23.66 43.08
N TYR D 197 9.21 23.93 43.42
CA TYR D 197 8.90 24.59 44.68
C TYR D 197 8.87 23.57 45.83
N ASN D 198 7.99 22.58 45.75
CA ASN D 198 7.73 21.72 46.89
C ASN D 198 8.90 20.79 47.18
N HIS D 199 9.53 20.24 46.14
CA HIS D 199 10.55 19.21 46.29
C HIS D 199 11.83 19.66 45.59
N PRO D 200 12.63 20.51 46.25
CA PRO D 200 13.90 20.94 45.63
C PRO D 200 14.93 19.82 45.54
N ASP D 201 14.76 18.73 46.28
CA ASP D 201 15.77 17.67 46.28
C ASP D 201 15.71 16.82 45.01
N CYS D 202 14.51 16.62 44.45
CA CYS D 202 14.38 15.78 43.27
C CYS D 202 15.03 16.44 42.07
N VAL D 203 15.63 15.63 41.20
CA VAL D 203 16.24 16.11 39.98
C VAL D 203 15.17 16.16 38.90
N LEU D 204 14.90 17.35 38.38
CA LEU D 204 13.83 17.57 37.43
C LEU D 204 14.42 17.83 36.05
N MET D 205 14.03 17.01 35.07
CA MET D 205 14.40 17.21 33.68
C MET D 205 13.14 17.30 32.84
N VAL D 206 13.09 18.29 31.96
CA VAL D 206 11.97 18.48 31.04
C VAL D 206 12.46 18.16 29.64
N LEU D 207 11.85 17.17 29.01
CA LEU D 207 12.25 16.72 27.69
C LEU D 207 11.16 17.11 26.69
N LEU D 208 11.54 17.91 25.69
CA LEU D 208 10.62 18.35 24.65
C LEU D 208 11.07 17.78 23.32
N ILE D 209 10.17 17.11 22.63
CA ILE D 209 10.46 16.46 21.35
C ILE D 209 9.61 17.11 20.27
N ASP D 210 10.25 17.52 19.17
CA ASP D 210 9.56 18.14 18.04
C ASP D 210 8.82 19.40 18.46
N GLU D 211 9.43 20.18 19.34
CA GLU D 211 8.80 21.39 19.82
C GLU D 211 9.17 22.58 18.93
N ARG D 212 8.37 23.64 19.04
CA ARG D 212 8.68 24.84 18.30
C ARG D 212 9.82 25.60 18.98
N PRO D 213 10.64 26.31 18.23
CA PRO D 213 11.80 26.99 18.82
C PRO D 213 11.45 28.00 19.90
N GLU D 214 10.30 28.66 19.82
CA GLU D 214 9.94 29.66 20.83
C GLU D 214 9.52 28.99 22.14
N GLU D 215 8.79 27.87 22.04
CA GLU D 215 8.38 27.16 23.25
C GLU D 215 9.58 26.62 24.01
N VAL D 216 10.64 26.26 23.29
CA VAL D 216 11.84 25.77 23.96
C VAL D 216 12.43 26.84 24.85
N THR D 217 12.58 28.05 24.32
CA THR D 217 13.14 29.14 25.12
C THR D 217 12.21 29.54 26.25
N GLU D 218 10.89 29.51 26.00
CA GLU D 218 9.94 29.81 27.07
C GLU D 218 10.09 28.83 28.22
N MET D 219 10.18 27.54 27.90
CA MET D 219 10.35 26.53 28.94
C MET D 219 11.69 26.68 29.65
N GLN D 220 12.76 26.96 28.90
CA GLN D 220 14.07 27.12 29.52
C GLN D 220 14.08 28.29 30.49
N ARG D 221 13.44 29.40 30.13
CA ARG D 221 13.39 30.54 31.02
C ARG D 221 12.40 30.37 32.16
N LEU D 222 11.44 29.44 32.03
CA LEU D 222 10.48 29.23 33.10
C LEU D 222 10.91 28.13 34.07
N VAL D 223 11.35 26.99 33.54
CA VAL D 223 11.60 25.81 34.36
C VAL D 223 12.90 25.97 35.14
N LYS D 224 12.83 25.76 36.44
CA LYS D 224 14.01 25.78 37.31
C LYS D 224 14.55 24.36 37.40
N GLY D 225 15.39 24.00 36.44
CA GLY D 225 15.95 22.66 36.38
C GLY D 225 16.77 22.44 35.13
N GLU D 226 16.62 21.28 34.49
CA GLU D 226 17.32 20.95 33.28
C GLU D 226 16.31 20.75 32.16
N VAL D 227 16.41 21.57 31.11
CA VAL D 227 15.52 21.50 29.96
C VAL D 227 16.36 21.14 28.74
N VAL D 228 16.01 20.04 28.09
CA VAL D 228 16.66 19.61 26.86
C VAL D 228 15.57 19.37 25.82
N ALA D 229 15.74 19.97 24.64
CA ALA D 229 14.72 19.93 23.62
C ALA D 229 15.34 19.74 22.26
N SER D 230 14.55 19.19 21.34
CA SER D 230 14.93 19.03 19.95
C SER D 230 13.79 19.55 19.09
N THR D 231 14.02 20.66 18.40
CA THR D 231 12.97 21.29 17.62
C THR D 231 12.63 20.45 16.39
N PHE D 232 11.48 20.77 15.78
CA PHE D 232 11.01 20.00 14.64
C PHE D 232 11.94 20.09 13.45
N ASP D 233 12.73 21.15 13.34
CA ASP D 233 13.64 21.29 12.21
C ASP D 233 14.93 20.52 12.46
N GLU D 234 14.81 19.25 12.83
CA GLU D 234 15.95 18.39 13.10
C GLU D 234 15.60 16.98 12.69
N PRO D 235 16.58 16.18 12.29
CA PRO D 235 16.29 14.80 11.89
C PRO D 235 15.82 13.97 13.08
N ALA D 236 15.06 12.93 12.78
CA ALA D 236 14.55 12.05 13.83
C ALA D 236 15.68 11.40 14.62
N SER D 237 16.85 11.25 14.00
CA SER D 237 18.01 10.74 14.72
C SER D 237 18.34 11.65 15.90
N ARG D 238 18.17 12.96 15.74
CA ARG D 238 18.43 13.88 16.83
C ARG D 238 17.45 13.65 17.99
N HIS D 239 16.17 13.47 17.68
CA HIS D 239 15.20 13.19 18.72
C HIS D 239 15.53 11.90 19.46
N VAL D 240 15.88 10.85 18.71
CA VAL D 240 16.21 9.57 19.32
C VAL D 240 17.43 9.72 20.23
N GLN D 241 18.46 10.41 19.74
CA GLN D 241 19.67 10.58 20.53
C GLN D 241 19.40 11.36 21.81
N VAL D 242 18.63 12.44 21.71
CA VAL D 242 18.33 13.24 22.89
C VAL D 242 17.55 12.44 23.91
N ALA D 243 16.54 11.69 23.46
CA ALA D 243 15.75 10.89 24.39
C ALA D 243 16.61 9.83 25.06
N GLU D 244 17.47 9.16 24.30
CA GLU D 244 18.32 8.12 24.87
C GLU D 244 19.29 8.72 25.89
N MET D 245 19.88 9.87 25.57
CA MET D 245 20.79 10.51 26.51
C MET D 245 20.07 10.87 27.80
N VAL D 246 18.85 11.41 27.69
CA VAL D 246 18.10 11.78 28.88
C VAL D 246 17.80 10.56 29.74
N ILE D 247 17.35 9.48 29.11
CA ILE D 247 16.96 8.31 29.89
C ILE D 247 18.18 7.65 30.53
N GLU D 248 19.32 7.63 29.82
CA GLU D 248 20.52 7.05 30.41
C GLU D 248 21.03 7.89 31.58
N LYS D 249 20.99 9.22 31.43
CA LYS D 249 21.39 10.08 32.54
C LYS D 249 20.48 9.86 33.75
N ALA D 250 19.18 9.72 33.50
CA ALA D 250 18.25 9.48 34.60
C ALA D 250 18.54 8.15 35.28
N LYS D 251 18.83 7.11 34.51
CA LYS D 251 19.14 5.81 35.11
C LYS D 251 20.41 5.89 35.95
N ARG D 252 21.44 6.56 35.44
CA ARG D 252 22.68 6.68 36.20
C ARG D 252 22.45 7.46 37.49
N LEU D 253 21.65 8.52 37.44
CA LEU D 253 21.35 9.27 38.65
C LEU D 253 20.57 8.42 39.65
N VAL D 254 19.60 7.65 39.17
CA VAL D 254 18.81 6.80 40.06
C VAL D 254 19.67 5.74 40.72
N GLU D 255 20.68 5.23 40.01
CA GLU D 255 21.58 4.25 40.59
C GLU D 255 22.29 4.77 41.83
N HIS D 256 22.37 6.10 41.99
CA HIS D 256 23.01 6.71 43.15
C HIS D 256 22.01 7.11 44.22
N LYS D 257 20.85 6.44 44.27
CA LYS D 257 19.81 6.71 45.26
C LYS D 257 19.34 8.16 45.19
N LYS D 258 18.91 8.56 44.00
CA LYS D 258 18.38 9.89 43.77
C LYS D 258 17.02 9.80 43.10
N ASP D 259 16.14 10.72 43.44
CA ASP D 259 14.83 10.81 42.81
C ASP D 259 14.92 11.68 41.57
N VAL D 260 14.55 11.13 40.43
CA VAL D 260 14.65 11.81 39.14
C VAL D 260 13.27 11.91 38.53
N ILE D 261 12.87 13.11 38.12
CA ILE D 261 11.57 13.36 37.53
C ILE D 261 11.77 13.85 36.11
N ILE D 262 11.08 13.23 35.17
CA ILE D 262 11.20 13.56 33.76
C ILE D 262 9.80 13.87 33.22
N LEU D 263 9.62 15.09 32.71
CA LEU D 263 8.40 15.48 32.04
C LEU D 263 8.64 15.43 30.54
N LEU D 264 7.90 14.58 29.85
CA LEU D 264 8.08 14.33 28.42
C LEU D 264 6.94 15.00 27.67
N ASP D 265 7.30 15.93 26.78
CA ASP D 265 6.30 16.75 26.11
C ASP D 265 5.40 15.91 25.20
N SER D 266 5.96 14.91 24.55
CA SER D 266 5.16 14.05 23.69
C SER D 266 5.80 12.69 23.58
N ILE D 267 5.10 11.66 24.06
CA ILE D 267 5.48 10.29 23.75
C ILE D 267 5.10 9.94 22.32
N THR D 268 4.09 10.60 21.75
CA THR D 268 3.71 10.37 20.37
C THR D 268 4.81 10.83 19.41
N ARG D 269 5.38 12.01 19.65
CA ARG D 269 6.45 12.49 18.78
C ARG D 269 7.68 11.59 18.89
N LEU D 270 7.99 11.12 20.10
CA LEU D 270 9.10 10.21 20.28
C LEU D 270 8.85 8.89 19.55
N ALA D 271 7.62 8.38 19.61
CA ALA D 271 7.30 7.15 18.90
C ALA D 271 7.41 7.36 17.40
N ARG D 272 6.98 8.52 16.89
CA ARG D 272 7.12 8.81 15.48
C ARG D 272 8.58 8.87 15.06
N ALA D 273 9.42 9.51 15.88
CA ALA D 273 10.83 9.58 15.57
C ALA D 273 11.47 8.20 15.53
N TYR D 274 11.13 7.35 16.51
CA TYR D 274 11.66 5.99 16.53
C TYR D 274 11.17 5.19 15.32
N ASN D 275 9.91 5.38 14.94
CA ASN D 275 9.38 4.69 13.77
C ASN D 275 10.11 5.12 12.50
N THR D 276 10.41 6.41 12.38
CA THR D 276 11.15 6.89 11.23
C THR D 276 12.57 6.34 11.21
N VAL D 277 13.24 6.32 12.36
CA VAL D 277 14.66 6.01 12.37
C VAL D 277 14.92 4.49 12.29
N VAL D 278 13.99 3.67 12.76
CA VAL D 278 14.21 2.23 12.84
C VAL D 278 14.13 1.63 11.44
N PRO D 279 14.95 0.63 11.12
CA PRO D 279 14.76 -0.09 9.86
C PRO D 279 13.45 -0.88 9.86
N ALA D 280 12.88 -1.01 8.67
CA ALA D 280 11.60 -1.71 8.53
C ALA D 280 11.80 -3.21 8.72
N SER D 281 10.93 -3.82 9.53
CA SER D 281 10.99 -5.25 9.80
C SER D 281 10.09 -6.07 8.89
N GLY D 282 9.38 -5.44 7.96
CA GLY D 282 8.51 -6.13 7.04
C GLY D 282 7.07 -6.24 7.47
N LYS D 283 6.78 -6.07 8.76
CA LYS D 283 5.43 -6.12 9.29
C LYS D 283 5.04 -4.70 9.73
N VAL D 284 4.06 -4.12 9.05
CA VAL D 284 3.64 -2.74 9.29
C VAL D 284 2.19 -2.77 9.73
N LEU D 285 1.92 -2.16 10.89
CA LEU D 285 0.57 -2.10 11.43
C LEU D 285 -0.22 -1.00 10.71
N THR D 286 -1.45 -0.76 11.17
CA THR D 286 -2.26 0.29 10.57
C THR D 286 -1.66 1.66 10.84
N GLY D 287 -1.78 2.55 9.87
CA GLY D 287 -1.24 3.89 9.98
C GLY D 287 0.21 4.04 9.57
N GLY D 288 0.88 2.94 9.23
CA GLY D 288 2.25 3.02 8.78
C GLY D 288 3.30 2.86 9.85
N VAL D 289 2.95 2.36 11.02
CA VAL D 289 3.92 2.16 12.08
C VAL D 289 4.50 0.75 11.98
N ASP D 290 5.66 0.56 12.58
CA ASP D 290 6.35 -0.72 12.62
C ASP D 290 6.29 -1.26 14.04
N ALA D 291 5.85 -2.51 14.18
CA ALA D 291 5.78 -3.12 15.51
C ALA D 291 7.16 -3.21 16.14
N ASN D 292 8.22 -3.32 15.33
CA ASN D 292 9.57 -3.30 15.87
C ASN D 292 9.87 -1.95 16.50
N ALA D 293 9.37 -0.86 15.89
CA ALA D 293 9.71 0.47 16.35
C ALA D 293 9.25 0.71 17.79
N LEU D 294 7.96 0.45 18.06
CA LEU D 294 7.37 0.79 19.35
C LEU D 294 8.03 0.07 20.52
N HIS D 295 8.94 -0.86 20.26
CA HIS D 295 9.68 -1.50 21.34
C HIS D 295 10.61 -0.51 22.03
N ARG D 296 11.13 0.48 21.29
CA ARG D 296 12.09 1.42 21.86
C ARG D 296 11.42 2.50 22.70
N PRO D 297 10.34 3.15 22.25
CA PRO D 297 9.66 4.10 23.15
C PRO D 297 9.16 3.45 24.43
N LYS D 298 8.65 2.21 24.33
CA LYS D 298 8.18 1.52 25.51
C LYS D 298 9.30 1.32 26.52
N ARG D 299 10.49 0.95 26.04
CA ARG D 299 11.63 0.85 26.94
C ARG D 299 11.92 2.18 27.62
N PHE D 300 11.66 3.29 26.93
CA PHE D 300 11.76 4.59 27.57
C PHE D 300 10.69 4.77 28.63
N PHE D 301 9.46 4.35 28.33
CA PHE D 301 8.36 4.56 29.25
C PHE D 301 8.43 3.60 30.43
N GLY D 302 8.92 2.39 30.21
CA GLY D 302 8.96 1.39 31.24
C GLY D 302 10.02 1.57 32.29
N ALA D 303 10.94 2.51 32.10
CA ALA D 303 11.98 2.75 33.10
C ALA D 303 11.46 3.44 34.35
N ALA D 304 10.23 3.94 34.33
CA ALA D 304 9.68 4.63 35.49
C ALA D 304 9.33 3.60 36.57
N ARG D 305 9.97 3.72 37.72
CA ARG D 305 9.77 2.76 38.80
C ARG D 305 10.18 3.38 40.12
N ASN D 306 9.75 2.74 41.20
CA ASN D 306 10.16 3.11 42.55
C ASN D 306 11.12 2.04 43.03
N VAL D 307 12.41 2.35 43.00
CA VAL D 307 13.43 1.37 43.39
C VAL D 307 13.31 1.08 44.88
N GLU D 308 13.30 -0.21 45.22
CA GLU D 308 13.20 -0.59 46.63
C GLU D 308 14.43 -0.16 47.42
N GLU D 309 15.62 -0.29 46.82
CA GLU D 309 16.85 0.08 47.51
C GLU D 309 16.86 1.54 47.89
N GLY D 310 16.44 2.41 46.97
CA GLY D 310 16.42 3.83 47.22
C GLY D 310 16.33 4.64 45.95
N GLY D 311 15.73 5.82 46.02
CA GLY D 311 15.54 6.63 44.84
C GLY D 311 14.37 6.15 44.01
N SER D 312 14.08 6.92 42.96
CA SER D 312 12.94 6.61 42.11
C SER D 312 13.10 7.35 40.80
N LEU D 313 12.32 6.91 39.80
CA LEU D 313 12.31 7.53 38.48
C LEU D 313 10.85 7.77 38.10
N THR D 314 10.41 9.02 38.19
CA THR D 314 9.08 9.41 37.77
C THR D 314 9.12 9.90 36.34
N ILE D 315 8.19 9.42 35.51
CA ILE D 315 8.09 9.84 34.13
C ILE D 315 6.64 10.25 33.86
N ILE D 316 6.44 11.51 33.54
CA ILE D 316 5.12 12.03 33.21
C ILE D 316 5.17 12.48 31.75
N ALA D 317 4.61 11.67 30.87
CA ALA D 317 4.67 11.92 29.44
C ALA D 317 3.27 12.25 28.92
N THR D 318 3.21 13.16 27.96
CA THR D 318 1.94 13.55 27.36
C THR D 318 1.73 12.79 26.06
N ALA D 319 0.51 12.30 25.86
CA ALA D 319 0.13 11.60 24.65
C ALA D 319 -0.89 12.43 23.89
N LEU D 320 -0.70 12.55 22.59
CA LEU D 320 -1.57 13.37 21.74
C LEU D 320 -2.61 12.49 21.07
N ILE D 321 -3.88 12.91 21.16
CA ILE D 321 -4.99 12.19 20.56
C ILE D 321 -5.83 13.18 19.78
N ASP D 322 -6.65 12.65 18.86
CA ASP D 322 -7.55 13.44 18.04
C ASP D 322 -6.81 14.51 17.26
N THR D 323 -5.59 14.22 16.85
CA THR D 323 -4.78 15.15 16.08
C THR D 323 -5.05 15.07 14.58
N GLY D 324 -5.91 14.15 14.15
CA GLY D 324 -6.19 13.99 12.74
C GLY D 324 -5.31 12.99 12.03
N SER D 325 -4.51 12.21 12.75
CA SER D 325 -3.62 11.22 12.16
C SER D 325 -3.95 9.85 12.71
N LYS D 326 -3.90 8.83 11.84
CA LYS D 326 -4.11 7.46 12.27
C LYS D 326 -2.89 6.90 13.00
N MET D 327 -1.68 7.32 12.60
CA MET D 327 -0.48 6.81 13.24
C MET D 327 -0.36 7.25 14.69
N ASP D 328 -0.69 8.53 14.97
CA ASP D 328 -0.73 8.96 16.36
C ASP D 328 -1.81 8.22 17.14
N GLU D 329 -2.94 7.94 16.47
CA GLU D 329 -4.01 7.20 17.12
C GLU D 329 -3.53 5.81 17.53
N VAL D 330 -2.83 5.11 16.64
CA VAL D 330 -2.36 3.77 16.99
C VAL D 330 -1.22 3.83 18.00
N ILE D 331 -0.43 4.91 17.99
CA ILE D 331 0.62 5.05 19.00
C ILE D 331 -0.01 5.18 20.38
N TYR D 332 -1.04 6.03 20.52
CA TYR D 332 -1.77 6.08 21.78
C TYR D 332 -2.48 4.77 22.06
N GLU D 333 -2.88 4.06 21.02
CA GLU D 333 -3.59 2.80 21.16
C GLU D 333 -2.71 1.75 21.85
N GLU D 334 -1.43 1.74 21.50
CA GLU D 334 -0.49 0.77 22.05
C GLU D 334 -0.04 1.10 23.47
N PHE D 335 -0.48 2.22 24.03
CA PHE D 335 0.07 2.72 25.30
C PHE D 335 -0.94 2.86 26.43
N LYS D 336 -2.17 2.37 26.26
CA LYS D 336 -3.18 2.61 27.30
C LYS D 336 -2.80 1.92 28.61
N GLY D 337 -2.52 0.63 28.56
CA GLY D 337 -2.35 -0.12 29.78
C GLY D 337 -1.01 0.01 30.47
N THR D 338 -0.07 0.74 29.87
CA THR D 338 1.26 0.84 30.45
C THR D 338 1.27 1.70 31.71
N GLY D 339 0.61 2.86 31.65
CA GLY D 339 0.69 3.79 32.75
C GLY D 339 -0.16 3.40 33.94
N ASN D 340 0.35 3.72 35.12
CA ASN D 340 -0.40 3.54 36.37
C ASN D 340 -1.07 4.82 36.82
N MET D 341 -1.01 5.89 36.02
CA MET D 341 -1.71 7.13 36.30
C MET D 341 -2.06 7.78 34.97
N GLU D 342 -3.30 8.25 34.86
CA GLU D 342 -3.76 8.89 33.64
C GLU D 342 -4.47 10.18 33.98
N LEU D 343 -4.25 11.21 33.16
CA LEU D 343 -4.93 12.48 33.29
C LEU D 343 -5.44 12.88 31.92
N HIS D 344 -6.76 13.00 31.78
CA HIS D 344 -7.40 13.23 30.49
C HIS D 344 -7.76 14.71 30.37
N LEU D 345 -7.17 15.39 29.39
CA LEU D 345 -7.57 16.73 29.04
C LEU D 345 -8.71 16.68 28.05
N SER D 346 -9.58 17.68 28.11
CA SER D 346 -10.78 17.72 27.27
C SER D 346 -10.80 19.02 26.48
N ARG D 347 -11.01 18.91 25.17
CA ARG D 347 -11.17 20.10 24.34
C ARG D 347 -12.51 20.77 24.58
N LYS D 348 -13.51 19.98 24.99
CA LYS D 348 -14.84 20.54 25.26
C LYS D 348 -14.78 21.56 26.39
N ILE D 349 -14.02 21.26 27.44
CA ILE D 349 -13.85 22.23 28.52
C ILE D 349 -12.91 23.34 28.10
N ALA D 350 -11.98 23.06 27.18
CA ALA D 350 -10.99 24.07 26.79
C ALA D 350 -11.63 25.16 25.95
N GLU D 351 -12.57 24.81 25.08
CA GLU D 351 -13.16 25.79 24.18
C GLU D 351 -14.00 26.82 24.95
N LYS D 352 -14.43 26.48 26.15
CA LYS D 352 -15.16 27.41 27.00
C LYS D 352 -14.24 28.28 27.85
N ARG D 353 -12.94 28.23 27.59
CA ARG D 353 -11.95 29.04 28.30
C ARG D 353 -11.99 28.79 29.81
N VAL D 354 -12.34 27.57 30.20
CA VAL D 354 -12.30 27.15 31.59
C VAL D 354 -11.07 26.27 31.78
N PHE D 355 -10.19 26.67 32.67
CA PHE D 355 -8.92 25.97 32.84
C PHE D 355 -8.66 25.68 34.31
N PRO D 356 -8.02 24.55 34.61
CA PRO D 356 -7.50 23.53 33.69
C PRO D 356 -8.59 22.70 33.04
N ALA D 357 -8.42 22.34 31.77
CA ALA D 357 -9.42 21.56 31.04
C ALA D 357 -9.17 20.09 31.31
N ILE D 358 -9.55 19.66 32.51
CA ILE D 358 -9.29 18.31 33.00
C ILE D 358 -10.60 17.55 33.07
N ASP D 359 -10.63 16.37 32.47
CA ASP D 359 -11.79 15.47 32.55
C ASP D 359 -11.67 14.71 33.86
N TYR D 360 -12.37 15.18 34.90
CA TYR D 360 -12.21 14.61 36.23
C TYR D 360 -12.72 13.18 36.30
N ASN D 361 -13.84 12.90 35.63
CA ASN D 361 -14.45 11.58 35.77
C ASN D 361 -13.61 10.50 35.11
N ARG D 362 -12.92 10.81 34.02
CA ARG D 362 -12.17 9.82 33.26
C ARG D 362 -10.69 9.80 33.59
N SER D 363 -10.27 10.52 34.63
CA SER D 363 -8.87 10.58 35.01
C SER D 363 -8.71 10.07 36.44
N GLY D 364 -7.58 9.42 36.69
CA GLY D 364 -7.31 8.88 38.02
C GLY D 364 -5.96 8.19 38.04
N THR D 365 -5.66 7.61 39.19
CA THR D 365 -4.41 6.88 39.38
C THR D 365 -4.71 5.50 39.93
N ARG D 366 -3.79 4.57 39.68
CA ARG D 366 -3.94 3.19 40.12
C ARG D 366 -3.20 3.00 41.45
N LYS D 367 -3.87 2.33 42.39
CA LYS D 367 -3.33 2.08 43.72
C LYS D 367 -2.96 3.39 44.42
N GLU D 368 -3.99 4.22 44.63
CA GLU D 368 -3.81 5.48 45.33
C GLU D 368 -3.81 5.32 46.84
N GLU D 369 -4.07 4.11 47.35
CA GLU D 369 -4.06 3.90 48.80
C GLU D 369 -2.67 4.10 49.37
N LEU D 370 -1.62 3.82 48.59
CA LEU D 370 -0.27 3.94 49.11
C LEU D 370 0.17 5.39 49.21
N LEU D 371 -0.19 6.21 48.22
CA LEU D 371 0.26 7.59 48.22
C LEU D 371 -0.45 8.43 49.28
N THR D 372 -1.76 8.27 49.39
CA THR D 372 -2.57 9.11 50.25
C THR D 372 -2.86 8.40 51.58
N THR D 373 -3.24 9.20 52.57
CA THR D 373 -3.62 8.68 53.87
C THR D 373 -5.07 8.19 53.83
N GLN D 374 -5.53 7.63 54.94
CA GLN D 374 -6.88 7.09 54.99
C GLN D 374 -7.93 8.19 54.88
N GLU D 375 -7.78 9.25 55.68
CA GLU D 375 -8.74 10.35 55.62
C GLU D 375 -8.74 11.03 54.26
N GLU D 376 -7.55 11.25 53.69
CA GLU D 376 -7.46 11.82 52.36
C GLU D 376 -8.18 10.95 51.35
N LEU D 377 -7.98 9.63 51.43
CA LEU D 377 -8.61 8.72 50.48
C LEU D 377 -10.13 8.74 50.60
N GLN D 378 -10.65 8.72 51.83
CA GLN D 378 -12.11 8.70 51.96
C GLN D 378 -12.71 10.03 51.53
N LYS D 379 -12.03 11.15 51.80
CA LYS D 379 -12.53 12.43 51.31
C LYS D 379 -12.51 12.48 49.78
N MET D 380 -11.44 11.94 49.18
CA MET D 380 -11.38 11.89 47.72
C MET D 380 -12.51 11.04 47.15
N TRP D 381 -12.82 9.92 47.80
CA TRP D 381 -13.91 9.08 47.34
C TRP D 381 -15.24 9.81 47.45
N ILE D 382 -15.44 10.55 48.54
CA ILE D 382 -16.69 11.32 48.69
C ILE D 382 -16.80 12.35 47.58
N LEU D 383 -15.71 13.06 47.29
CA LEU D 383 -15.72 14.05 46.23
C LEU D 383 -15.99 13.41 44.88
N ARG D 384 -15.40 12.25 44.62
CA ARG D 384 -15.65 11.56 43.35
C ARG D 384 -17.11 11.14 43.23
N LYS D 385 -17.68 10.64 44.32
CA LYS D 385 -19.09 10.26 44.30
C LYS D 385 -19.97 11.48 44.00
N ILE D 386 -19.64 12.63 44.59
CA ILE D 386 -20.39 13.84 44.30
C ILE D 386 -20.25 14.25 42.84
N ILE D 387 -19.03 14.20 42.32
CA ILE D 387 -18.76 14.69 40.97
C ILE D 387 -19.40 13.80 39.92
N HIS D 388 -19.39 12.48 40.14
CA HIS D 388 -19.66 11.50 39.09
C HIS D 388 -20.92 11.77 38.27
N PRO D 389 -22.09 12.08 38.86
CA PRO D 389 -23.27 12.30 38.01
C PRO D 389 -23.15 13.48 37.06
N MET D 390 -22.33 14.48 37.39
CA MET D 390 -22.24 15.68 36.59
C MET D 390 -21.56 15.40 35.24
N GLY D 391 -21.89 16.23 34.26
CA GLY D 391 -21.13 16.23 33.02
C GLY D 391 -19.74 16.79 33.22
N GLU D 392 -18.85 16.49 32.26
CA GLU D 392 -17.45 16.83 32.44
C GLU D 392 -17.24 18.33 32.60
N ILE D 393 -17.86 19.12 31.72
CA ILE D 393 -17.65 20.56 31.78
C ILE D 393 -18.31 21.17 33.01
N ASP D 394 -19.53 20.72 33.33
CA ASP D 394 -20.19 21.20 34.54
C ASP D 394 -19.43 20.79 35.78
N ALA D 395 -18.93 19.55 35.81
CA ALA D 395 -18.16 19.09 36.96
C ALA D 395 -16.90 19.91 37.16
N MET D 396 -16.17 20.18 36.07
CA MET D 396 -14.95 20.97 36.20
C MET D 396 -15.26 22.39 36.63
N GLU D 397 -16.32 23.00 36.08
CA GLU D 397 -16.69 24.35 36.48
C GLU D 397 -17.05 24.40 37.96
N PHE D 398 -17.86 23.44 38.42
CA PHE D 398 -18.24 23.40 39.82
C PHE D 398 -17.02 23.19 40.72
N LEU D 399 -16.13 22.28 40.32
CA LEU D 399 -14.95 22.00 41.13
C LEU D 399 -14.06 23.21 41.24
N ILE D 400 -13.82 23.90 40.12
CA ILE D 400 -12.92 25.06 40.17
C ILE D 400 -13.56 26.21 40.93
N ASN D 401 -14.89 26.37 40.82
CA ASN D 401 -15.58 27.41 41.57
C ASN D 401 -15.49 27.15 43.07
N LYS D 402 -15.70 25.91 43.50
CA LYS D 402 -15.57 25.60 44.91
C LYS D 402 -14.13 25.68 45.38
N LEU D 403 -13.18 25.37 44.50
CA LEU D 403 -11.78 25.29 44.89
C LEU D 403 -11.18 26.68 45.05
N ALA D 404 -11.61 27.63 44.24
CA ALA D 404 -11.08 28.98 44.33
C ALA D 404 -11.50 29.69 45.62
N MET D 405 -12.59 29.24 46.25
CA MET D 405 -13.09 29.93 47.43
C MET D 405 -12.12 29.82 48.60
N THR D 406 -11.50 28.66 48.78
CA THR D 406 -10.58 28.43 49.88
C THR D 406 -9.14 28.42 49.38
N LYS D 407 -8.21 28.18 50.32
CA LYS D 407 -6.78 28.29 50.04
C LYS D 407 -6.10 26.94 49.89
N THR D 408 -6.39 25.98 50.77
CA THR D 408 -5.77 24.67 50.74
C THR D 408 -6.83 23.60 50.51
N ASN D 409 -6.37 22.45 49.98
CA ASN D 409 -7.29 21.34 49.73
C ASN D 409 -7.89 20.81 51.01
N ASP D 410 -7.15 20.86 52.12
CA ASP D 410 -7.69 20.39 53.39
C ASP D 410 -8.89 21.24 53.82
N ASP D 411 -8.79 22.56 53.70
CA ASP D 411 -9.91 23.42 54.02
C ASP D 411 -11.07 23.20 53.06
N PHE D 412 -10.78 22.90 51.80
CA PHE D 412 -11.84 22.55 50.86
C PHE D 412 -12.58 21.30 51.30
N PHE D 413 -11.84 20.29 51.77
CA PHE D 413 -12.47 19.09 52.29
C PHE D 413 -13.31 19.39 53.51
N GLU D 414 -12.79 20.24 54.42
CA GLU D 414 -13.56 20.60 55.60
C GLU D 414 -14.86 21.31 55.23
N MET D 415 -14.79 22.24 54.27
CA MET D 415 -15.99 22.95 53.84
C MET D 415 -16.99 22.00 53.19
N MET D 416 -16.52 21.10 52.33
CA MET D 416 -17.43 20.16 51.68
C MET D 416 -18.04 19.19 52.67
N LYS D 417 -17.32 18.85 53.74
CA LYS D 417 -17.87 17.96 54.76
C LYS D 417 -19.08 18.60 55.44
N ARG D 418 -18.99 19.90 55.72
CA ARG D 418 -20.10 20.61 56.36
C ARG D 418 -21.31 20.67 55.45
N MET E 1 28.76 -27.35 43.35
CA MET E 1 28.15 -26.05 43.51
C MET E 1 26.80 -26.00 42.79
N ASN E 2 25.83 -25.33 43.39
CA ASN E 2 24.47 -25.29 42.86
C ASN E 2 24.24 -23.97 42.15
N LEU E 3 23.94 -24.04 40.85
CA LEU E 3 23.65 -22.83 40.09
C LEU E 3 22.41 -22.12 40.61
N THR E 4 21.37 -22.88 40.94
CA THR E 4 20.14 -22.28 41.44
C THR E 4 20.37 -21.56 42.77
N GLU E 5 21.30 -22.06 43.58
CA GLU E 5 21.62 -21.35 44.82
C GLU E 5 22.18 -19.96 44.52
N LEU E 6 23.09 -19.87 43.56
CA LEU E 6 23.63 -18.56 43.18
C LEU E 6 22.55 -17.68 42.58
N LYS E 7 21.68 -18.25 41.75
CA LYS E 7 20.64 -17.46 41.11
C LYS E 7 19.65 -16.89 42.14
N ASN E 8 19.29 -17.69 43.15
CA ASN E 8 18.31 -17.24 44.12
C ASN E 8 18.88 -16.19 45.08
N THR E 9 20.19 -16.16 45.29
CA THR E 9 20.77 -15.18 46.19
C THR E 9 20.63 -13.77 45.62
N PRO E 10 20.52 -12.76 46.49
CA PRO E 10 20.42 -11.39 46.00
C PRO E 10 21.69 -10.95 45.28
N VAL E 11 21.53 -9.94 44.43
CA VAL E 11 22.63 -9.50 43.56
C VAL E 11 23.80 -8.98 44.39
N SER E 12 23.50 -8.27 45.48
CA SER E 12 24.57 -7.76 46.34
C SER E 12 25.37 -8.89 46.96
N GLU E 13 24.68 -9.95 47.41
CA GLU E 13 25.38 -11.11 47.93
C GLU E 13 26.24 -11.77 46.86
N LEU E 14 25.73 -11.80 45.62
CA LEU E 14 26.53 -12.35 44.52
C LEU E 14 27.79 -11.53 44.30
N ILE E 15 27.67 -10.19 44.35
CA ILE E 15 28.83 -9.34 44.17
C ILE E 15 29.84 -9.56 45.29
N THR E 16 29.35 -9.67 46.54
CA THR E 16 30.27 -9.91 47.66
C THR E 16 30.96 -11.25 47.52
N LEU E 17 30.22 -12.29 47.11
CA LEU E 17 30.83 -13.60 46.91
C LEU E 17 31.89 -13.57 45.82
N GLY E 18 31.59 -12.89 44.71
CA GLY E 18 32.58 -12.76 43.65
C GLY E 18 33.82 -12.01 44.11
N GLU E 19 33.63 -10.93 44.87
CA GLU E 19 34.77 -10.17 45.39
C GLU E 19 35.61 -11.02 46.34
N ASN E 20 34.96 -11.83 47.17
CA ASN E 20 35.69 -12.79 47.99
C ASN E 20 36.49 -13.76 47.12
N MET E 21 35.87 -14.24 46.05
CA MET E 21 36.61 -15.05 45.08
C MET E 21 37.61 -14.19 44.30
N GLY E 22 37.28 -12.92 44.08
CA GLY E 22 38.17 -12.01 43.38
C GLY E 22 37.47 -11.27 42.25
N LEU E 23 38.04 -11.36 41.05
CA LEU E 23 37.37 -10.95 39.81
C LEU E 23 37.25 -9.43 39.70
N GLU E 24 37.62 -8.71 40.76
CA GLU E 24 37.71 -7.25 40.75
C GLU E 24 36.35 -6.66 40.42
N ASN E 25 36.18 -5.98 39.30
CA ASN E 25 34.94 -5.27 39.01
C ASN E 25 33.81 -6.26 38.76
N LEU E 26 32.75 -6.16 39.57
CA LEU E 26 31.59 -7.03 39.43
C LEU E 26 30.26 -6.33 39.56
N ALA E 27 30.21 -5.09 40.04
CA ALA E 27 28.93 -4.46 40.36
C ALA E 27 28.19 -4.02 39.09
N ARG E 28 28.92 -3.47 38.12
CA ARG E 28 28.26 -2.73 37.05
C ARG E 28 27.46 -3.65 36.12
N MET E 29 28.02 -4.80 35.76
CA MET E 29 27.35 -5.65 34.79
C MET E 29 26.11 -6.32 35.41
N ARG E 30 25.30 -6.93 34.55
CA ARG E 30 24.03 -7.49 34.97
C ARG E 30 24.23 -8.73 35.83
N LYS E 31 23.12 -9.21 36.41
CA LYS E 31 23.18 -10.38 37.27
C LYS E 31 23.61 -11.62 36.49
N GLN E 32 23.14 -11.77 35.26
CA GLN E 32 23.52 -12.92 34.45
C GLN E 32 25.03 -12.92 34.20
N ASP E 33 25.60 -11.75 33.89
CA ASP E 33 27.05 -11.67 33.70
C ASP E 33 27.78 -12.00 35.00
N ILE E 34 27.26 -11.53 36.14
CA ILE E 34 27.90 -11.81 37.41
C ILE E 34 27.94 -13.31 37.67
N ILE E 35 26.79 -13.98 37.50
CA ILE E 35 26.74 -15.41 37.78
C ILE E 35 27.58 -16.19 36.77
N PHE E 36 27.62 -15.74 35.52
CA PHE E 36 28.45 -16.39 34.52
C PHE E 36 29.93 -16.31 34.89
N ALA E 37 30.38 -15.13 35.29
CA ALA E 37 31.78 -14.96 35.67
C ALA E 37 32.12 -15.77 36.92
N ILE E 38 31.22 -15.74 37.91
CA ILE E 38 31.47 -16.49 39.14
C ILE E 38 31.54 -17.99 38.85
N LEU E 39 30.62 -18.49 38.01
CA LEU E 39 30.64 -19.90 37.66
C LEU E 39 31.91 -20.26 36.90
N LYS E 40 32.35 -19.40 35.98
CA LYS E 40 33.59 -19.68 35.26
C LYS E 40 34.78 -19.74 36.20
N GLN E 41 34.86 -18.81 37.14
CA GLN E 41 35.96 -18.83 38.10
C GLN E 41 35.91 -20.08 38.97
N HIS E 42 34.72 -20.45 39.43
CA HIS E 42 34.60 -21.65 40.27
C HIS E 42 34.96 -22.90 39.50
N ALA E 43 34.58 -22.97 38.22
CA ALA E 43 34.96 -24.11 37.39
C ALA E 43 36.47 -24.15 37.19
N LYS E 44 37.09 -22.98 37.01
CA LYS E 44 38.55 -22.93 36.93
C LYS E 44 39.19 -23.38 38.22
N SER E 45 38.49 -23.18 39.36
CA SER E 45 38.99 -23.71 40.62
C SER E 45 39.07 -25.23 40.60
N GLY E 46 38.06 -25.88 40.02
CA GLY E 46 38.09 -27.32 39.85
C GLY E 46 36.88 -28.07 40.34
N GLU E 47 36.16 -27.50 41.31
CA GLU E 47 35.02 -28.18 41.90
C GLU E 47 33.90 -28.32 40.89
N ASP E 48 33.23 -29.48 40.92
CA ASP E 48 32.11 -29.71 40.02
C ASP E 48 30.91 -28.86 40.42
N ILE E 49 30.14 -28.46 39.41
CA ILE E 49 28.96 -27.61 39.60
C ILE E 49 27.73 -28.37 39.12
N PHE E 50 26.63 -28.23 39.87
CA PHE E 50 25.37 -28.86 39.51
C PHE E 50 24.35 -27.77 39.22
N GLY E 51 23.68 -27.88 38.07
CA GLY E 51 22.71 -26.90 37.67
C GLY E 51 21.48 -27.56 37.06
N ASP E 52 20.37 -26.83 37.12
CA ASP E 52 19.11 -27.31 36.61
C ASP E 52 18.43 -26.21 35.80
N GLY E 53 17.55 -26.63 34.90
CA GLY E 53 16.86 -25.69 34.05
C GLY E 53 15.71 -26.35 33.32
N VAL E 54 15.08 -25.57 32.45
CA VAL E 54 13.98 -26.04 31.60
C VAL E 54 14.48 -26.04 30.17
N LEU E 55 14.40 -27.21 29.53
CA LEU E 55 14.95 -27.37 28.19
C LEU E 55 14.08 -26.69 27.15
N GLU E 56 14.73 -26.22 26.09
CA GLU E 56 14.05 -25.60 24.96
C GLU E 56 14.81 -25.91 23.69
N ILE E 57 14.08 -26.25 22.64
CA ILE E 57 14.65 -26.54 21.33
C ILE E 57 14.65 -25.25 20.50
N LEU E 58 15.81 -24.90 19.97
CA LEU E 58 15.93 -23.77 19.06
C LEU E 58 15.89 -24.24 17.62
N GLN E 59 15.70 -23.29 16.70
CA GLN E 59 15.59 -23.62 15.29
C GLN E 59 16.88 -24.19 14.72
N ASP E 60 18.01 -23.99 15.39
CA ASP E 60 19.28 -24.56 14.96
C ASP E 60 19.42 -26.02 15.36
N GLY E 61 18.42 -26.58 16.06
CA GLY E 61 18.50 -27.95 16.53
C GLY E 61 19.16 -28.11 17.89
N PHE E 62 19.66 -27.03 18.48
CA PHE E 62 20.36 -27.10 19.75
C PHE E 62 19.38 -26.97 20.91
N GLY E 63 19.84 -27.32 22.10
CA GLY E 63 19.03 -27.22 23.30
C GLY E 63 19.57 -26.17 24.25
N PHE E 64 18.66 -25.51 24.96
CA PHE E 64 19.05 -24.53 25.97
C PHE E 64 18.22 -24.73 27.22
N LEU E 65 18.88 -24.75 28.38
CA LEU E 65 18.22 -24.88 29.68
C LEU E 65 18.03 -23.48 30.26
N ARG E 66 16.88 -22.89 29.99
CA ARG E 66 16.58 -21.58 30.56
C ARG E 66 16.26 -21.71 32.04
N SER E 67 16.45 -20.63 32.78
CA SER E 67 16.19 -20.62 34.21
C SER E 67 14.86 -19.92 34.51
N ALA E 68 14.16 -20.42 35.52
CA ALA E 68 12.86 -19.88 35.86
C ALA E 68 12.97 -18.55 36.62
N ASP E 69 14.00 -18.41 37.45
CA ASP E 69 14.16 -17.18 38.22
C ASP E 69 14.44 -15.97 37.33
N SER E 70 14.88 -16.20 36.09
CA SER E 70 15.05 -15.15 35.12
C SER E 70 13.86 -15.04 34.18
N SER E 71 12.74 -15.68 34.52
CA SER E 71 11.53 -15.68 33.68
C SER E 71 11.84 -16.22 32.29
N TYR E 72 12.68 -17.25 32.23
CA TYR E 72 12.99 -17.95 30.97
C TYR E 72 13.59 -17.01 29.94
N LEU E 73 14.44 -16.10 30.39
CA LEU E 73 15.09 -15.14 29.51
C LEU E 73 16.47 -15.62 29.14
N ALA E 74 16.82 -15.52 27.85
CA ALA E 74 18.14 -15.94 27.40
C ALA E 74 19.22 -15.09 28.05
N GLY E 75 20.28 -15.76 28.50
CA GLY E 75 21.37 -15.07 29.16
C GLY E 75 22.69 -15.76 28.94
N PRO E 76 23.79 -15.07 29.27
CA PRO E 76 25.12 -15.66 29.07
C PRO E 76 25.34 -16.93 29.88
N ASP E 77 24.67 -17.08 31.01
CA ASP E 77 24.82 -18.26 31.87
C ASP E 77 23.86 -19.38 31.50
N ASP E 78 23.09 -19.23 30.42
CA ASP E 78 22.16 -20.27 30.01
C ASP E 78 22.93 -21.50 29.52
N ILE E 79 22.73 -22.62 30.21
CA ILE E 79 23.39 -23.86 29.81
C ILE E 79 22.87 -24.29 28.45
N TYR E 80 23.78 -24.77 27.60
CA TYR E 80 23.43 -25.16 26.24
C TYR E 80 23.89 -26.59 25.99
N VAL E 81 22.98 -27.40 25.46
CA VAL E 81 23.13 -28.85 25.38
C VAL E 81 23.01 -29.29 23.93
N SER E 82 23.94 -30.14 23.51
CA SER E 82 24.04 -30.57 22.13
C SER E 82 22.89 -31.51 21.74
N PRO E 83 22.57 -31.58 20.45
CA PRO E 83 21.53 -32.51 20.01
C PRO E 83 21.87 -33.97 20.27
N SER E 84 23.15 -34.30 20.45
CA SER E 84 23.51 -35.67 20.79
C SER E 84 22.90 -36.09 22.12
N GLN E 85 22.89 -35.18 23.10
CA GLN E 85 22.25 -35.48 24.37
C GLN E 85 20.75 -35.66 24.20
N ILE E 86 20.12 -34.84 23.34
CA ILE E 86 18.69 -34.95 23.10
C ILE E 86 18.36 -36.29 22.44
N ARG E 87 19.25 -36.77 21.57
CA ARG E 87 19.05 -38.08 20.97
C ARG E 87 19.26 -39.19 22.00
N ARG E 88 20.25 -39.03 22.88
CA ARG E 88 20.55 -40.05 23.87
C ARG E 88 19.39 -40.26 24.82
N PHE E 89 18.89 -39.16 25.41
CA PHE E 89 17.73 -39.20 26.29
C PHE E 89 16.61 -38.42 25.64
N ASN E 90 15.46 -39.07 25.44
CA ASN E 90 14.35 -38.43 24.75
C ASN E 90 13.90 -37.18 25.51
N LEU E 91 14.16 -36.01 24.94
CA LEU E 91 13.86 -34.75 25.59
C LEU E 91 13.24 -33.79 24.59
N ARG E 92 12.48 -32.83 25.11
CA ARG E 92 11.88 -31.78 24.30
C ARG E 92 11.72 -30.54 25.16
N THR E 93 11.20 -29.49 24.55
CA THR E 93 11.01 -28.23 25.26
C THR E 93 10.04 -28.41 26.42
N GLY E 94 10.36 -27.77 27.55
CA GLY E 94 9.56 -27.85 28.75
C GLY E 94 10.08 -28.82 29.80
N ASP E 95 10.95 -29.76 29.41
CA ASP E 95 11.48 -30.72 30.37
C ASP E 95 12.44 -30.04 31.35
N THR E 96 12.34 -30.43 32.61
CA THR E 96 13.23 -29.92 33.67
C THR E 96 14.37 -30.90 33.84
N ILE E 97 15.60 -30.42 33.63
CA ILE E 97 16.79 -31.26 33.65
C ILE E 97 17.79 -30.68 34.64
N SER E 98 18.33 -31.56 35.50
CA SER E 98 19.35 -31.20 36.48
C SER E 98 20.52 -32.15 36.35
N GLY E 99 21.73 -31.59 36.42
CA GLY E 99 22.92 -32.42 36.30
C GLY E 99 24.18 -31.59 36.45
N LYS E 100 25.31 -32.29 36.37
CA LYS E 100 26.61 -31.64 36.46
C LYS E 100 26.91 -30.88 35.16
N ILE E 101 27.61 -29.76 35.31
CA ILE E 101 27.81 -28.81 34.23
C ILE E 101 29.29 -28.72 33.90
N ARG E 102 29.62 -28.81 32.60
CA ARG E 102 30.98 -28.70 32.09
C ARG E 102 31.40 -27.22 32.02
N PRO E 103 32.63 -26.91 32.40
CA PRO E 103 33.12 -25.53 32.24
C PRO E 103 33.21 -25.16 30.77
N PRO E 104 33.05 -23.87 30.44
CA PRO E 104 33.08 -23.45 29.03
C PRO E 104 34.50 -23.46 28.49
N LYS E 105 34.80 -24.43 27.64
CA LYS E 105 36.12 -24.52 27.03
C LYS E 105 36.20 -23.57 25.84
N GLU E 106 37.26 -23.69 25.05
CA GLU E 106 37.43 -22.84 23.88
C GLU E 106 36.30 -23.09 22.89
N GLY E 107 35.71 -22.00 22.39
CA GLY E 107 34.56 -22.10 21.52
C GLY E 107 33.24 -22.31 22.23
N GLU E 108 33.24 -22.37 23.56
CA GLU E 108 32.03 -22.58 24.36
C GLU E 108 31.68 -21.26 25.01
N ARG E 109 30.73 -20.53 24.41
CA ARG E 109 30.28 -19.26 24.94
C ARG E 109 29.37 -19.41 26.15
N TYR E 110 28.88 -20.61 26.42
CA TYR E 110 28.02 -20.87 27.56
C TYR E 110 28.47 -22.17 28.22
N PHE E 111 27.81 -22.50 29.33
CA PHE E 111 28.07 -23.76 30.01
C PHE E 111 27.30 -24.89 29.36
N ALA E 112 27.83 -26.10 29.50
CA ALA E 112 27.22 -27.28 28.91
C ALA E 112 27.09 -28.38 29.95
N LEU E 113 26.15 -29.30 29.68
CA LEU E 113 25.86 -30.38 30.62
C LEU E 113 26.86 -31.53 30.44
N LEU E 114 27.48 -31.94 31.54
CA LEU E 114 28.38 -33.08 31.50
C LEU E 114 27.61 -34.39 31.58
N LYS E 115 26.90 -34.61 32.67
CA LYS E 115 26.08 -35.80 32.86
C LYS E 115 24.76 -35.40 33.52
N VAL E 116 23.67 -35.93 32.99
CA VAL E 116 22.33 -35.61 33.49
C VAL E 116 21.94 -36.63 34.55
N ASN E 117 21.52 -36.14 35.71
CA ASN E 117 21.12 -37.01 36.81
C ASN E 117 19.67 -36.81 37.22
N GLU E 118 18.93 -35.91 36.56
CA GLU E 118 17.51 -35.77 36.86
C GLU E 118 16.81 -35.22 35.64
N VAL E 119 15.72 -35.87 35.24
CA VAL E 119 14.87 -35.40 34.15
C VAL E 119 13.44 -35.36 34.68
N ASN E 120 12.86 -34.16 34.75
CA ASN E 120 11.51 -33.96 35.24
C ASN E 120 11.32 -34.62 36.61
N PHE E 121 12.27 -34.36 37.50
CA PHE E 121 12.27 -34.93 38.85
C PHE E 121 12.23 -36.45 38.81
N ASP E 122 13.01 -37.03 37.88
CA ASP E 122 13.03 -38.48 37.71
C ASP E 122 14.34 -38.87 37.05
N LYS E 123 14.65 -40.16 37.11
CA LYS E 123 15.84 -40.68 36.45
C LYS E 123 15.69 -40.60 34.94
N PRO E 124 16.80 -40.43 34.21
CA PRO E 124 16.69 -40.23 32.75
C PRO E 124 16.03 -41.38 32.02
N GLU E 125 16.27 -42.62 32.44
CA GLU E 125 15.75 -43.78 31.72
C GLU E 125 14.23 -43.85 31.82
N ASN E 126 13.67 -43.49 32.99
CA ASN E 126 12.23 -43.56 33.19
C ASN E 126 11.46 -42.52 32.37
N ALA E 127 12.15 -41.55 31.77
CA ALA E 127 11.47 -40.56 30.94
C ALA E 127 11.26 -41.04 29.51
N ARG E 128 11.87 -42.15 29.11
CA ARG E 128 11.77 -42.60 27.73
C ARG E 128 10.39 -43.21 27.44
N ASN E 129 9.86 -44.00 28.37
CA ASN E 129 8.64 -44.76 28.12
C ASN E 129 7.37 -43.98 28.43
N LYS E 130 7.49 -42.71 28.83
CA LYS E 130 6.30 -41.92 29.09
C LYS E 130 5.54 -41.62 27.80
N ILE E 131 4.27 -41.29 27.96
CA ILE E 131 3.36 -41.07 26.83
C ILE E 131 3.26 -39.56 26.61
N LEU E 132 3.10 -39.16 25.34
CA LEU E 132 3.00 -37.75 25.01
C LEU E 132 1.69 -37.17 25.56
N PHE E 133 1.51 -35.87 25.34
CA PHE E 133 0.42 -35.14 26.00
C PHE E 133 -0.94 -35.53 25.44
N GLU E 134 -1.18 -35.25 24.16
CA GLU E 134 -2.50 -35.49 23.59
C GLU E 134 -2.66 -36.88 22.98
N ASN E 135 -1.67 -37.75 23.13
CA ASN E 135 -1.94 -39.17 22.98
C ASN E 135 -2.94 -39.63 24.04
N LEU E 136 -2.78 -39.13 25.26
CA LEU E 136 -3.80 -39.29 26.28
C LEU E 136 -5.08 -38.57 25.85
N THR E 137 -6.22 -39.24 26.03
CA THR E 137 -7.47 -38.71 25.53
C THR E 137 -7.96 -37.55 26.38
N PRO E 138 -8.69 -36.61 25.78
CA PRO E 138 -9.32 -35.54 26.57
C PRO E 138 -10.60 -36.05 27.24
N LEU E 139 -10.76 -35.73 28.51
CA LEU E 139 -11.91 -36.17 29.29
C LEU E 139 -12.50 -34.99 30.04
N HIS E 140 -13.82 -35.01 30.20
CA HIS E 140 -14.51 -33.95 30.92
C HIS E 140 -14.06 -33.92 32.38
N ALA E 141 -13.99 -32.71 32.93
CA ALA E 141 -13.57 -32.54 34.31
C ALA E 141 -14.56 -33.22 35.25
N ASN E 142 -14.04 -33.98 36.20
CA ASN E 142 -14.88 -34.69 37.16
C ASN E 142 -14.45 -34.52 38.61
N SER E 143 -13.19 -34.17 38.88
CA SER E 143 -12.69 -33.98 40.23
C SER E 143 -12.77 -32.50 40.58
N ARG E 144 -13.62 -32.16 41.54
CA ARG E 144 -13.83 -30.76 41.90
C ARG E 144 -12.60 -30.22 42.62
N LEU E 145 -12.17 -29.03 42.23
CA LEU E 145 -11.11 -28.31 42.91
C LEU E 145 -11.77 -27.31 43.87
N ARG E 146 -11.64 -27.57 45.17
CA ARG E 146 -12.25 -26.72 46.18
C ARG E 146 -11.27 -25.61 46.57
N MET E 147 -11.64 -24.37 46.27
CA MET E 147 -10.81 -23.22 46.60
C MET E 147 -11.44 -22.36 47.69
N GLU E 148 -12.27 -22.93 48.54
CA GLU E 148 -12.78 -22.23 49.71
C GLU E 148 -11.71 -22.24 50.79
N ARG E 149 -11.29 -21.06 51.23
CA ARG E 149 -10.25 -20.99 52.26
C ARG E 149 -10.75 -21.56 53.58
N GLY E 150 -11.98 -21.25 53.97
CA GLY E 150 -12.58 -21.80 55.16
C GLY E 150 -12.20 -21.13 56.47
N ASN E 151 -11.42 -20.04 56.42
CA ASN E 151 -11.04 -19.34 57.64
C ASN E 151 -11.99 -18.21 58.00
N GLY E 152 -12.93 -17.88 57.14
CA GLY E 152 -13.89 -16.83 57.42
C GLY E 152 -13.39 -15.43 57.22
N SER E 153 -12.17 -15.24 56.72
CA SER E 153 -11.63 -13.91 56.52
C SER E 153 -12.28 -13.24 55.32
N THR E 154 -12.07 -11.93 55.20
CA THR E 154 -12.64 -11.18 54.10
C THR E 154 -12.06 -11.62 52.76
N GLU E 155 -10.83 -12.15 52.76
CA GLU E 155 -10.24 -12.65 51.52
C GLU E 155 -11.03 -13.85 51.00
N ASP E 156 -11.47 -14.73 51.90
CA ASP E 156 -12.22 -15.92 51.50
C ASP E 156 -13.56 -15.59 50.86
N LEU E 157 -14.05 -14.37 51.06
CA LEU E 157 -15.38 -14.02 50.56
C LEU E 157 -15.44 -14.13 49.05
N THR E 158 -14.47 -13.54 48.35
CA THR E 158 -14.47 -13.62 46.89
C THR E 158 -14.28 -15.05 46.41
N ALA E 159 -13.46 -15.84 47.10
CA ALA E 159 -13.24 -17.23 46.70
C ALA E 159 -14.54 -18.01 46.77
N ARG E 160 -15.24 -17.92 47.90
CA ARG E 160 -16.49 -18.67 48.01
C ARG E 160 -17.56 -18.12 47.08
N VAL E 161 -17.59 -16.79 46.87
CA VAL E 161 -18.57 -16.21 45.96
C VAL E 161 -18.38 -16.76 44.56
N LEU E 162 -17.14 -16.83 44.09
CA LEU E 162 -16.89 -17.42 42.79
C LEU E 162 -17.15 -18.93 42.79
N ASP E 163 -16.97 -19.59 43.94
CA ASP E 163 -17.20 -21.02 44.01
C ASP E 163 -18.68 -21.34 43.80
N LEU E 164 -19.57 -20.69 44.55
CA LEU E 164 -20.99 -20.91 44.29
C LEU E 164 -21.42 -20.33 42.95
N ALA E 165 -20.76 -19.27 42.48
CA ALA E 165 -21.11 -18.71 41.17
C ALA E 165 -20.77 -19.68 40.05
N SER E 166 -19.54 -20.19 40.03
CA SER E 166 -19.13 -21.14 39.01
C SER E 166 -17.97 -21.98 39.52
N PRO E 167 -18.21 -23.23 39.91
CA PRO E 167 -17.12 -24.06 40.43
C PRO E 167 -16.08 -24.35 39.37
N ILE E 168 -14.84 -24.54 39.82
CA ILE E 168 -13.70 -24.80 38.96
C ILE E 168 -13.13 -26.17 39.31
N GLY E 169 -12.95 -27.01 38.30
CA GLY E 169 -12.46 -28.35 38.50
C GLY E 169 -11.11 -28.56 37.82
N ARG E 170 -10.53 -29.73 38.06
CA ARG E 170 -9.23 -30.07 37.48
C ARG E 170 -9.36 -30.28 35.99
N GLY E 171 -8.46 -29.67 35.22
CA GLY E 171 -8.44 -29.82 33.78
C GLY E 171 -9.33 -28.87 33.01
N GLN E 172 -10.12 -28.05 33.69
CA GLN E 172 -11.03 -27.15 32.99
C GLN E 172 -10.26 -26.06 32.27
N ARG E 173 -10.91 -25.46 31.27
CA ARG E 173 -10.38 -24.32 30.54
C ARG E 173 -11.27 -23.13 30.88
N GLY E 174 -10.94 -22.45 31.97
CA GLY E 174 -11.75 -21.34 32.41
C GLY E 174 -11.55 -20.09 31.58
N LEU E 175 -12.51 -19.18 31.69
CA LEU E 175 -12.44 -17.91 31.00
C LEU E 175 -13.03 -16.83 31.90
N ILE E 176 -12.31 -15.72 32.00
CA ILE E 176 -12.74 -14.57 32.81
C ILE E 176 -12.92 -13.39 31.87
N VAL E 177 -14.10 -12.79 31.90
CA VAL E 177 -14.41 -11.59 31.12
C VAL E 177 -14.17 -10.39 32.05
N ALA E 178 -13.10 -9.65 31.80
CA ALA E 178 -12.68 -8.57 32.70
C ALA E 178 -12.72 -7.24 31.99
N PRO E 179 -13.70 -6.38 32.27
CA PRO E 179 -13.65 -5.00 31.80
C PRO E 179 -12.57 -4.24 32.53
N PRO E 180 -12.11 -3.10 32.00
CA PRO E 180 -11.07 -2.34 32.69
C PRO E 180 -11.54 -1.89 34.07
N LYS E 181 -10.60 -1.90 35.02
CA LYS E 181 -10.85 -1.51 36.40
C LYS E 181 -12.01 -2.32 37.00
N ALA E 182 -11.86 -3.64 36.98
CA ALA E 182 -12.86 -4.55 37.50
C ALA E 182 -12.36 -5.45 38.62
N GLY E 183 -11.07 -5.45 38.92
CA GLY E 183 -10.51 -6.31 39.93
C GLY E 183 -9.93 -7.60 39.43
N LYS E 184 -9.39 -7.63 38.21
CA LYS E 184 -8.86 -8.87 37.65
C LYS E 184 -7.67 -9.38 38.47
N THR E 185 -6.73 -8.50 38.80
CA THR E 185 -5.58 -8.93 39.60
C THR E 185 -5.99 -9.28 41.02
N MET E 186 -6.92 -8.53 41.60
CA MET E 186 -7.37 -8.83 42.95
C MET E 186 -8.16 -10.13 43.02
N LEU E 187 -8.60 -10.65 41.87
CA LEU E 187 -9.19 -11.98 41.79
C LEU E 187 -8.14 -13.05 41.55
N LEU E 188 -7.17 -12.77 40.67
CA LEU E 188 -6.12 -13.73 40.38
C LEU E 188 -5.28 -14.01 41.62
N GLN E 189 -4.97 -12.98 42.41
CA GLN E 189 -4.17 -13.20 43.61
C GLN E 189 -4.88 -14.11 44.59
N ASN E 190 -6.17 -13.87 44.83
CA ASN E 190 -6.92 -14.71 45.74
C ASN E 190 -7.03 -16.14 45.22
N ILE E 191 -7.25 -16.30 43.92
CA ILE E 191 -7.32 -17.63 43.34
C ILE E 191 -5.99 -18.37 43.52
N ALA E 192 -4.88 -17.67 43.29
CA ALA E 192 -3.57 -18.28 43.46
C ALA E 192 -3.32 -18.69 44.90
N GLN E 193 -3.68 -17.82 45.86
CA GLN E 193 -3.51 -18.18 47.25
C GLN E 193 -4.36 -19.38 47.64
N SER E 194 -5.61 -19.41 47.17
CA SER E 194 -6.50 -20.52 47.48
C SER E 194 -5.96 -21.83 46.90
N ILE E 195 -5.44 -21.78 45.68
CA ILE E 195 -4.87 -22.97 45.07
C ILE E 195 -3.64 -23.42 45.84
N ALA E 196 -2.78 -22.47 46.23
CA ALA E 196 -1.54 -22.82 46.91
C ALA E 196 -1.81 -23.39 48.31
N TYR E 197 -2.91 -22.99 48.94
CA TYR E 197 -3.19 -23.49 50.28
C TYR E 197 -4.01 -24.78 50.24
N ASN E 198 -5.16 -24.77 49.57
CA ASN E 198 -6.06 -25.90 49.62
C ASN E 198 -5.51 -27.12 48.90
N HIS E 199 -4.77 -26.91 47.81
CA HIS E 199 -4.24 -28.00 46.99
C HIS E 199 -2.74 -27.81 46.81
N PRO E 200 -1.96 -28.04 47.86
CA PRO E 200 -0.50 -27.84 47.75
C PRO E 200 0.18 -28.79 46.80
N ASP E 201 -0.41 -29.96 46.51
CA ASP E 201 0.27 -30.93 45.65
C ASP E 201 0.36 -30.44 44.22
N CYS E 202 -0.70 -29.78 43.71
CA CYS E 202 -0.71 -29.34 42.33
C CYS E 202 0.32 -28.24 42.10
N VAL E 203 1.03 -28.34 40.99
CA VAL E 203 2.01 -27.34 40.61
C VAL E 203 1.29 -26.11 40.10
N LEU E 204 1.62 -24.95 40.67
CA LEU E 204 0.98 -23.69 40.31
C LEU E 204 2.01 -22.78 39.65
N MET E 205 1.73 -22.40 38.41
CA MET E 205 2.57 -21.46 37.68
C MET E 205 1.71 -20.33 37.15
N VAL E 206 2.16 -19.09 37.35
CA VAL E 206 1.42 -17.91 36.94
C VAL E 206 2.13 -17.31 35.74
N LEU E 207 1.39 -17.12 34.64
CA LEU E 207 1.93 -16.54 33.43
C LEU E 207 1.28 -15.18 33.21
N LEU E 208 2.09 -14.13 33.16
CA LEU E 208 1.62 -12.77 32.95
C LEU E 208 2.20 -12.24 31.64
N ILE E 209 1.33 -11.74 30.77
CA ILE E 209 1.72 -11.26 29.47
C ILE E 209 1.42 -9.76 29.40
N ASP E 210 2.41 -8.98 28.97
CA ASP E 210 2.26 -7.54 28.76
C ASP E 210 1.87 -6.83 30.06
N GLU E 211 2.58 -7.16 31.13
CA GLU E 211 2.28 -6.62 32.45
C GLU E 211 3.21 -5.46 32.79
N ARG E 212 2.78 -4.65 33.76
CA ARG E 212 3.63 -3.58 34.25
C ARG E 212 4.75 -4.15 35.11
N PRO E 213 5.95 -3.57 35.04
CA PRO E 213 7.06 -4.10 35.83
C PRO E 213 6.83 -4.08 37.33
N GLU E 214 6.06 -3.10 37.84
CA GLU E 214 5.83 -3.03 39.27
C GLU E 214 4.89 -4.13 39.75
N GLU E 215 3.96 -4.57 38.91
CA GLU E 215 3.03 -5.61 39.29
C GLU E 215 3.68 -6.99 39.32
N VAL E 216 4.74 -7.20 38.54
CA VAL E 216 5.42 -8.49 38.53
C VAL E 216 6.01 -8.78 39.91
N THR E 217 6.58 -7.76 40.56
CA THR E 217 7.18 -7.98 41.87
C THR E 217 6.14 -8.39 42.91
N GLU E 218 5.00 -7.72 42.93
CA GLU E 218 3.97 -8.09 43.89
C GLU E 218 3.37 -9.45 43.55
N MET E 219 3.24 -9.79 42.27
CA MET E 219 2.76 -11.10 41.89
C MET E 219 3.72 -12.19 42.38
N GLN E 220 5.01 -11.98 42.20
CA GLN E 220 6.01 -12.97 42.59
C GLN E 220 6.30 -12.97 44.08
N ARG E 221 5.86 -11.95 44.80
CA ARG E 221 5.95 -11.98 46.26
C ARG E 221 4.73 -12.64 46.89
N LEU E 222 3.54 -12.38 46.37
CA LEU E 222 2.32 -12.91 46.99
C LEU E 222 2.12 -14.38 46.68
N VAL E 223 2.45 -14.82 45.47
CA VAL E 223 2.14 -16.17 45.03
C VAL E 223 3.23 -17.13 45.50
N LYS E 224 2.83 -18.19 46.18
CA LYS E 224 3.75 -19.24 46.61
C LYS E 224 3.85 -20.26 45.48
N GLY E 225 4.92 -20.15 44.69
CA GLY E 225 5.12 -21.04 43.55
C GLY E 225 6.05 -20.47 42.52
N GLU E 226 5.72 -20.64 41.24
CA GLU E 226 6.51 -20.12 40.15
C GLU E 226 5.74 -19.02 39.43
N VAL E 227 6.35 -17.84 39.32
CA VAL E 227 5.75 -16.71 38.62
C VAL E 227 6.68 -16.30 37.50
N VAL E 228 6.16 -16.32 36.27
CA VAL E 228 6.90 -15.89 35.09
C VAL E 228 6.07 -14.82 34.39
N ALA E 229 6.73 -13.79 33.89
CA ALA E 229 6.04 -12.65 33.32
C ALA E 229 6.88 -12.02 32.23
N SER E 230 6.21 -11.26 31.36
CA SER E 230 6.86 -10.51 30.29
C SER E 230 6.27 -9.10 30.31
N THR E 231 7.08 -8.13 30.75
CA THR E 231 6.62 -6.75 30.83
C THR E 231 6.47 -6.17 29.42
N PHE E 232 5.87 -4.98 29.36
CA PHE E 232 5.63 -4.36 28.06
C PHE E 232 6.89 -3.83 27.40
N ASP E 233 8.02 -3.75 28.13
CA ASP E 233 9.27 -3.36 27.51
C ASP E 233 9.73 -4.39 26.48
N GLU E 234 9.58 -5.67 26.80
CA GLU E 234 10.08 -6.73 25.95
C GLU E 234 9.24 -6.84 24.67
N PRO E 235 9.85 -7.29 23.58
CA PRO E 235 9.11 -7.40 22.32
C PRO E 235 8.13 -8.56 22.34
N ALA E 236 7.31 -8.63 21.29
CA ALA E 236 6.32 -9.70 21.19
C ALA E 236 6.99 -11.07 21.12
N SER E 237 8.22 -11.13 20.62
CA SER E 237 8.94 -12.39 20.59
C SER E 237 9.12 -12.96 21.98
N ARG E 238 9.44 -12.11 22.95
CA ARG E 238 9.59 -12.58 24.32
C ARG E 238 8.28 -13.09 24.89
N HIS E 239 7.17 -12.40 24.61
CA HIS E 239 5.86 -12.87 25.07
C HIS E 239 5.57 -14.26 24.52
N VAL E 240 5.76 -14.42 23.21
CA VAL E 240 5.48 -15.72 22.59
C VAL E 240 6.39 -16.79 23.16
N GLN E 241 7.68 -16.48 23.32
CA GLN E 241 8.62 -17.47 23.81
C GLN E 241 8.28 -17.92 25.23
N VAL E 242 7.95 -16.98 26.10
CA VAL E 242 7.65 -17.36 27.48
C VAL E 242 6.34 -18.14 27.54
N ALA E 243 5.34 -17.75 26.73
CA ALA E 243 4.10 -18.49 26.73
C ALA E 243 4.31 -19.92 26.24
N GLU E 244 5.08 -20.10 25.18
CA GLU E 244 5.34 -21.44 24.66
C GLU E 244 6.12 -22.27 25.67
N MET E 245 7.11 -21.68 26.32
CA MET E 245 7.87 -22.43 27.32
C MET E 245 6.99 -22.86 28.48
N VAL E 246 6.10 -21.98 28.94
CA VAL E 246 5.22 -22.33 30.06
C VAL E 246 4.28 -23.46 29.66
N ILE E 247 3.66 -23.35 28.48
CA ILE E 247 2.69 -24.38 28.09
C ILE E 247 3.40 -25.71 27.86
N GLU E 248 4.62 -25.68 27.31
CA GLU E 248 5.33 -26.92 27.10
C GLU E 248 5.76 -27.55 28.41
N LYS E 249 6.19 -26.74 29.38
CA LYS E 249 6.52 -27.27 30.69
C LYS E 249 5.30 -27.90 31.35
N ALA E 250 4.14 -27.26 31.23
CA ALA E 250 2.92 -27.83 31.78
C ALA E 250 2.58 -29.16 31.12
N LYS E 251 2.72 -29.22 29.79
CA LYS E 251 2.43 -30.47 29.09
C LYS E 251 3.39 -31.58 29.51
N ARG E 252 4.68 -31.26 29.66
CA ARG E 252 5.64 -32.27 30.10
C ARG E 252 5.34 -32.74 31.51
N LEU E 253 4.92 -31.82 32.39
CA LEU E 253 4.52 -32.21 33.73
C LEU E 253 3.33 -33.14 33.69
N VAL E 254 2.35 -32.85 32.84
CA VAL E 254 1.18 -33.71 32.72
C VAL E 254 1.58 -35.09 32.24
N GLU E 255 2.47 -35.16 31.25
CA GLU E 255 2.94 -36.46 30.76
C GLU E 255 3.67 -37.23 31.84
N HIS E 256 4.23 -36.55 32.83
CA HIS E 256 4.93 -37.19 33.93
C HIS E 256 4.03 -37.45 35.13
N LYS E 257 2.73 -37.62 34.90
CA LYS E 257 1.72 -37.92 35.92
C LYS E 257 1.57 -36.82 36.96
N LYS E 258 2.03 -35.62 36.68
CA LYS E 258 1.89 -34.49 37.60
C LYS E 258 0.62 -33.71 37.29
N ASP E 259 0.12 -33.03 38.32
CA ASP E 259 -1.03 -32.13 38.19
C ASP E 259 -0.52 -30.70 38.23
N VAL E 260 -0.83 -29.93 37.19
CA VAL E 260 -0.30 -28.58 37.03
C VAL E 260 -1.45 -27.62 36.75
N ILE E 261 -1.40 -26.44 37.38
CA ILE E 261 -2.40 -25.40 37.20
C ILE E 261 -1.71 -24.15 36.68
N ILE E 262 -2.27 -23.57 35.63
CA ILE E 262 -1.71 -22.38 34.99
C ILE E 262 -2.72 -21.25 35.13
N LEU E 263 -2.26 -20.10 35.61
CA LEU E 263 -3.11 -18.92 35.77
C LEU E 263 -2.65 -17.88 34.75
N LEU E 264 -3.19 -17.96 33.54
CA LEU E 264 -2.86 -16.99 32.51
C LEU E 264 -3.48 -15.64 32.84
N ASP E 265 -2.71 -14.58 32.58
CA ASP E 265 -3.16 -13.23 32.89
C ASP E 265 -4.08 -12.63 31.85
N SER E 266 -3.81 -12.84 30.57
CA SER E 266 -4.62 -12.23 29.53
C SER E 266 -4.47 -13.01 28.22
N ILE E 267 -5.60 -13.52 27.72
CA ILE E 267 -5.63 -14.05 26.36
C ILE E 267 -5.43 -12.97 25.32
N THR E 268 -5.99 -11.78 25.53
CA THR E 268 -5.93 -10.73 24.52
C THR E 268 -4.49 -10.29 24.25
N ARG E 269 -3.69 -10.13 25.31
CA ARG E 269 -2.30 -9.74 25.12
C ARG E 269 -1.52 -10.80 24.38
N LEU E 270 -1.77 -12.08 24.72
CA LEU E 270 -1.10 -13.16 24.01
C LEU E 270 -1.49 -13.20 22.54
N ALA E 271 -2.76 -12.97 22.24
CA ALA E 271 -3.22 -12.96 20.86
C ALA E 271 -2.61 -11.80 20.09
N ARG E 272 -2.51 -10.62 20.72
CA ARG E 272 -1.87 -9.49 20.06
C ARG E 272 -0.40 -9.77 19.79
N ALA E 273 0.30 -10.37 20.75
CA ALA E 273 1.70 -10.71 20.54
C ALA E 273 1.85 -11.72 19.42
N TYR E 274 0.97 -12.72 19.37
CA TYR E 274 1.02 -13.71 18.30
C TYR E 274 0.74 -13.09 16.94
N ASN E 275 -0.23 -12.17 16.88
CA ASN E 275 -0.50 -11.47 15.62
C ASN E 275 0.70 -10.67 15.18
N THR E 276 1.37 -10.00 16.12
CA THR E 276 2.55 -9.22 15.77
C THR E 276 3.69 -10.11 15.27
N VAL E 277 3.90 -11.26 15.91
CA VAL E 277 5.10 -12.03 15.63
C VAL E 277 4.99 -12.82 14.33
N VAL E 278 3.82 -13.38 14.03
CA VAL E 278 3.70 -14.30 12.90
C VAL E 278 3.75 -13.52 11.58
N PRO E 279 4.31 -14.11 10.53
CA PRO E 279 4.26 -13.45 9.21
C PRO E 279 2.84 -13.45 8.66
N ALA E 280 2.58 -12.48 7.79
CA ALA E 280 1.27 -12.38 7.16
C ALA E 280 1.04 -13.57 6.23
N SER E 281 -0.19 -14.10 6.26
CA SER E 281 -0.57 -15.23 5.43
C SER E 281 -1.17 -14.81 4.10
N GLY E 282 -1.16 -13.51 3.79
CA GLY E 282 -1.77 -13.00 2.57
C GLY E 282 -3.21 -12.59 2.71
N LYS E 283 -3.86 -12.93 3.82
CA LYS E 283 -5.22 -12.51 4.10
C LYS E 283 -5.25 -11.80 5.44
N VAL E 284 -5.88 -10.63 5.47
CA VAL E 284 -6.01 -9.82 6.67
C VAL E 284 -7.44 -9.95 7.16
N LEU E 285 -7.61 -10.52 8.35
CA LEU E 285 -8.93 -10.65 8.94
C LEU E 285 -9.42 -9.28 9.44
N THR E 286 -10.60 -9.27 10.04
CA THR E 286 -11.16 -8.03 10.56
C THR E 286 -10.31 -7.52 11.71
N GLY E 287 -10.01 -6.23 11.68
CA GLY E 287 -9.25 -5.60 12.75
C GLY E 287 -7.74 -5.68 12.60
N GLY E 288 -7.24 -5.92 11.40
CA GLY E 288 -5.80 -6.02 11.20
C GLY E 288 -5.16 -7.20 11.88
N VAL E 289 -5.84 -8.35 11.88
CA VAL E 289 -5.31 -9.57 12.48
C VAL E 289 -5.28 -10.65 11.41
N ASP E 290 -4.46 -11.67 11.64
CA ASP E 290 -4.26 -12.75 10.69
C ASP E 290 -5.00 -14.00 11.12
N ALA E 291 -5.48 -14.75 10.13
CA ALA E 291 -6.13 -16.03 10.44
C ALA E 291 -5.16 -17.01 11.08
N ASN E 292 -3.94 -17.10 10.55
CA ASN E 292 -2.93 -17.97 11.15
C ASN E 292 -2.48 -17.46 12.51
N ALA E 293 -2.61 -16.15 12.74
CA ALA E 293 -2.20 -15.58 14.03
C ALA E 293 -3.05 -16.12 15.16
N LEU E 294 -4.36 -16.25 14.94
CA LEU E 294 -5.28 -16.67 15.98
C LEU E 294 -5.16 -18.15 16.32
N HIS E 295 -4.47 -18.93 15.48
CA HIS E 295 -4.42 -20.37 15.70
C HIS E 295 -3.64 -20.73 16.96
N ARG E 296 -2.49 -20.10 17.17
CA ARG E 296 -1.60 -20.47 18.27
C ARG E 296 -2.17 -20.12 19.64
N PRO E 297 -2.91 -19.01 19.81
CA PRO E 297 -3.66 -18.84 21.06
C PRO E 297 -4.63 -19.99 21.32
N LYS E 298 -5.29 -20.50 20.27
CA LYS E 298 -6.13 -21.67 20.46
C LYS E 298 -5.31 -22.89 20.87
N ARG E 299 -4.12 -23.04 20.28
CA ARG E 299 -3.26 -24.15 20.67
C ARG E 299 -2.88 -24.07 22.14
N PHE E 300 -2.56 -22.86 22.62
CA PHE E 300 -2.25 -22.68 24.03
C PHE E 300 -3.47 -22.98 24.90
N PHE E 301 -4.64 -22.48 24.50
CA PHE E 301 -5.80 -22.56 25.38
C PHE E 301 -6.38 -23.97 25.44
N GLY E 302 -6.32 -24.71 24.34
CA GLY E 302 -6.97 -26.01 24.30
C GLY E 302 -6.27 -27.11 25.07
N ALA E 303 -5.07 -26.86 25.57
CA ALA E 303 -4.32 -27.88 26.29
C ALA E 303 -4.94 -28.21 27.65
N ALA E 304 -5.85 -27.38 28.16
CA ALA E 304 -6.49 -27.66 29.44
C ALA E 304 -7.38 -28.88 29.31
N ARG E 305 -7.08 -29.93 30.06
CA ARG E 305 -7.81 -31.19 29.93
C ARG E 305 -7.57 -32.07 31.14
N ASN E 306 -8.54 -32.94 31.42
CA ASN E 306 -8.46 -33.90 32.50
C ASN E 306 -8.04 -35.24 31.92
N VAL E 307 -6.73 -35.53 31.99
CA VAL E 307 -6.23 -36.77 31.45
C VAL E 307 -6.62 -37.93 32.36
N GLU E 308 -7.22 -38.97 31.78
CA GLU E 308 -7.68 -40.11 32.57
C GLU E 308 -6.54 -40.92 33.15
N GLU E 309 -5.30 -40.69 32.71
CA GLU E 309 -4.16 -41.50 33.13
C GLU E 309 -3.28 -40.77 34.14
N GLY E 310 -2.84 -39.57 33.81
CA GLY E 310 -1.79 -38.91 34.57
C GLY E 310 -2.21 -37.80 35.50
N GLY E 311 -3.34 -37.18 35.24
CA GLY E 311 -3.78 -36.10 36.11
C GLY E 311 -4.63 -35.10 35.34
N SER E 312 -4.27 -33.82 35.48
CA SER E 312 -5.05 -32.75 34.90
C SER E 312 -4.14 -31.61 34.50
N LEU E 313 -4.67 -30.73 33.66
CA LEU E 313 -4.02 -29.48 33.28
C LEU E 313 -5.09 -28.41 33.21
N THR E 314 -5.08 -27.50 34.17
CA THR E 314 -6.05 -26.43 34.26
C THR E 314 -5.41 -25.12 33.83
N ILE E 315 -6.05 -24.43 32.89
CA ILE E 315 -5.56 -23.14 32.39
C ILE E 315 -6.70 -22.14 32.59
N ILE E 316 -6.57 -21.28 33.58
CA ILE E 316 -7.54 -20.21 33.82
C ILE E 316 -7.03 -18.95 33.13
N ALA E 317 -7.82 -18.44 32.20
CA ALA E 317 -7.43 -17.29 31.40
C ALA E 317 -8.44 -16.17 31.56
N THR E 318 -7.98 -14.94 31.40
CA THR E 318 -8.81 -13.76 31.53
C THR E 318 -8.86 -13.03 30.19
N ALA E 319 -10.03 -12.52 29.84
CA ALA E 319 -10.23 -11.78 28.60
C ALA E 319 -10.44 -10.30 28.91
N LEU E 320 -9.90 -9.45 28.05
CA LEU E 320 -10.02 -8.01 28.19
C LEU E 320 -11.03 -7.50 27.16
N ILE E 321 -12.07 -6.83 27.63
CA ILE E 321 -13.13 -6.30 26.78
C ILE E 321 -13.33 -4.83 27.10
N ASP E 322 -13.95 -4.12 26.15
CA ASP E 322 -14.22 -2.69 26.26
C ASP E 322 -12.94 -1.89 26.48
N THR E 323 -11.81 -2.43 26.04
CA THR E 323 -10.54 -1.72 26.19
C THR E 323 -10.41 -0.58 25.20
N GLY E 324 -11.10 -0.66 24.07
CA GLY E 324 -10.97 0.33 23.03
C GLY E 324 -10.30 -0.26 21.79
N SER E 325 -9.32 -1.13 22.01
CA SER E 325 -8.68 -1.82 20.90
C SER E 325 -9.65 -2.82 20.29
N LYS E 326 -9.81 -2.75 18.97
CA LYS E 326 -10.83 -3.57 18.31
C LYS E 326 -10.38 -5.01 18.18
N MET E 327 -9.07 -5.25 18.13
CA MET E 327 -8.58 -6.63 18.17
C MET E 327 -8.98 -7.33 19.46
N ASP E 328 -9.20 -6.57 20.54
CA ASP E 328 -9.56 -7.19 21.81
C ASP E 328 -10.92 -7.88 21.73
N GLU E 329 -11.96 -7.18 21.28
CA GLU E 329 -13.22 -7.89 21.11
C GLU E 329 -13.24 -8.74 19.85
N VAL E 330 -12.30 -8.58 18.91
CA VAL E 330 -12.14 -9.60 17.88
C VAL E 330 -11.74 -10.93 18.51
N ILE E 331 -10.76 -10.89 19.42
CA ILE E 331 -10.35 -12.09 20.14
C ILE E 331 -11.51 -12.63 20.98
N TYR E 332 -12.26 -11.73 21.60
CA TYR E 332 -13.43 -12.15 22.37
C TYR E 332 -14.41 -12.91 21.48
N GLU E 333 -14.74 -12.35 20.31
CA GLU E 333 -15.64 -13.01 19.38
C GLU E 333 -15.04 -14.27 18.80
N GLU E 334 -13.73 -14.46 18.94
CA GLU E 334 -13.15 -15.76 18.59
C GLU E 334 -13.40 -16.80 19.68
N PHE E 335 -13.41 -16.39 20.94
CA PHE E 335 -13.50 -17.30 22.09
C PHE E 335 -14.84 -17.20 22.81
N LYS E 336 -15.93 -17.04 22.05
CA LYS E 336 -17.24 -16.87 22.69
C LYS E 336 -17.64 -18.11 23.48
N GLY E 337 -17.61 -19.27 22.84
CA GLY E 337 -18.08 -20.49 23.47
C GLY E 337 -17.01 -21.55 23.61
N THR E 338 -15.80 -21.13 23.98
CA THR E 338 -14.67 -22.05 24.08
C THR E 338 -14.39 -22.51 25.49
N GLY E 339 -14.64 -21.65 26.49
CA GLY E 339 -14.29 -22.00 27.86
C GLY E 339 -15.28 -22.97 28.48
N ASN E 340 -14.75 -23.88 29.30
CA ASN E 340 -15.61 -24.79 30.06
C ASN E 340 -16.45 -24.02 31.07
N MET E 341 -15.86 -23.06 31.77
CA MET E 341 -16.57 -22.22 32.71
C MET E 341 -16.24 -20.77 32.40
N GLU E 342 -17.23 -19.90 32.55
CA GLU E 342 -17.09 -18.48 32.25
C GLU E 342 -17.51 -17.66 33.46
N LEU E 343 -16.64 -16.74 33.88
CA LEU E 343 -16.94 -15.82 34.95
C LEU E 343 -16.88 -14.39 34.41
N HIS E 344 -17.99 -13.66 34.56
CA HIS E 344 -18.12 -12.32 34.01
C HIS E 344 -17.98 -11.29 35.12
N LEU E 345 -17.14 -10.28 34.89
CA LEU E 345 -16.97 -9.17 35.81
C LEU E 345 -17.72 -7.95 35.28
N SER E 346 -18.25 -7.16 36.21
CA SER E 346 -19.09 -6.02 35.88
C SER E 346 -18.40 -4.73 36.31
N ARG E 347 -18.34 -3.77 35.41
CA ARG E 347 -17.73 -2.47 35.73
C ARG E 347 -18.62 -1.67 36.68
N LYS E 348 -19.94 -1.70 36.45
CA LYS E 348 -20.85 -0.89 37.26
C LYS E 348 -20.85 -1.34 38.71
N ILE E 349 -20.74 -2.65 38.96
CA ILE E 349 -20.65 -3.14 40.33
C ILE E 349 -19.35 -2.66 40.97
N ALA E 350 -18.24 -2.71 40.24
CA ALA E 350 -16.98 -2.22 40.76
C ALA E 350 -16.99 -0.72 41.00
N GLU E 351 -17.88 0.00 40.32
CA GLU E 351 -17.96 1.46 40.52
C GLU E 351 -18.35 1.80 41.94
N LYS E 352 -19.30 1.06 42.52
CA LYS E 352 -19.75 1.31 43.89
C LYS E 352 -18.72 0.85 44.94
N ARG E 353 -17.54 0.42 44.49
CA ARG E 353 -16.48 -0.05 45.37
C ARG E 353 -16.92 -1.24 46.21
N VAL E 354 -17.83 -2.06 45.68
CA VAL E 354 -18.26 -3.30 46.30
C VAL E 354 -17.65 -4.44 45.50
N PHE E 355 -16.96 -5.34 46.19
CA PHE E 355 -16.19 -6.39 45.53
C PHE E 355 -16.50 -7.74 46.14
N PRO E 356 -16.39 -8.82 45.35
CA PRO E 356 -16.01 -8.86 43.93
C PRO E 356 -17.11 -8.38 43.01
N ALA E 357 -16.75 -7.71 41.91
CA ALA E 357 -17.73 -7.24 40.94
C ALA E 357 -17.91 -8.30 39.88
N ILE E 358 -18.80 -9.26 40.15
CA ILE E 358 -19.09 -10.33 39.22
C ILE E 358 -20.58 -10.34 38.90
N ASP E 359 -20.92 -10.89 37.74
CA ASP E 359 -22.30 -11.03 37.31
C ASP E 359 -22.71 -12.48 37.57
N TYR E 360 -23.36 -12.71 38.72
CA TYR E 360 -23.71 -14.06 39.11
C TYR E 360 -24.69 -14.68 38.11
N ASN E 361 -25.63 -13.90 37.60
CA ASN E 361 -26.61 -14.43 36.66
C ASN E 361 -25.93 -14.92 35.38
N ARG E 362 -24.98 -14.16 34.85
CA ARG E 362 -24.27 -14.59 33.66
C ARG E 362 -23.24 -15.67 33.97
N SER E 363 -22.46 -15.50 35.03
CA SER E 363 -21.37 -16.44 35.32
C SER E 363 -21.92 -17.82 35.64
N GLY E 364 -21.30 -18.83 35.05
CA GLY E 364 -21.72 -20.19 35.28
C GLY E 364 -20.81 -21.14 34.51
N THR E 365 -21.03 -22.43 34.71
CA THR E 365 -20.23 -23.46 34.08
C THR E 365 -21.13 -24.52 33.48
N ARG E 366 -20.64 -25.15 32.42
CA ARG E 366 -21.36 -26.23 31.75
C ARG E 366 -21.00 -27.56 32.39
N LYS E 367 -21.99 -28.46 32.46
CA LYS E 367 -21.80 -29.80 33.03
C LYS E 367 -21.26 -29.72 34.45
N GLU E 368 -21.81 -28.79 35.24
CA GLU E 368 -21.38 -28.63 36.62
C GLU E 368 -21.68 -29.85 37.47
N GLU E 369 -22.71 -30.63 37.08
CA GLU E 369 -23.13 -31.77 37.89
C GLU E 369 -22.02 -32.79 38.07
N LEU E 370 -21.08 -32.86 37.14
CA LEU E 370 -19.97 -33.79 37.28
C LEU E 370 -19.07 -33.41 38.45
N LEU E 371 -18.77 -32.11 38.59
CA LEU E 371 -17.84 -31.68 39.64
C LEU E 371 -18.47 -31.75 41.02
N THR E 372 -19.70 -31.29 41.16
CA THR E 372 -20.38 -31.21 42.45
C THR E 372 -21.27 -32.44 42.64
N THR E 373 -21.89 -32.50 43.83
CA THR E 373 -22.80 -33.59 44.15
C THR E 373 -24.24 -33.18 43.85
N GLN E 374 -25.17 -34.08 44.15
CA GLN E 374 -26.58 -33.81 43.86
C GLN E 374 -27.09 -32.64 44.70
N GLU E 375 -26.82 -32.66 46.01
CA GLU E 375 -27.33 -31.61 46.88
C GLU E 375 -26.79 -30.25 46.48
N GLU E 376 -25.48 -30.17 46.18
CA GLU E 376 -24.91 -28.91 45.73
C GLU E 376 -25.52 -28.47 44.41
N LEU E 377 -25.78 -29.41 43.50
CA LEU E 377 -26.35 -29.06 42.21
C LEU E 377 -27.74 -28.46 42.37
N GLN E 378 -28.61 -29.12 43.14
CA GLN E 378 -29.96 -28.59 43.31
C GLN E 378 -29.96 -27.29 44.12
N LYS E 379 -29.03 -27.17 45.07
CA LYS E 379 -28.91 -25.91 45.81
C LYS E 379 -28.52 -24.77 44.87
N MET E 380 -27.55 -25.02 43.98
CA MET E 380 -27.16 -24.00 43.03
C MET E 380 -28.31 -23.68 42.08
N TRP E 381 -29.09 -24.68 41.69
CA TRP E 381 -30.22 -24.43 40.80
C TRP E 381 -31.27 -23.55 41.46
N ILE E 382 -31.62 -23.85 42.71
CA ILE E 382 -32.64 -23.04 43.39
C ILE E 382 -32.10 -21.64 43.67
N LEU E 383 -30.80 -21.51 43.94
CA LEU E 383 -30.21 -20.19 44.11
C LEU E 383 -30.27 -19.40 42.81
N ARG E 384 -29.97 -20.05 41.68
CA ARG E 384 -30.13 -19.38 40.39
C ARG E 384 -31.57 -18.93 40.19
N LYS E 385 -32.52 -19.78 40.57
CA LYS E 385 -33.93 -19.42 40.45
C LYS E 385 -34.28 -18.19 41.28
N ILE E 386 -33.76 -18.12 42.51
CA ILE E 386 -34.21 -17.06 43.42
C ILE E 386 -33.48 -15.74 43.22
N ILE E 387 -32.19 -15.76 42.85
CA ILE E 387 -31.50 -14.50 42.52
C ILE E 387 -31.63 -14.13 41.04
N HIS E 388 -32.25 -14.99 40.22
CA HIS E 388 -32.49 -14.61 38.83
C HIS E 388 -33.29 -13.33 38.66
N PRO E 389 -34.39 -13.08 39.40
CA PRO E 389 -35.19 -11.88 39.11
C PRO E 389 -34.48 -10.57 39.38
N MET E 390 -33.81 -10.42 40.53
CA MET E 390 -33.30 -9.11 40.93
C MET E 390 -32.04 -8.75 40.14
N GLY E 391 -31.73 -7.46 40.13
CA GLY E 391 -30.66 -6.96 39.28
C GLY E 391 -29.30 -7.46 39.69
N GLU E 392 -28.37 -7.42 38.73
CA GLU E 392 -27.05 -8.05 38.93
C GLU E 392 -26.26 -7.35 40.03
N ILE E 393 -26.31 -6.02 40.10
CA ILE E 393 -25.57 -5.31 41.13
C ILE E 393 -26.19 -5.55 42.50
N ASP E 394 -27.52 -5.47 42.59
CA ASP E 394 -28.20 -5.85 43.83
C ASP E 394 -27.99 -7.32 44.13
N ALA E 395 -27.89 -8.17 43.11
CA ALA E 395 -27.59 -9.57 43.31
C ALA E 395 -26.24 -9.74 44.00
N MET E 396 -25.23 -9.05 43.50
CA MET E 396 -23.90 -9.13 44.10
C MET E 396 -23.91 -8.61 45.53
N GLU E 397 -24.61 -7.50 45.76
CA GLU E 397 -24.69 -6.94 47.12
C GLU E 397 -25.35 -7.93 48.07
N PHE E 398 -26.47 -8.52 47.67
CA PHE E 398 -27.15 -9.50 48.50
C PHE E 398 -26.26 -10.71 48.75
N LEU E 399 -25.52 -11.14 47.73
CA LEU E 399 -24.64 -12.30 47.88
C LEU E 399 -23.56 -12.02 48.90
N ILE E 400 -22.89 -10.87 48.80
CA ILE E 400 -21.79 -10.60 49.73
C ILE E 400 -22.34 -10.41 51.14
N ASN E 401 -23.49 -9.75 51.26
CA ASN E 401 -24.09 -9.57 52.58
C ASN E 401 -24.43 -10.91 53.21
N LYS E 402 -25.06 -11.82 52.45
CA LYS E 402 -25.45 -13.10 53.01
C LYS E 402 -24.25 -13.99 53.32
N LEU E 403 -23.23 -13.99 52.46
CA LEU E 403 -22.03 -14.78 52.74
C LEU E 403 -21.25 -14.20 53.91
N ALA E 404 -21.40 -12.90 54.17
CA ALA E 404 -20.75 -12.30 55.34
C ALA E 404 -21.29 -12.88 56.64
N MET E 405 -22.62 -13.04 56.73
CA MET E 405 -23.23 -13.57 57.94
C MET E 405 -22.95 -15.05 58.16
N THR E 406 -22.44 -15.74 57.15
CA THR E 406 -22.16 -17.17 57.25
C THR E 406 -20.66 -17.41 57.30
N LYS E 407 -20.24 -18.27 58.22
CA LYS E 407 -18.80 -18.54 58.39
C LYS E 407 -18.24 -19.28 57.18
N THR E 408 -18.93 -20.31 56.72
CA THR E 408 -18.44 -21.14 55.62
C THR E 408 -19.58 -21.35 54.62
N ASN E 409 -19.25 -22.05 53.52
CA ASN E 409 -20.25 -22.32 52.49
C ASN E 409 -21.34 -23.24 52.98
N ASP E 410 -21.02 -24.15 53.93
CA ASP E 410 -22.05 -25.02 54.48
C ASP E 410 -23.04 -24.24 55.35
N ASP E 411 -22.57 -23.21 56.05
CA ASP E 411 -23.49 -22.33 56.77
C ASP E 411 -24.45 -21.63 55.82
N PHE E 412 -23.94 -21.17 54.68
CA PHE E 412 -24.80 -20.62 53.64
C PHE E 412 -25.79 -21.66 53.14
N PHE E 413 -25.30 -22.89 52.93
CA PHE E 413 -26.17 -23.97 52.48
C PHE E 413 -27.34 -24.17 53.43
N GLU E 414 -27.05 -24.25 54.73
CA GLU E 414 -28.11 -24.43 55.71
C GLU E 414 -28.97 -23.18 55.86
N MET E 415 -28.42 -22.00 55.57
CA MET E 415 -29.19 -20.77 55.68
C MET E 415 -30.25 -20.68 54.59
N MET E 416 -29.87 -20.92 53.34
CA MET E 416 -30.86 -20.92 52.26
C MET E 416 -31.68 -22.18 52.22
N LYS E 417 -31.34 -23.21 52.99
CA LYS E 417 -32.20 -24.38 53.13
C LYS E 417 -33.33 -24.15 54.11
N ARG E 418 -33.31 -23.04 54.84
CA ARG E 418 -34.37 -22.74 55.81
C ARG E 418 -35.07 -21.44 55.44
N MET F 1 -3.82 -55.78 11.88
CA MET F 1 -4.21 -56.64 10.77
C MET F 1 -4.81 -55.78 9.67
N ASN F 2 -5.41 -54.66 10.06
CA ASN F 2 -5.96 -53.70 9.12
C ASN F 2 -5.58 -52.29 9.57
N LEU F 3 -5.43 -51.39 8.59
CA LEU F 3 -5.17 -50.00 8.92
C LEU F 3 -6.33 -49.40 9.71
N THR F 4 -7.56 -49.68 9.29
CA THR F 4 -8.72 -49.18 10.03
C THR F 4 -8.77 -49.76 11.43
N GLU F 5 -8.50 -51.07 11.56
CA GLU F 5 -8.47 -51.68 12.88
C GLU F 5 -7.34 -51.13 13.73
N LEU F 6 -6.16 -50.93 13.13
CA LEU F 6 -5.03 -50.39 13.88
C LEU F 6 -5.34 -48.99 14.39
N LYS F 7 -5.97 -48.16 13.56
CA LYS F 7 -6.41 -46.84 14.03
C LYS F 7 -7.47 -46.96 15.11
N ASN F 8 -8.38 -47.93 14.98
CA ASN F 8 -9.42 -48.13 15.98
C ASN F 8 -8.82 -48.56 17.32
N THR F 9 -7.78 -49.38 17.29
CA THR F 9 -7.17 -49.84 18.53
C THR F 9 -6.55 -48.68 19.30
N PRO F 10 -6.55 -48.76 20.62
CA PRO F 10 -6.03 -47.64 21.43
C PRO F 10 -4.53 -47.46 21.25
N VAL F 11 -4.07 -46.26 21.61
CA VAL F 11 -2.65 -45.94 21.47
C VAL F 11 -1.80 -46.82 22.39
N SER F 12 -2.33 -47.15 23.57
CA SER F 12 -1.58 -48.01 24.49
C SER F 12 -1.38 -49.40 23.88
N GLU F 13 -2.37 -49.89 23.13
CA GLU F 13 -2.20 -51.17 22.44
C GLU F 13 -1.07 -51.09 21.42
N LEU F 14 -0.98 -50.00 20.66
CA LEU F 14 0.10 -49.84 19.70
C LEU F 14 1.45 -49.76 20.41
N ILE F 15 1.51 -49.05 21.54
CA ILE F 15 2.75 -48.94 22.29
C ILE F 15 3.19 -50.32 22.79
N THR F 16 2.26 -51.09 23.33
CA THR F 16 2.58 -52.43 23.82
C THR F 16 3.03 -53.33 22.68
N LEU F 17 2.37 -53.25 21.52
CA LEU F 17 2.77 -54.05 20.37
C LEU F 17 4.18 -53.68 19.91
N GLY F 18 4.48 -52.38 19.87
CA GLY F 18 5.82 -51.96 19.52
C GLY F 18 6.86 -52.43 20.51
N GLU F 19 6.51 -52.46 21.79
CA GLU F 19 7.41 -53.02 22.79
C GLU F 19 7.64 -54.51 22.54
N ASN F 20 6.57 -55.23 22.18
CA ASN F 20 6.71 -56.67 21.95
C ASN F 20 7.58 -56.97 20.73
N MET F 21 7.40 -56.24 19.64
CA MET F 21 8.12 -56.58 18.41
C MET F 21 9.62 -56.38 18.54
N GLY F 22 10.06 -55.56 19.49
CA GLY F 22 11.48 -55.43 19.76
C GLY F 22 12.01 -54.01 19.78
N LEU F 23 11.51 -53.17 18.88
CA LEU F 23 11.99 -51.80 18.81
C LEU F 23 11.53 -50.99 20.02
N GLU F 24 12.36 -50.04 20.44
CA GLU F 24 12.07 -49.19 21.59
C GLU F 24 11.28 -47.97 21.14
N ASN F 25 10.07 -48.24 20.66
CA ASN F 25 9.16 -47.17 20.25
C ASN F 25 8.73 -46.39 21.49
N LEU F 26 9.21 -45.15 21.62
CA LEU F 26 8.78 -44.31 22.72
C LEU F 26 7.30 -44.00 22.56
N ALA F 27 6.63 -43.76 23.69
CA ALA F 27 5.24 -43.36 23.62
C ALA F 27 5.08 -41.86 23.46
N ARG F 28 6.18 -41.10 23.50
CA ARG F 28 6.12 -39.65 23.45
C ARG F 28 6.30 -39.12 22.03
N MET F 29 5.53 -39.67 21.09
CA MET F 29 5.44 -39.11 19.75
C MET F 29 4.04 -39.39 19.19
N ARG F 30 3.88 -39.10 17.90
CA ARG F 30 2.63 -39.37 17.21
C ARG F 30 2.35 -40.86 17.17
N LYS F 31 1.10 -41.24 17.45
CA LYS F 31 0.69 -42.61 17.16
C LYS F 31 0.65 -42.88 15.68
N GLN F 32 0.49 -41.83 14.86
CA GLN F 32 0.50 -42.00 13.42
C GLN F 32 1.85 -42.49 12.93
N ASP F 33 2.94 -41.92 13.47
CA ASP F 33 4.26 -42.38 13.09
C ASP F 33 4.57 -43.77 13.65
N ILE F 34 4.02 -44.10 14.83
CA ILE F 34 4.18 -45.46 15.35
C ILE F 34 3.51 -46.46 14.42
N ILE F 35 2.30 -46.14 13.97
CA ILE F 35 1.60 -47.01 13.03
C ILE F 35 2.40 -47.14 11.74
N PHE F 36 2.91 -46.03 11.23
CA PHE F 36 3.69 -46.06 10.01
C PHE F 36 4.93 -46.95 10.17
N ALA F 37 5.63 -46.80 11.31
CA ALA F 37 6.85 -47.57 11.52
C ALA F 37 6.57 -49.06 11.67
N ILE F 38 5.53 -49.42 12.43
CA ILE F 38 5.24 -50.84 12.61
C ILE F 38 4.76 -51.46 11.31
N LEU F 39 3.97 -50.71 10.52
CA LEU F 39 3.54 -51.21 9.22
C LEU F 39 4.71 -51.38 8.28
N LYS F 40 5.65 -50.43 8.29
CA LYS F 40 6.86 -50.56 7.48
C LYS F 40 7.64 -51.80 7.86
N GLN F 41 7.83 -52.03 9.17
CA GLN F 41 8.57 -53.19 9.62
C GLN F 41 7.87 -54.49 9.21
N HIS F 42 6.54 -54.54 9.38
CA HIS F 42 5.80 -55.74 9.02
C HIS F 42 5.86 -56.00 7.52
N ALA F 43 5.74 -54.96 6.70
CA ALA F 43 5.80 -55.14 5.26
C ALA F 43 7.19 -55.58 4.81
N LYS F 44 8.24 -54.98 5.38
CA LYS F 44 9.59 -55.35 5.00
C LYS F 44 9.93 -56.77 5.43
N SER F 45 9.52 -57.16 6.64
CA SER F 45 9.84 -58.47 7.16
C SER F 45 8.87 -59.55 6.70
N GLY F 46 7.56 -59.26 6.74
CA GLY F 46 6.57 -60.25 6.37
C GLY F 46 5.75 -59.87 5.16
N GLU F 47 4.54 -60.39 5.07
CA GLU F 47 3.67 -60.12 3.94
C GLU F 47 3.16 -58.69 3.98
N ASP F 48 2.65 -58.22 2.84
CA ASP F 48 2.10 -56.89 2.74
C ASP F 48 0.71 -56.86 3.37
N ILE F 49 0.57 -56.10 4.46
CA ILE F 49 -0.73 -55.98 5.12
C ILE F 49 -1.71 -55.27 4.18
N PHE F 50 -3.00 -55.48 4.44
CA PHE F 50 -4.05 -54.85 3.66
C PHE F 50 -4.70 -53.75 4.48
N GLY F 51 -4.90 -52.60 3.86
CA GLY F 51 -5.52 -51.47 4.53
C GLY F 51 -6.69 -50.94 3.74
N ASP F 52 -7.66 -50.37 4.46
CA ASP F 52 -8.83 -49.74 3.87
C ASP F 52 -8.85 -48.27 4.28
N GLY F 53 -8.96 -47.38 3.29
CA GLY F 53 -8.89 -45.96 3.57
C GLY F 53 -9.66 -45.15 2.54
N VAL F 54 -10.06 -43.95 2.96
CA VAL F 54 -10.77 -43.02 2.10
C VAL F 54 -9.77 -42.25 1.25
N LEU F 55 -10.01 -42.20 -0.05
CA LEU F 55 -9.04 -41.67 -1.01
C LEU F 55 -9.09 -40.15 -1.02
N GLU F 56 -7.91 -39.54 -1.14
CA GLU F 56 -7.77 -38.10 -1.35
C GLU F 56 -6.81 -37.93 -2.52
N ILE F 57 -7.35 -37.56 -3.67
CA ILE F 57 -6.55 -37.41 -4.89
C ILE F 57 -5.88 -36.05 -4.86
N LEU F 58 -4.55 -36.03 -4.72
CA LEU F 58 -3.81 -34.79 -4.76
C LEU F 58 -3.74 -34.26 -6.20
N GLN F 59 -3.50 -32.96 -6.32
CA GLN F 59 -3.35 -32.36 -7.65
C GLN F 59 -2.16 -32.96 -8.38
N ASP F 60 -1.09 -33.31 -7.66
CA ASP F 60 0.05 -33.96 -8.29
C ASP F 60 -0.33 -35.33 -8.85
N GLY F 61 -1.09 -36.10 -8.09
CA GLY F 61 -1.52 -37.42 -8.55
C GLY F 61 -1.50 -38.46 -7.45
N PHE F 62 -0.68 -38.25 -6.43
CA PHE F 62 -0.60 -39.20 -5.32
C PHE F 62 -1.92 -39.21 -4.56
N GLY F 63 -2.50 -40.40 -4.39
CA GLY F 63 -3.77 -40.51 -3.70
C GLY F 63 -3.66 -41.04 -2.29
N PHE F 64 -3.81 -40.16 -1.29
CA PHE F 64 -3.60 -40.56 0.09
C PHE F 64 -4.87 -41.13 0.71
N LEU F 65 -4.74 -42.32 1.29
CA LEU F 65 -5.85 -42.99 1.97
C LEU F 65 -5.82 -42.53 3.42
N ARG F 66 -6.61 -41.50 3.71
CA ARG F 66 -6.62 -40.90 5.03
C ARG F 66 -7.63 -41.60 5.93
N SER F 67 -7.16 -42.10 7.07
CA SER F 67 -8.01 -42.87 7.97
C SER F 67 -9.10 -41.99 8.56
N ALA F 68 -10.31 -42.54 8.65
CA ALA F 68 -11.45 -41.80 9.19
C ALA F 68 -11.52 -41.83 10.70
N ASP F 69 -10.99 -42.89 11.33
CA ASP F 69 -10.97 -42.93 12.79
C ASP F 69 -10.12 -41.81 13.37
N SER F 70 -9.00 -41.49 12.71
CA SER F 70 -8.17 -40.36 13.08
C SER F 70 -8.70 -39.04 12.56
N SER F 71 -9.97 -39.00 12.16
CA SER F 71 -10.62 -37.79 11.66
C SER F 71 -9.87 -37.21 10.46
N TYR F 72 -9.41 -38.09 9.57
CA TYR F 72 -8.75 -37.68 8.32
C TYR F 72 -7.53 -36.81 8.59
N LEU F 73 -6.71 -37.22 9.55
CA LEU F 73 -5.50 -36.47 9.91
C LEU F 73 -4.36 -36.88 8.99
N ALA F 74 -3.78 -35.91 8.30
CA ALA F 74 -2.66 -36.19 7.41
C ALA F 74 -1.44 -36.58 8.22
N GLY F 75 -0.78 -37.66 7.81
CA GLY F 75 0.38 -38.16 8.52
C GLY F 75 1.13 -39.22 7.76
N PRO F 76 2.20 -39.74 8.38
CA PRO F 76 3.01 -40.78 7.73
C PRO F 76 2.24 -42.06 7.43
N ASP F 77 1.28 -42.44 8.27
CA ASP F 77 0.60 -43.72 8.10
C ASP F 77 -0.34 -43.73 6.90
N ASP F 78 -0.63 -42.58 6.30
CA ASP F 78 -1.50 -42.53 5.13
C ASP F 78 -0.83 -43.23 3.95
N ILE F 79 -1.64 -43.92 3.16
CA ILE F 79 -1.14 -44.75 2.07
C ILE F 79 -1.38 -44.02 0.76
N TYR F 80 -0.29 -43.65 0.09
CA TYR F 80 -0.40 -43.01 -1.22
C TYR F 80 -0.50 -44.07 -2.30
N VAL F 81 -1.41 -43.84 -3.25
CA VAL F 81 -1.62 -44.72 -4.39
C VAL F 81 -1.22 -43.96 -5.65
N SER F 82 -0.57 -44.68 -6.57
CA SER F 82 -0.08 -44.05 -7.79
C SER F 82 -1.24 -43.76 -8.74
N PRO F 83 -1.08 -42.76 -9.61
CA PRO F 83 -2.10 -42.53 -10.65
C PRO F 83 -2.25 -43.71 -11.60
N SER F 84 -1.24 -44.58 -11.70
CA SER F 84 -1.38 -45.78 -12.52
C SER F 84 -2.51 -46.68 -12.01
N GLN F 85 -2.66 -46.77 -10.69
CA GLN F 85 -3.80 -47.51 -10.15
C GLN F 85 -5.11 -46.78 -10.44
N ILE F 86 -5.11 -45.45 -10.39
CA ILE F 86 -6.32 -44.69 -10.68
C ILE F 86 -6.72 -44.85 -12.15
N ARG F 87 -5.76 -45.16 -13.02
CA ARG F 87 -6.07 -45.36 -14.43
C ARG F 87 -6.41 -46.80 -14.77
N ARG F 88 -5.77 -47.76 -14.11
CA ARG F 88 -6.09 -49.17 -14.35
C ARG F 88 -7.46 -49.52 -13.79
N PHE F 89 -7.87 -48.90 -12.69
CA PHE F 89 -9.20 -49.05 -12.13
C PHE F 89 -9.81 -47.66 -11.99
N ASN F 90 -10.98 -47.48 -12.58
CA ASN F 90 -11.62 -46.15 -12.59
C ASN F 90 -11.94 -45.73 -11.16
N LEU F 91 -11.18 -44.78 -10.64
CA LEU F 91 -11.26 -44.38 -9.24
C LEU F 91 -11.50 -42.88 -9.15
N ARG F 92 -12.38 -42.48 -8.24
CA ARG F 92 -12.63 -41.08 -7.92
C ARG F 92 -12.20 -40.81 -6.49
N THR F 93 -11.87 -39.55 -6.21
CA THR F 93 -11.42 -39.18 -4.87
C THR F 93 -12.51 -39.46 -3.83
N GLY F 94 -12.09 -39.88 -2.65
CA GLY F 94 -13.01 -40.34 -1.63
C GLY F 94 -13.28 -41.83 -1.65
N ASP F 95 -12.73 -42.56 -2.62
CA ASP F 95 -13.01 -43.99 -2.73
C ASP F 95 -12.43 -44.76 -1.55
N THR F 96 -13.22 -45.68 -1.02
CA THR F 96 -12.80 -46.55 0.07
C THR F 96 -12.01 -47.70 -0.52
N ILE F 97 -10.70 -47.49 -0.64
CA ILE F 97 -9.81 -48.49 -1.23
C ILE F 97 -9.27 -49.40 -0.13
N SER F 98 -9.47 -50.70 -0.31
CA SER F 98 -8.89 -51.71 0.58
C SER F 98 -8.01 -52.62 -0.26
N GLY F 99 -6.76 -52.76 0.15
CA GLY F 99 -5.83 -53.57 -0.61
C GLY F 99 -4.52 -53.72 0.13
N LYS F 100 -3.73 -54.70 -0.31
CA LYS F 100 -2.40 -54.91 0.25
C LYS F 100 -1.48 -53.76 -0.14
N ILE F 101 -0.61 -53.38 0.79
CA ILE F 101 0.24 -52.21 0.62
C ILE F 101 1.69 -52.63 0.71
N ARG F 102 2.49 -52.26 -0.31
CA ARG F 102 3.92 -52.50 -0.35
C ARG F 102 4.66 -51.34 0.31
N PRO F 103 5.83 -51.60 0.89
CA PRO F 103 6.59 -50.52 1.54
C PRO F 103 6.89 -49.40 0.58
N PRO F 104 6.65 -48.15 0.97
CA PRO F 104 6.88 -47.02 0.07
C PRO F 104 8.36 -46.84 -0.23
N LYS F 105 8.63 -46.30 -1.43
CA LYS F 105 9.99 -46.03 -1.85
C LYS F 105 10.46 -44.69 -1.28
N GLU F 106 11.75 -44.40 -1.50
CA GLU F 106 12.32 -43.16 -1.02
C GLU F 106 11.74 -41.97 -1.77
N GLY F 107 11.50 -40.88 -1.04
CA GLY F 107 10.91 -39.68 -1.59
C GLY F 107 9.40 -39.62 -1.50
N GLU F 108 8.74 -40.72 -1.15
CA GLU F 108 7.29 -40.78 -0.96
C GLU F 108 7.05 -41.45 0.40
N ARG F 109 7.05 -40.65 1.45
CA ARG F 109 6.94 -41.21 2.80
C ARG F 109 5.58 -41.82 3.08
N TYR F 110 4.54 -41.40 2.36
CA TYR F 110 3.25 -42.05 2.47
C TYR F 110 3.32 -43.47 1.95
N PHE F 111 2.57 -44.37 2.59
CA PHE F 111 2.61 -45.77 2.25
C PHE F 111 2.12 -45.98 0.81
N ALA F 112 2.58 -47.06 0.19
CA ALA F 112 2.24 -47.37 -1.19
C ALA F 112 1.36 -48.61 -1.24
N LEU F 113 0.25 -48.53 -1.96
CA LEU F 113 -0.66 -49.66 -2.12
C LEU F 113 -0.25 -50.47 -3.35
N LEU F 114 0.15 -51.72 -3.12
CA LEU F 114 0.61 -52.56 -4.21
C LEU F 114 -0.55 -53.05 -5.07
N LYS F 115 -1.48 -53.79 -4.47
CA LYS F 115 -2.65 -54.30 -5.17
C LYS F 115 -3.89 -54.05 -4.33
N VAL F 116 -4.98 -53.67 -4.98
CA VAL F 116 -6.24 -53.36 -4.32
C VAL F 116 -7.15 -54.58 -4.43
N ASN F 117 -7.69 -55.01 -3.29
CA ASN F 117 -8.61 -56.13 -3.29
C ASN F 117 -10.06 -55.69 -3.47
N GLU F 118 -10.43 -54.51 -2.95
CA GLU F 118 -11.79 -54.03 -3.07
C GLU F 118 -11.80 -52.51 -3.06
N VAL F 119 -12.84 -51.94 -3.65
CA VAL F 119 -13.02 -50.49 -3.67
C VAL F 119 -14.44 -50.20 -3.19
N ASN F 120 -14.55 -49.46 -2.08
CA ASN F 120 -15.83 -49.09 -1.50
C ASN F 120 -16.72 -50.31 -1.27
N PHE F 121 -16.16 -51.30 -0.55
CA PHE F 121 -16.85 -52.54 -0.23
C PHE F 121 -17.31 -53.28 -1.49
N ASP F 122 -16.53 -53.16 -2.57
CA ASP F 122 -16.89 -53.81 -3.83
C ASP F 122 -15.62 -54.01 -4.64
N LYS F 123 -15.72 -54.87 -5.65
CA LYS F 123 -14.58 -55.18 -6.49
C LYS F 123 -14.13 -53.92 -7.25
N PRO F 124 -12.81 -53.67 -7.34
CA PRO F 124 -12.35 -52.52 -8.13
C PRO F 124 -12.78 -52.58 -9.58
N GLU F 125 -12.83 -53.78 -10.16
CA GLU F 125 -13.37 -53.93 -11.52
C GLU F 125 -14.84 -53.53 -11.56
N ASN F 126 -15.61 -53.93 -10.54
CA ASN F 126 -16.98 -53.45 -10.42
C ASN F 126 -17.02 -51.94 -10.20
N ALA F 127 -16.04 -51.40 -9.46
CA ALA F 127 -15.99 -49.95 -9.25
C ALA F 127 -15.72 -49.20 -10.55
N ARG F 128 -15.05 -49.85 -11.51
CA ARG F 128 -14.84 -49.23 -12.81
C ARG F 128 -16.16 -48.96 -13.51
N ASN F 129 -17.10 -49.91 -13.44
CA ASN F 129 -18.41 -49.76 -14.06
C ASN F 129 -19.45 -49.18 -13.10
N LYS F 130 -19.04 -48.78 -11.90
CA LYS F 130 -19.98 -48.23 -10.94
C LYS F 130 -20.61 -46.94 -11.48
N ILE F 131 -21.91 -46.77 -11.21
CA ILE F 131 -22.64 -45.61 -11.71
C ILE F 131 -22.14 -44.36 -11.02
N LEU F 132 -21.87 -43.32 -11.80
CA LEU F 132 -21.41 -42.05 -11.26
C LEU F 132 -22.49 -41.40 -10.41
N PHE F 133 -22.04 -40.62 -9.42
CA PHE F 133 -22.99 -39.96 -8.52
C PHE F 133 -23.88 -38.98 -9.28
N GLU F 134 -23.30 -38.24 -10.23
CA GLU F 134 -24.10 -37.33 -11.04
C GLU F 134 -25.09 -38.08 -11.92
N ASN F 135 -24.73 -39.31 -12.33
CA ASN F 135 -25.64 -40.11 -13.14
C ASN F 135 -26.89 -40.51 -12.36
N LEU F 136 -26.76 -40.65 -11.04
CA LEU F 136 -27.91 -40.99 -10.20
C LEU F 136 -28.87 -39.80 -10.16
N THR F 137 -30.03 -39.96 -10.79
CA THR F 137 -30.98 -38.87 -10.87
C THR F 137 -31.56 -38.56 -9.49
N PRO F 138 -31.76 -37.28 -9.17
CA PRO F 138 -32.37 -36.94 -7.88
C PRO F 138 -33.81 -37.41 -7.81
N LEU F 139 -34.24 -37.74 -6.59
CA LEU F 139 -35.59 -38.22 -6.34
C LEU F 139 -36.10 -37.61 -5.05
N HIS F 140 -37.42 -37.40 -4.99
CA HIS F 140 -38.04 -36.87 -3.79
C HIS F 140 -38.00 -37.90 -2.67
N ALA F 141 -38.20 -37.42 -1.43
CA ALA F 141 -38.08 -38.24 -0.24
C ALA F 141 -39.33 -39.12 -0.06
N ASN F 142 -39.56 -39.99 -1.05
CA ASN F 142 -40.63 -40.96 -0.93
C ASN F 142 -40.28 -42.06 0.07
N SER F 143 -39.06 -42.57 0.00
CA SER F 143 -38.60 -43.57 0.97
C SER F 143 -38.38 -42.92 2.33
N ARG F 144 -38.63 -43.70 3.38
CA ARG F 144 -38.52 -43.20 4.74
C ARG F 144 -37.71 -44.18 5.58
N LEU F 145 -37.02 -43.64 6.58
CA LEU F 145 -36.20 -44.43 7.50
C LEU F 145 -36.76 -44.30 8.91
N ARG F 146 -36.94 -45.43 9.58
CA ARG F 146 -37.39 -45.42 10.97
C ARG F 146 -36.25 -44.94 11.88
N MET F 147 -36.61 -44.20 12.91
CA MET F 147 -35.63 -43.63 13.83
C MET F 147 -35.86 -43.98 15.29
N GLU F 148 -37.10 -44.22 15.71
CA GLU F 148 -37.39 -44.42 17.11
C GLU F 148 -36.79 -45.73 17.62
N ARG F 149 -36.22 -45.68 18.83
CA ARG F 149 -35.65 -46.87 19.43
C ARG F 149 -36.72 -47.92 19.72
N GLY F 150 -37.85 -47.49 20.25
CA GLY F 150 -38.94 -48.40 20.55
C GLY F 150 -38.83 -49.15 21.85
N ASN F 151 -37.85 -48.84 22.69
CA ASN F 151 -37.71 -49.53 23.96
C ASN F 151 -38.76 -49.11 24.98
N GLY F 152 -39.52 -48.05 24.72
CA GLY F 152 -40.58 -47.63 25.61
C GLY F 152 -40.20 -46.67 26.70
N SER F 153 -38.97 -46.17 26.70
CA SER F 153 -38.55 -45.22 27.72
C SER F 153 -39.16 -43.84 27.46
N THR F 154 -39.09 -42.97 28.47
CA THR F 154 -39.60 -41.61 28.32
C THR F 154 -38.78 -40.84 27.29
N GLU F 155 -37.46 -41.07 27.25
CA GLU F 155 -36.65 -40.50 26.20
C GLU F 155 -37.09 -41.01 24.82
N ASP F 156 -37.46 -42.29 24.75
CA ASP F 156 -37.99 -42.83 23.51
C ASP F 156 -39.29 -42.16 23.12
N LEU F 157 -40.16 -41.88 24.10
CA LEU F 157 -41.40 -41.18 23.81
C LEU F 157 -41.13 -39.77 23.29
N THR F 158 -40.17 -39.07 23.90
CA THR F 158 -39.82 -37.74 23.42
C THR F 158 -39.26 -37.80 22.01
N ALA F 159 -38.42 -38.80 21.72
CA ALA F 159 -37.91 -38.96 20.36
C ALA F 159 -39.02 -39.24 19.37
N ARG F 160 -40.00 -40.07 19.75
CA ARG F 160 -41.11 -40.38 18.87
C ARG F 160 -41.97 -39.14 18.60
N VAL F 161 -42.26 -38.35 19.63
CA VAL F 161 -43.06 -37.15 19.39
C VAL F 161 -42.27 -36.11 18.60
N LEU F 162 -40.95 -36.07 18.77
CA LEU F 162 -40.12 -35.21 17.92
C LEU F 162 -40.19 -35.67 16.47
N ASP F 163 -40.17 -36.99 16.24
CA ASP F 163 -40.35 -37.53 14.90
C ASP F 163 -41.71 -37.12 14.33
N LEU F 164 -42.75 -37.17 15.16
CA LEU F 164 -44.06 -36.69 14.72
C LEU F 164 -43.99 -35.22 14.34
N ALA F 165 -43.22 -34.42 15.09
CA ALA F 165 -43.06 -33.02 14.74
C ALA F 165 -42.37 -32.84 13.39
N SER F 166 -41.29 -33.60 13.16
CA SER F 166 -40.53 -33.48 11.91
C SER F 166 -39.83 -34.81 11.63
N PRO F 167 -40.36 -35.60 10.71
CA PRO F 167 -39.67 -36.84 10.32
C PRO F 167 -38.49 -36.57 9.41
N ILE F 168 -37.59 -37.55 9.35
CA ILE F 168 -36.40 -37.49 8.51
C ILE F 168 -36.24 -38.84 7.82
N GLY F 169 -35.99 -38.83 6.52
CA GLY F 169 -35.89 -40.06 5.77
C GLY F 169 -34.95 -40.03 4.59
N ARG F 170 -34.98 -41.09 3.78
CA ARG F 170 -34.11 -41.16 2.61
C ARG F 170 -34.49 -40.09 1.60
N GLY F 171 -33.46 -39.45 1.03
CA GLY F 171 -33.69 -38.42 0.05
C GLY F 171 -34.18 -37.10 0.61
N GLN F 172 -34.11 -36.92 1.93
CA GLN F 172 -34.59 -35.71 2.59
C GLN F 172 -33.43 -34.77 2.84
N ARG F 173 -33.70 -33.47 2.70
CA ARG F 173 -32.72 -32.40 2.87
C ARG F 173 -33.09 -31.52 4.06
N GLY F 174 -33.51 -32.14 5.15
CA GLY F 174 -34.08 -31.39 6.25
C GLY F 174 -33.04 -30.67 7.10
N LEU F 175 -33.52 -29.65 7.81
CA LEU F 175 -32.73 -28.89 8.76
C LEU F 175 -33.42 -28.93 10.12
N ILE F 176 -32.62 -28.94 11.17
CA ILE F 176 -33.12 -28.86 12.54
C ILE F 176 -32.42 -27.69 13.23
N VAL F 177 -33.21 -26.81 13.83
CA VAL F 177 -32.69 -25.68 14.60
C VAL F 177 -33.02 -25.94 16.07
N ALA F 178 -31.99 -26.00 16.90
CA ALA F 178 -32.15 -26.34 18.31
C ALA F 178 -31.44 -25.29 19.16
N PRO F 179 -32.11 -24.74 20.18
CA PRO F 179 -31.51 -23.67 20.99
C PRO F 179 -30.26 -24.16 21.69
N PRO F 180 -29.23 -23.30 21.80
CA PRO F 180 -28.00 -23.71 22.48
C PRO F 180 -28.05 -23.42 23.97
N LYS F 181 -26.93 -23.69 24.66
CA LYS F 181 -26.74 -23.40 26.09
C LYS F 181 -27.69 -24.19 26.97
N ALA F 182 -28.54 -25.04 26.41
CA ALA F 182 -29.54 -25.77 27.18
C ALA F 182 -29.50 -27.27 26.96
N GLY F 183 -28.56 -27.78 26.18
CA GLY F 183 -28.49 -29.22 25.99
C GLY F 183 -29.04 -29.73 24.67
N LYS F 184 -28.67 -29.08 23.56
CA LYS F 184 -28.92 -29.68 22.27
C LYS F 184 -27.97 -30.83 21.98
N THR F 185 -26.81 -30.86 22.65
CA THR F 185 -25.76 -31.80 22.30
C THR F 185 -26.20 -33.25 22.56
N MET F 186 -26.66 -33.55 23.77
CA MET F 186 -27.09 -34.91 24.04
C MET F 186 -28.45 -35.21 23.40
N LEU F 187 -29.23 -34.20 23.04
CA LEU F 187 -30.38 -34.43 22.19
C LEU F 187 -29.96 -35.04 20.86
N LEU F 188 -28.97 -34.41 20.20
CA LEU F 188 -28.43 -34.97 18.97
C LEU F 188 -27.79 -36.33 19.23
N GLN F 189 -27.14 -36.50 20.38
CA GLN F 189 -26.52 -37.77 20.72
C GLN F 189 -27.54 -38.89 20.76
N ASN F 190 -28.65 -38.69 21.49
CA ASN F 190 -29.65 -39.75 21.60
C ASN F 190 -30.38 -39.97 20.29
N ILE F 191 -30.63 -38.90 19.52
CA ILE F 191 -31.23 -39.08 18.21
C ILE F 191 -30.33 -39.92 17.31
N ALA F 192 -29.03 -39.63 17.32
CA ALA F 192 -28.08 -40.41 16.53
C ALA F 192 -28.03 -41.86 16.99
N GLN F 193 -28.05 -42.08 18.30
CA GLN F 193 -28.03 -43.45 18.82
C GLN F 193 -29.26 -44.22 18.36
N SER F 194 -30.44 -43.60 18.45
CA SER F 194 -31.67 -44.27 18.04
C SER F 194 -31.66 -44.58 16.55
N ILE F 195 -31.23 -43.62 15.72
CA ILE F 195 -31.22 -43.84 14.28
C ILE F 195 -30.20 -44.91 13.91
N ALA F 196 -29.01 -44.89 14.55
CA ALA F 196 -28.00 -45.90 14.26
C ALA F 196 -28.47 -47.28 14.66
N TYR F 197 -29.16 -47.39 15.80
CA TYR F 197 -29.73 -48.67 16.19
C TYR F 197 -30.77 -49.14 15.19
N ASN F 198 -31.60 -48.21 14.70
CA ASN F 198 -32.69 -48.59 13.80
C ASN F 198 -32.18 -49.22 12.52
N HIS F 199 -31.15 -48.64 11.91
CA HIS F 199 -30.61 -49.11 10.64
C HIS F 199 -29.11 -49.32 10.75
N PRO F 200 -28.66 -50.51 11.18
CA PRO F 200 -27.22 -50.80 11.14
C PRO F 200 -26.64 -50.75 9.75
N ASP F 201 -27.43 -51.09 8.73
CA ASP F 201 -26.95 -51.03 7.35
C ASP F 201 -26.73 -49.59 6.90
N CYS F 202 -27.70 -48.71 7.17
CA CYS F 202 -27.58 -47.30 6.84
C CYS F 202 -26.65 -46.65 7.86
N VAL F 203 -25.38 -46.49 7.49
CA VAL F 203 -24.38 -46.03 8.46
C VAL F 203 -24.59 -44.55 8.74
N LEU F 204 -24.41 -44.18 10.01
CA LEU F 204 -24.51 -42.80 10.47
C LEU F 204 -23.10 -42.27 10.69
N MET F 205 -22.73 -41.26 9.91
CA MET F 205 -21.38 -40.71 9.93
C MET F 205 -21.44 -39.25 10.34
N VAL F 206 -20.64 -38.90 11.35
CA VAL F 206 -20.77 -37.63 12.07
C VAL F 206 -19.59 -36.73 11.72
N LEU F 207 -19.86 -35.43 11.60
CA LEU F 207 -18.85 -34.42 11.38
C LEU F 207 -19.00 -33.33 12.44
N LEU F 208 -17.91 -33.05 13.16
CA LEU F 208 -17.91 -32.03 14.21
C LEU F 208 -16.75 -31.08 13.95
N ILE F 209 -17.03 -29.77 14.00
CA ILE F 209 -16.06 -28.73 13.71
C ILE F 209 -16.07 -27.71 14.83
N ASP F 210 -14.89 -27.31 15.29
CA ASP F 210 -14.73 -26.26 16.30
C ASP F 210 -15.50 -26.60 17.58
N GLU F 211 -15.10 -27.70 18.20
CA GLU F 211 -15.72 -28.17 19.43
C GLU F 211 -14.62 -28.45 20.45
N ARG F 212 -15.03 -28.61 21.71
CA ARG F 212 -14.08 -28.93 22.76
C ARG F 212 -13.52 -30.34 22.54
N PRO F 213 -12.21 -30.54 22.74
CA PRO F 213 -11.63 -31.87 22.49
C PRO F 213 -12.26 -32.97 23.32
N GLU F 214 -12.60 -32.71 24.58
CA GLU F 214 -13.29 -33.72 25.36
C GLU F 214 -14.71 -33.92 24.85
N GLU F 215 -15.32 -32.89 24.27
CA GLU F 215 -16.65 -33.04 23.67
C GLU F 215 -16.60 -34.00 22.48
N VAL F 216 -15.61 -33.84 21.61
CA VAL F 216 -15.53 -34.75 20.46
C VAL F 216 -15.10 -36.14 20.92
N THR F 217 -14.31 -36.25 21.99
CA THR F 217 -14.01 -37.55 22.55
C THR F 217 -15.28 -38.25 23.03
N GLU F 218 -16.13 -37.52 23.74
CA GLU F 218 -17.42 -38.06 24.16
C GLU F 218 -18.29 -38.43 22.97
N MET F 219 -18.27 -37.60 21.93
CA MET F 219 -19.05 -37.86 20.73
C MET F 219 -18.63 -39.17 20.09
N GLN F 220 -17.32 -39.38 19.93
CA GLN F 220 -16.83 -40.59 19.30
C GLN F 220 -16.95 -41.81 20.21
N ARG F 221 -16.96 -41.62 21.54
CA ARG F 221 -17.16 -42.75 22.43
C ARG F 221 -18.62 -43.19 22.47
N LEU F 222 -19.56 -42.25 22.36
CA LEU F 222 -20.97 -42.61 22.42
C LEU F 222 -21.41 -43.36 21.18
N VAL F 223 -20.96 -42.92 20.01
CA VAL F 223 -21.37 -43.52 18.74
C VAL F 223 -20.39 -44.63 18.39
N LYS F 224 -20.91 -45.83 18.17
CA LYS F 224 -20.07 -46.96 17.80
C LYS F 224 -19.57 -46.88 16.36
N GLY F 225 -20.23 -46.07 15.53
CA GLY F 225 -19.85 -45.96 14.13
C GLY F 225 -18.65 -45.05 13.93
N GLU F 226 -18.32 -44.86 12.65
CA GLU F 226 -17.19 -44.01 12.29
C GLU F 226 -17.56 -42.55 12.48
N VAL F 227 -16.87 -41.88 13.41
CA VAL F 227 -17.12 -40.48 13.73
C VAL F 227 -15.88 -39.68 13.41
N VAL F 228 -16.04 -38.61 12.63
CA VAL F 228 -14.95 -37.73 12.24
C VAL F 228 -15.24 -36.35 12.82
N ALA F 229 -14.30 -35.83 13.61
CA ALA F 229 -14.52 -34.57 14.31
C ALA F 229 -13.26 -33.72 14.25
N SER F 230 -13.45 -32.40 14.31
CA SER F 230 -12.34 -31.46 14.40
C SER F 230 -12.63 -30.48 15.53
N THR F 231 -11.62 -30.23 16.37
CA THR F 231 -11.77 -29.33 17.49
C THR F 231 -11.39 -27.92 17.08
N PHE F 232 -11.47 -26.98 18.03
CA PHE F 232 -11.11 -25.60 17.75
C PHE F 232 -9.60 -25.37 17.70
N ASP F 233 -8.82 -26.31 18.22
CA ASP F 233 -7.35 -26.18 18.16
C ASP F 233 -6.87 -26.17 16.71
N GLU F 234 -7.36 -27.11 15.91
CA GLU F 234 -6.92 -27.24 14.54
C GLU F 234 -7.40 -26.05 13.71
N PRO F 235 -6.60 -25.60 12.74
CA PRO F 235 -6.95 -24.40 11.98
C PRO F 235 -8.12 -24.66 11.04
N ALA F 236 -8.66 -23.56 10.51
CA ALA F 236 -9.78 -23.65 9.59
C ALA F 236 -9.41 -24.40 8.31
N SER F 237 -8.13 -24.44 7.95
CA SER F 237 -7.70 -25.25 6.81
C SER F 237 -7.99 -26.72 7.05
N ARG F 238 -7.76 -27.20 8.26
CA ARG F 238 -8.13 -28.57 8.60
C ARG F 238 -9.64 -28.77 8.48
N HIS F 239 -10.42 -27.76 8.89
CA HIS F 239 -11.87 -27.86 8.79
C HIS F 239 -12.32 -28.00 7.33
N VAL F 240 -11.74 -27.19 6.44
CA VAL F 240 -12.16 -27.25 5.05
C VAL F 240 -11.68 -28.54 4.40
N GLN F 241 -10.47 -29.00 4.75
CA GLN F 241 -9.97 -30.25 4.18
C GLN F 241 -10.83 -31.42 4.65
N VAL F 242 -11.23 -31.42 5.92
CA VAL F 242 -12.05 -32.53 6.42
C VAL F 242 -13.45 -32.46 5.85
N ALA F 243 -13.96 -31.26 5.56
CA ALA F 243 -15.22 -31.15 4.84
C ALA F 243 -15.11 -31.75 3.44
N GLU F 244 -13.98 -31.49 2.77
CA GLU F 244 -13.76 -32.09 1.46
C GLU F 244 -13.72 -33.62 1.54
N MET F 245 -12.99 -34.15 2.54
CA MET F 245 -12.94 -35.60 2.71
C MET F 245 -14.31 -36.18 2.98
N VAL F 246 -15.10 -35.51 3.84
CA VAL F 246 -16.40 -36.05 4.21
C VAL F 246 -17.34 -36.04 3.01
N ILE F 247 -17.29 -34.99 2.19
CA ILE F 247 -18.15 -34.93 1.01
C ILE F 247 -17.72 -35.97 -0.03
N GLU F 248 -16.41 -36.18 -0.19
CA GLU F 248 -15.95 -37.17 -1.15
C GLU F 248 -16.30 -38.58 -0.71
N LYS F 249 -16.17 -38.86 0.59
CA LYS F 249 -16.58 -40.16 1.11
C LYS F 249 -18.07 -40.38 0.93
N ALA F 250 -18.88 -39.34 1.18
CA ALA F 250 -20.32 -39.46 0.96
C ALA F 250 -20.62 -39.75 -0.50
N LYS F 251 -19.96 -39.04 -1.42
CA LYS F 251 -20.20 -39.25 -2.84
C LYS F 251 -19.83 -40.67 -3.25
N ARG F 252 -18.67 -41.15 -2.80
CA ARG F 252 -18.22 -42.47 -3.23
C ARG F 252 -19.03 -43.59 -2.59
N LEU F 253 -19.53 -43.38 -1.36
CA LEU F 253 -20.41 -44.36 -0.75
C LEU F 253 -21.77 -44.40 -1.43
N VAL F 254 -22.27 -43.23 -1.87
CA VAL F 254 -23.52 -43.20 -2.62
C VAL F 254 -23.33 -43.87 -3.98
N GLU F 255 -22.17 -43.68 -4.61
CA GLU F 255 -21.90 -44.29 -5.90
C GLU F 255 -21.91 -45.81 -5.84
N HIS F 256 -21.64 -46.39 -4.68
CA HIS F 256 -21.63 -47.84 -4.51
C HIS F 256 -22.92 -48.37 -3.90
N LYS F 257 -24.01 -47.59 -4.00
CA LYS F 257 -25.34 -48.00 -3.55
C LYS F 257 -25.34 -48.34 -2.06
N LYS F 258 -24.94 -47.37 -1.25
CA LYS F 258 -24.94 -47.50 0.19
C LYS F 258 -25.65 -46.29 0.80
N ASP F 259 -26.23 -46.51 1.98
CA ASP F 259 -26.99 -45.47 2.68
C ASP F 259 -26.11 -44.85 3.77
N VAL F 260 -25.71 -43.60 3.53
CA VAL F 260 -24.91 -42.84 4.47
C VAL F 260 -25.74 -41.67 4.96
N ILE F 261 -25.80 -41.49 6.27
CA ILE F 261 -26.54 -40.38 6.89
C ILE F 261 -25.52 -39.47 7.55
N ILE F 262 -25.42 -38.24 7.04
CA ILE F 262 -24.44 -37.26 7.53
C ILE F 262 -25.06 -36.49 8.68
N LEU F 263 -24.45 -36.58 9.86
CA LEU F 263 -24.82 -35.78 11.01
C LEU F 263 -23.75 -34.71 11.15
N LEU F 264 -24.01 -33.54 10.59
CA LEU F 264 -23.00 -32.52 10.40
C LEU F 264 -23.00 -31.56 11.61
N ASP F 265 -21.93 -30.76 11.69
CA ASP F 265 -21.68 -29.87 12.81
C ASP F 265 -22.61 -28.65 12.67
N SER F 266 -22.34 -27.59 13.43
CA SER F 266 -23.00 -26.33 13.13
C SER F 266 -22.57 -25.86 11.75
N ILE F 267 -23.55 -25.70 10.85
CA ILE F 267 -23.24 -25.32 9.48
C ILE F 267 -22.65 -23.92 9.43
N THR F 268 -23.04 -23.08 10.40
CA THR F 268 -22.45 -21.74 10.50
C THR F 268 -20.95 -21.83 10.75
N ARG F 269 -20.51 -22.85 11.49
CA ARG F 269 -19.07 -23.04 11.68
C ARG F 269 -18.38 -23.39 10.38
N LEU F 270 -19.02 -24.21 9.53
CA LEU F 270 -18.47 -24.49 8.21
C LEU F 270 -18.38 -23.22 7.38
N ALA F 271 -19.42 -22.39 7.43
CA ALA F 271 -19.40 -21.13 6.68
C ALA F 271 -18.29 -20.22 7.17
N ARG F 272 -18.12 -20.12 8.49
CA ARG F 272 -17.05 -19.29 9.05
C ARG F 272 -15.68 -19.80 8.64
N ALA F 273 -15.48 -21.13 8.68
CA ALA F 273 -14.20 -21.69 8.27
C ALA F 273 -13.92 -21.40 6.80
N TYR F 274 -14.93 -21.55 5.95
CA TYR F 274 -14.74 -21.27 4.53
C TYR F 274 -14.44 -19.80 4.30
N ASN F 275 -15.13 -18.90 5.01
CA ASN F 275 -14.86 -17.48 4.87
C ASN F 275 -13.46 -17.12 5.36
N THR F 276 -12.96 -17.84 6.37
CA THR F 276 -11.62 -17.56 6.86
C THR F 276 -10.54 -18.09 5.92
N VAL F 277 -10.78 -19.23 5.28
CA VAL F 277 -9.73 -19.82 4.44
C VAL F 277 -9.67 -19.17 3.06
N VAL F 278 -10.78 -18.62 2.58
CA VAL F 278 -10.81 -18.12 1.19
C VAL F 278 -9.95 -16.86 1.10
N PRO F 279 -9.03 -16.80 0.14
CA PRO F 279 -8.26 -15.56 -0.04
C PRO F 279 -9.12 -14.44 -0.58
N ALA F 280 -8.68 -13.21 -0.33
CA ALA F 280 -9.42 -12.04 -0.77
C ALA F 280 -9.47 -12.01 -2.30
N SER F 281 -10.69 -11.96 -2.85
CA SER F 281 -10.86 -11.97 -4.29
C SER F 281 -10.57 -10.63 -4.93
N GLY F 282 -10.48 -9.55 -4.14
CA GLY F 282 -10.24 -8.23 -4.66
C GLY F 282 -11.48 -7.47 -5.07
N LYS F 283 -12.65 -8.10 -5.04
CA LYS F 283 -13.91 -7.46 -5.39
C LYS F 283 -14.87 -7.59 -4.22
N VAL F 284 -15.48 -6.47 -3.83
CA VAL F 284 -16.41 -6.41 -2.71
C VAL F 284 -17.81 -6.21 -3.24
N LEU F 285 -18.71 -7.12 -2.89
CA LEU F 285 -20.10 -7.04 -3.29
C LEU F 285 -20.87 -6.12 -2.33
N THR F 286 -22.17 -5.99 -2.58
CA THR F 286 -23.00 -5.16 -1.72
C THR F 286 -23.21 -5.84 -0.37
N GLY F 287 -22.88 -5.12 0.71
CA GLY F 287 -23.00 -5.66 2.04
C GLY F 287 -21.85 -6.55 2.48
N GLY F 288 -20.82 -6.71 1.66
CA GLY F 288 -19.70 -7.56 2.01
C GLY F 288 -20.05 -9.04 2.08
N VAL F 289 -20.92 -9.51 1.19
CA VAL F 289 -21.31 -10.92 1.13
C VAL F 289 -20.99 -11.44 -0.26
N ASP F 290 -20.24 -12.53 -0.32
CA ASP F 290 -19.83 -13.14 -1.57
C ASP F 290 -20.80 -14.24 -1.98
N ALA F 291 -21.14 -14.28 -3.27
CA ALA F 291 -22.07 -15.29 -3.75
C ALA F 291 -21.54 -16.69 -3.57
N ASN F 292 -20.25 -16.91 -3.88
CA ASN F 292 -19.68 -18.25 -3.78
C ASN F 292 -19.43 -18.64 -2.32
N ALA F 293 -18.92 -17.71 -1.52
CA ALA F 293 -18.71 -17.99 -0.11
C ALA F 293 -20.02 -18.29 0.62
N LEU F 294 -21.12 -17.71 0.16
CA LEU F 294 -22.43 -18.05 0.67
C LEU F 294 -22.96 -19.36 0.09
N HIS F 295 -22.60 -19.66 -1.17
CA HIS F 295 -23.16 -20.79 -1.89
C HIS F 295 -22.54 -22.11 -1.46
N ARG F 296 -21.27 -22.11 -1.06
CA ARG F 296 -20.62 -23.37 -0.69
C ARG F 296 -21.33 -24.06 0.46
N PRO F 297 -21.72 -23.39 1.55
CA PRO F 297 -22.60 -24.05 2.52
C PRO F 297 -23.89 -24.54 1.90
N LYS F 298 -24.43 -23.80 0.93
CA LYS F 298 -25.65 -24.24 0.27
C LYS F 298 -25.44 -25.53 -0.51
N ARG F 299 -24.32 -25.68 -1.21
CA ARG F 299 -24.16 -26.93 -1.97
C ARG F 299 -23.80 -28.09 -1.04
N PHE F 300 -23.16 -27.81 0.10
CA PHE F 300 -23.00 -28.87 1.10
C PHE F 300 -24.35 -29.31 1.65
N PHE F 301 -25.25 -28.36 1.89
CA PHE F 301 -26.60 -28.71 2.31
C PHE F 301 -27.35 -29.50 1.23
N GLY F 302 -27.27 -29.05 -0.02
CA GLY F 302 -28.05 -29.60 -1.11
C GLY F 302 -27.41 -30.76 -1.84
N ALA F 303 -26.24 -31.23 -1.41
CA ALA F 303 -25.60 -32.37 -2.06
C ALA F 303 -26.40 -33.66 -1.86
N ALA F 304 -27.34 -33.69 -0.91
CA ALA F 304 -28.11 -34.90 -0.66
C ALA F 304 -29.05 -35.20 -1.83
N ARG F 305 -29.25 -36.48 -2.10
CA ARG F 305 -30.16 -36.92 -3.15
C ARG F 305 -30.63 -38.32 -2.82
N ASN F 306 -31.73 -38.72 -3.46
CA ASN F 306 -32.30 -40.05 -3.30
C ASN F 306 -31.89 -40.92 -4.48
N VAL F 307 -31.32 -42.08 -4.19
CA VAL F 307 -30.82 -42.99 -5.21
C VAL F 307 -31.82 -44.14 -5.38
N GLU F 308 -32.43 -44.22 -6.55
CA GLU F 308 -33.33 -45.32 -6.85
C GLU F 308 -32.56 -46.63 -7.08
N GLU F 309 -31.36 -46.54 -7.62
CA GLU F 309 -30.56 -47.73 -7.88
C GLU F 309 -30.17 -48.43 -6.58
N GLY F 310 -29.80 -47.65 -5.56
CA GLY F 310 -29.41 -48.23 -4.28
C GLY F 310 -28.86 -47.21 -3.31
N GLY F 311 -29.25 -47.32 -2.05
CA GLY F 311 -28.80 -46.39 -1.04
C GLY F 311 -29.50 -45.05 -1.15
N SER F 312 -29.09 -44.13 -0.28
CA SER F 312 -29.65 -42.78 -0.28
C SER F 312 -28.69 -41.86 0.45
N LEU F 313 -28.86 -40.56 0.21
CA LEU F 313 -28.08 -39.52 0.88
C LEU F 313 -29.02 -38.71 1.76
N THR F 314 -28.71 -38.64 3.05
CA THR F 314 -29.56 -37.96 4.02
C THR F 314 -28.70 -37.01 4.84
N ILE F 315 -29.16 -35.77 4.98
CA ILE F 315 -28.41 -34.73 5.69
C ILE F 315 -29.30 -34.17 6.80
N ILE F 316 -28.75 -34.13 8.01
CA ILE F 316 -29.38 -33.47 9.15
C ILE F 316 -28.37 -32.50 9.73
N ALA F 317 -28.72 -31.21 9.76
CA ALA F 317 -27.76 -30.18 10.12
C ALA F 317 -28.39 -29.17 11.08
N THR F 318 -27.53 -28.53 11.86
CA THR F 318 -27.90 -27.47 12.80
C THR F 318 -26.93 -26.32 12.60
N ALA F 319 -27.33 -25.12 13.01
CA ALA F 319 -26.49 -23.95 12.88
C ALA F 319 -26.18 -23.33 14.24
N LEU F 320 -25.19 -22.43 14.26
CA LEU F 320 -24.91 -21.64 15.46
C LEU F 320 -26.07 -20.68 15.70
N ILE F 321 -26.57 -20.68 16.94
CA ILE F 321 -27.67 -19.81 17.34
C ILE F 321 -27.28 -19.13 18.65
N ASP F 322 -27.84 -17.94 18.87
CA ASP F 322 -27.65 -17.19 20.11
C ASP F 322 -26.16 -17.00 20.42
N THR F 323 -25.37 -16.75 19.37
CA THR F 323 -23.93 -16.61 19.53
C THR F 323 -23.49 -15.19 19.84
N GLY F 324 -24.41 -14.22 19.80
CA GLY F 324 -24.06 -12.84 20.06
C GLY F 324 -23.39 -12.13 18.90
N SER F 325 -23.27 -12.77 17.74
CA SER F 325 -22.64 -12.19 16.56
C SER F 325 -23.70 -11.89 15.52
N LYS F 326 -23.66 -10.68 14.95
CA LYS F 326 -24.66 -10.29 13.97
C LYS F 326 -24.52 -11.10 12.68
N MET F 327 -23.29 -11.37 12.26
CA MET F 327 -23.10 -12.10 11.00
C MET F 327 -23.61 -13.53 11.10
N ASP F 328 -23.53 -14.15 12.27
CA ASP F 328 -24.17 -15.45 12.46
C ASP F 328 -25.68 -15.33 12.29
N GLU F 329 -26.26 -14.24 12.79
CA GLU F 329 -27.70 -14.03 12.64
C GLU F 329 -28.07 -13.83 11.18
N VAL F 330 -27.25 -13.12 10.41
CA VAL F 330 -27.57 -12.94 8.99
C VAL F 330 -27.38 -14.24 8.22
N ILE F 331 -26.43 -15.08 8.64
CA ILE F 331 -26.29 -16.40 8.02
C ILE F 331 -27.54 -17.24 8.30
N TYR F 332 -28.04 -17.19 9.55
CA TYR F 332 -29.27 -17.89 9.87
C TYR F 332 -30.45 -17.35 9.08
N GLU F 333 -30.52 -16.03 8.91
CA GLU F 333 -31.55 -15.41 8.07
C GLU F 333 -31.47 -15.94 6.64
N GLU F 334 -30.26 -16.07 6.11
CA GLU F 334 -30.07 -16.68 4.80
C GLU F 334 -30.59 -18.10 4.77
N PHE F 335 -30.31 -18.87 5.82
CA PHE F 335 -30.48 -20.32 5.79
C PHE F 335 -31.92 -20.79 5.97
N LYS F 336 -32.84 -19.95 6.44
CA LYS F 336 -34.19 -20.45 6.70
C LYS F 336 -34.96 -20.67 5.40
N GLY F 337 -34.85 -19.75 4.44
CA GLY F 337 -35.64 -19.84 3.23
C GLY F 337 -35.19 -20.95 2.30
N THR F 338 -33.94 -21.39 2.43
CA THR F 338 -33.41 -22.40 1.52
C THR F 338 -33.76 -23.82 1.95
N GLY F 339 -34.14 -24.01 3.22
CA GLY F 339 -34.54 -25.32 3.68
C GLY F 339 -35.95 -25.63 3.25
N ASN F 340 -36.17 -26.87 2.79
CA ASN F 340 -37.51 -27.29 2.40
C ASN F 340 -38.46 -27.26 3.59
N MET F 341 -38.00 -27.71 4.75
CA MET F 341 -38.71 -27.54 6.00
C MET F 341 -37.70 -27.25 7.10
N GLU F 342 -38.19 -26.69 8.21
CA GLU F 342 -37.31 -26.31 9.30
C GLU F 342 -38.12 -26.23 10.59
N LEU F 343 -37.40 -26.22 11.71
CA LEU F 343 -38.02 -26.17 13.04
C LEU F 343 -37.21 -25.18 13.89
N HIS F 344 -37.62 -23.92 13.85
CA HIS F 344 -37.00 -22.87 14.65
C HIS F 344 -37.75 -22.74 15.96
N LEU F 345 -37.02 -22.79 17.07
CA LEU F 345 -37.60 -22.91 18.40
C LEU F 345 -37.19 -21.72 19.27
N SER F 346 -37.69 -21.71 20.50
CA SER F 346 -37.48 -20.64 21.46
C SER F 346 -36.59 -21.12 22.61
N ARG F 347 -36.19 -20.16 23.45
CA ARG F 347 -35.27 -20.40 24.54
C ARG F 347 -35.92 -20.37 25.92
N LYS F 348 -37.17 -19.90 26.02
CA LYS F 348 -37.80 -19.73 27.32
C LYS F 348 -38.04 -21.06 28.01
N ILE F 349 -38.62 -22.03 27.29
CA ILE F 349 -38.85 -23.34 27.88
C ILE F 349 -37.54 -24.05 28.16
N ALA F 350 -36.51 -23.80 27.36
CA ALA F 350 -35.19 -24.34 27.64
C ALA F 350 -34.64 -23.80 28.95
N GLU F 351 -34.84 -22.50 29.21
CA GLU F 351 -34.39 -21.92 30.47
C GLU F 351 -35.13 -22.52 31.65
N LYS F 352 -36.41 -22.82 31.47
CA LYS F 352 -37.23 -23.43 32.52
C LYS F 352 -36.95 -24.92 32.71
N ARG F 353 -35.96 -25.46 32.02
CA ARG F 353 -35.45 -26.82 32.14
C ARG F 353 -36.43 -27.88 31.65
N VAL F 354 -37.64 -27.50 31.26
CA VAL F 354 -38.59 -28.46 30.69
C VAL F 354 -38.14 -28.79 29.27
N PHE F 355 -38.00 -30.08 28.98
CA PHE F 355 -37.45 -30.50 27.70
C PHE F 355 -38.47 -31.29 26.89
N PRO F 356 -38.40 -31.21 25.56
CA PRO F 356 -37.47 -30.49 24.69
C PRO F 356 -37.77 -29.00 24.60
N ALA F 357 -36.82 -28.19 24.12
CA ALA F 357 -37.06 -26.77 23.89
C ALA F 357 -37.74 -26.59 22.52
N ILE F 358 -38.83 -27.32 22.33
CA ILE F 358 -39.53 -27.37 21.06
C ILE F 358 -40.94 -26.84 21.26
N ASP F 359 -41.35 -25.89 20.42
CA ASP F 359 -42.71 -25.37 20.41
C ASP F 359 -43.56 -26.16 19.41
N TYR F 360 -44.18 -27.23 19.89
CA TYR F 360 -44.94 -28.12 19.01
C TYR F 360 -46.12 -27.41 18.37
N ASN F 361 -46.74 -26.46 19.08
CA ASN F 361 -47.82 -25.69 18.49
C ASN F 361 -47.33 -24.87 17.30
N ARG F 362 -46.18 -24.21 17.44
CA ARG F 362 -45.59 -23.48 16.33
C ARG F 362 -44.85 -24.40 15.37
N SER F 363 -44.52 -25.61 15.79
CA SER F 363 -43.78 -26.54 14.93
C SER F 363 -44.59 -26.86 13.67
N GLY F 364 -43.92 -26.78 12.52
CA GLY F 364 -44.56 -27.08 11.26
C GLY F 364 -43.59 -27.65 10.25
N THR F 365 -43.96 -28.76 9.62
CA THR F 365 -43.12 -29.45 8.66
C THR F 365 -43.74 -29.38 7.28
N ARG F 366 -42.98 -28.90 6.30
CA ARG F 366 -43.44 -28.84 4.92
C ARG F 366 -43.17 -30.16 4.22
N LYS F 367 -43.96 -30.44 3.19
CA LYS F 367 -43.89 -31.69 2.45
C LYS F 367 -44.03 -32.89 3.37
N GLU F 368 -44.93 -32.77 4.35
CA GLU F 368 -45.16 -33.85 5.31
C GLU F 368 -45.90 -35.03 4.71
N GLU F 369 -46.51 -34.87 3.54
CA GLU F 369 -47.23 -35.97 2.91
C GLU F 369 -46.28 -37.09 2.49
N LEU F 370 -45.05 -36.75 2.11
CA LEU F 370 -44.06 -37.76 1.74
C LEU F 370 -43.30 -38.29 2.94
N LEU F 371 -43.08 -37.47 3.97
CA LEU F 371 -42.36 -37.90 5.15
C LEU F 371 -43.19 -38.81 6.05
N THR F 372 -44.51 -38.67 6.03
CA THR F 372 -45.39 -39.45 6.90
C THR F 372 -46.55 -40.00 6.09
N THR F 373 -47.09 -41.12 6.55
CA THR F 373 -48.24 -41.72 5.88
C THR F 373 -49.47 -40.82 6.04
N GLN F 374 -50.38 -40.94 5.08
CA GLN F 374 -51.51 -40.01 5.01
C GLN F 374 -52.40 -40.13 6.24
N GLU F 375 -52.73 -41.35 6.65
CA GLU F 375 -53.59 -41.52 7.82
C GLU F 375 -52.90 -41.05 9.09
N GLU F 376 -51.61 -41.35 9.24
CA GLU F 376 -50.88 -40.85 10.40
C GLU F 376 -50.78 -39.33 10.37
N LEU F 377 -50.52 -38.76 9.19
CA LEU F 377 -50.46 -37.31 9.06
C LEU F 377 -51.79 -36.67 9.48
N GLN F 378 -52.90 -37.24 9.05
CA GLN F 378 -54.21 -36.79 9.52
C GLN F 378 -54.33 -36.97 11.02
N LYS F 379 -53.69 -38.00 11.58
CA LYS F 379 -53.74 -38.20 13.03
C LYS F 379 -53.08 -37.04 13.77
N MET F 380 -51.86 -36.67 13.40
CA MET F 380 -51.26 -35.53 14.10
C MET F 380 -51.97 -34.23 13.75
N TRP F 381 -52.57 -34.14 12.56
CA TRP F 381 -53.33 -32.94 12.22
C TRP F 381 -54.53 -32.76 13.14
N ILE F 382 -55.30 -33.83 13.34
CA ILE F 382 -56.45 -33.73 14.23
C ILE F 382 -55.99 -33.58 15.69
N LEU F 383 -54.86 -34.16 16.05
CA LEU F 383 -54.33 -33.93 17.39
C LEU F 383 -53.98 -32.46 17.61
N ARG F 384 -53.35 -31.83 16.62
CA ARG F 384 -53.03 -30.41 16.73
C ARG F 384 -54.31 -29.56 16.76
N LYS F 385 -55.31 -29.94 15.95
CA LYS F 385 -56.57 -29.21 15.96
C LYS F 385 -57.28 -29.33 17.31
N ILE F 386 -57.18 -30.48 17.96
CA ILE F 386 -57.74 -30.63 19.30
C ILE F 386 -56.94 -29.83 20.31
N ILE F 387 -55.61 -29.79 20.16
CA ILE F 387 -54.77 -29.07 21.11
C ILE F 387 -55.02 -27.56 21.01
N HIS F 388 -55.29 -27.06 19.80
CA HIS F 388 -55.36 -25.62 19.57
C HIS F 388 -56.30 -24.87 20.52
N PRO F 389 -57.55 -25.30 20.74
CA PRO F 389 -58.39 -24.57 21.71
C PRO F 389 -57.89 -24.67 23.14
N MET F 390 -57.28 -25.79 23.52
CA MET F 390 -56.83 -25.99 24.88
C MET F 390 -55.44 -25.40 25.09
N GLY F 391 -55.01 -25.36 26.35
CA GLY F 391 -53.68 -24.87 26.66
C GLY F 391 -52.59 -25.82 26.22
N GLU F 392 -51.41 -25.25 26.00
CA GLU F 392 -50.28 -26.06 25.53
C GLU F 392 -49.77 -26.97 26.64
N ILE F 393 -49.62 -26.45 27.86
CA ILE F 393 -49.07 -27.23 28.95
C ILE F 393 -50.02 -28.38 29.31
N ASP F 394 -51.32 -28.10 29.37
CA ASP F 394 -52.29 -29.14 29.67
C ASP F 394 -52.29 -30.22 28.59
N ALA F 395 -52.19 -29.83 27.32
CA ALA F 395 -52.13 -30.80 26.24
C ALA F 395 -50.87 -31.66 26.34
N MET F 396 -49.73 -31.04 26.65
CA MET F 396 -48.49 -31.80 26.82
C MET F 396 -48.61 -32.79 27.96
N GLU F 397 -49.18 -32.36 29.09
CA GLU F 397 -49.33 -33.26 30.23
C GLU F 397 -50.27 -34.42 29.90
N PHE F 398 -51.37 -34.14 29.19
CA PHE F 398 -52.30 -35.19 28.81
C PHE F 398 -51.65 -36.19 27.86
N LEU F 399 -50.87 -35.69 26.88
CA LEU F 399 -50.19 -36.58 25.95
C LEU F 399 -49.15 -37.43 26.67
N ILE F 400 -48.41 -36.83 27.61
CA ILE F 400 -47.41 -37.57 28.37
C ILE F 400 -48.09 -38.66 29.20
N ASN F 401 -49.21 -38.33 29.84
CA ASN F 401 -49.93 -39.32 30.63
C ASN F 401 -50.45 -40.45 29.77
N LYS F 402 -50.98 -40.13 28.58
CA LYS F 402 -51.56 -41.14 27.70
C LYS F 402 -50.51 -41.97 26.97
N LEU F 403 -49.28 -41.48 26.83
CA LEU F 403 -48.24 -42.22 26.12
C LEU F 403 -47.20 -42.83 27.04
N ALA F 404 -47.19 -42.49 28.33
CA ALA F 404 -46.17 -43.02 29.24
C ALA F 404 -46.33 -44.52 29.43
N MET F 405 -47.58 -45.00 29.51
CA MET F 405 -47.85 -46.41 29.78
C MET F 405 -47.93 -47.23 28.50
N THR F 406 -47.65 -46.64 27.35
CA THR F 406 -47.69 -47.33 26.06
C THR F 406 -46.26 -47.62 25.61
N LYS F 407 -46.00 -48.87 25.24
CA LYS F 407 -44.67 -49.25 24.78
C LYS F 407 -44.31 -48.53 23.48
N THR F 408 -45.25 -48.40 22.56
CA THR F 408 -45.02 -47.74 21.29
C THR F 408 -46.28 -46.98 20.90
N ASN F 409 -46.29 -46.41 19.69
CA ASN F 409 -47.45 -45.68 19.20
C ASN F 409 -48.53 -46.60 18.64
N ASP F 410 -48.28 -47.91 18.56
CA ASP F 410 -49.29 -48.83 18.05
C ASP F 410 -50.53 -48.83 18.93
N ASP F 411 -50.35 -48.93 20.25
CA ASP F 411 -51.49 -48.90 21.15
C ASP F 411 -52.17 -47.54 21.14
N PHE F 412 -51.39 -46.46 21.03
CA PHE F 412 -51.97 -45.12 20.97
C PHE F 412 -52.87 -44.97 19.75
N PHE F 413 -52.41 -45.44 18.59
CA PHE F 413 -53.23 -45.35 17.39
C PHE F 413 -54.41 -46.31 17.42
N GLU F 414 -54.23 -47.48 18.06
CA GLU F 414 -55.33 -48.44 18.15
C GLU F 414 -56.46 -47.89 19.02
N MET F 415 -56.12 -47.30 20.17
CA MET F 415 -57.15 -46.73 21.04
C MET F 415 -57.65 -45.39 20.52
N MET F 416 -56.89 -44.70 19.67
CA MET F 416 -57.38 -43.48 19.05
C MET F 416 -58.37 -43.81 17.93
N LYS F 417 -58.12 -44.88 17.18
CA LYS F 417 -59.00 -45.31 16.09
C LYS F 417 -60.09 -46.21 16.68
N ARG F 418 -61.11 -45.57 17.25
CA ARG F 418 -62.22 -46.29 17.85
C ARG F 418 -63.41 -46.33 16.90
#